data_3ZBN
#
_entry.id   3ZBN
#
_cell.length_a   79.260
_cell.length_b   89.830
_cell.length_c   126.240
_cell.angle_alpha   90.00
_cell.angle_beta   105.80
_cell.angle_gamma   90.00
#
_symmetry.space_group_name_H-M   'P 1 21 1'
#
loop_
_entity.id
_entity.type
_entity.pdbx_description
1 polymer '3-KETOACYL-COA THIOLASE-LIKE PROTEIN'
2 non-polymer 'COENZYME A'
3 water water
#
_entity_poly.entity_id   1
_entity_poly.type   'polypeptide(L)'
_entity_poly.pdbx_seq_one_letter_code
;HHHHHHSSGLVPRGSHMFRSSLTHLQAASRVFIVGGHITPFVGKGSPLFIDKKHPDFGKKKNMTLEEILATTVQGTMEHS
GLSGREGIVDQVVVGNFLGELFSSQGHLGPAAIGSLTYGQAGSKNPLMYKPAMRVEGAAASGGLAVISAMNALKSGSADI
TLAVGVEVQTTASARVGGDYLARAADYQRQRQLDDFTFPCLFAKRMKYIAEHNHFTMEDTARVAAKAYANGNKNPLAHMH
TRKLTFEQCNGEDPSNVKFLGNETYKEYLRMTDCSQVSDGGAGVVLANEEGLRKMGLSPNDSRLVEIKSIACAVSNLYED
PDDACCMFTSRQAAQKALSMANIKPSDLNVAEVHDCFTIAEMLMYEALGIAEYGHAKDLIRNGDTTLEGRIPVNTGGGLL
SFGHPVGATGIKQIMEVYRQMKGQCEAYQMKKIPALGATLNMGGDDKTAVSAVLQNI
;
_entity_poly.pdbx_strand_id   A,B,C,D
#
loop_
_chem_comp.id
_chem_comp.type
_chem_comp.name
_chem_comp.formula
COA non-polymer 'COENZYME A' 'C21 H36 N7 O16 P3 S'
#
# COMPACT_ATOMS: atom_id res chain seq x y z
N ALA A 28 20.25 12.85 15.47
CA ALA A 28 19.75 11.70 16.31
C ALA A 28 18.31 11.95 16.87
N SER A 29 17.48 10.91 16.87
CA SER A 29 16.02 11.10 16.82
C SER A 29 15.31 10.98 18.18
N ARG A 30 14.44 11.91 18.52
CA ARG A 30 14.04 12.07 19.96
C ARG A 30 13.15 11.12 20.85
N VAL A 31 12.07 10.56 20.39
CA VAL A 31 11.23 9.68 21.25
C VAL A 31 10.45 10.17 22.51
N PHE A 32 9.12 10.10 22.36
CA PHE A 32 8.16 10.66 23.28
C PHE A 32 7.10 9.67 23.70
N ILE A 33 6.75 9.68 24.98
CA ILE A 33 5.60 8.95 25.48
C ILE A 33 4.41 9.88 25.27
N VAL A 34 3.46 9.43 24.45
CA VAL A 34 2.30 10.24 24.07
C VAL A 34 1.17 9.94 25.04
N GLY A 35 1.11 8.70 25.51
CA GLY A 35 0.10 8.27 26.49
C GLY A 35 0.18 6.78 26.74
N GLY A 36 -0.63 6.29 27.66
CA GLY A 36 -0.68 4.87 27.96
C GLY A 36 -1.82 4.48 28.87
N HIS A 37 -1.73 3.26 29.40
CA HIS A 37 -2.82 2.69 30.16
C HIS A 37 -2.36 1.52 30.98
N ILE A 38 -2.80 1.48 32.24
CA ILE A 38 -2.54 0.38 33.14
C ILE A 38 -3.88 -0.16 33.62
N THR A 39 -4.12 -1.44 33.47
CA THR A 39 -5.34 -2.04 33.94
C THR A 39 -5.25 -2.14 35.44
N PRO A 40 -6.38 -2.35 36.10
CA PRO A 40 -6.30 -2.88 37.47
C PRO A 40 -5.45 -4.16 37.49
N PHE A 41 -4.73 -4.40 38.58
CA PHE A 41 -3.94 -5.62 38.67
C PHE A 41 -4.66 -6.47 39.68
N VAL A 42 -4.98 -7.71 39.31
CA VAL A 42 -5.92 -8.51 40.09
C VAL A 42 -5.39 -9.91 40.42
N GLY A 43 -5.76 -10.41 41.60
CA GLY A 43 -5.42 -11.78 42.02
C GLY A 43 -5.95 -12.03 43.43
N LYS A 44 -5.54 -13.13 44.06
CA LYS A 44 -6.01 -13.48 45.41
C LYS A 44 -5.78 -12.28 46.34
N GLY A 45 -6.82 -11.88 47.07
CA GLY A 45 -6.74 -10.74 47.96
C GLY A 45 -7.39 -9.48 47.41
N SER A 46 -7.57 -9.39 46.10
CA SER A 46 -8.22 -8.23 45.48
C SER A 46 -9.72 -8.48 45.49
N PRO A 47 -10.51 -7.44 45.81
CA PRO A 47 -11.98 -7.56 45.69
C PRO A 47 -12.44 -7.72 44.25
N LEU A 48 -11.61 -7.33 43.28
CA LEU A 48 -11.94 -7.52 41.86
C LEU A 48 -11.72 -8.96 41.39
N PHE A 49 -11.00 -9.74 42.19
CA PHE A 49 -10.69 -11.11 41.83
C PHE A 49 -11.81 -12.04 42.26
N ILE A 50 -12.28 -12.85 41.30
CA ILE A 50 -13.42 -13.72 41.51
C ILE A 50 -12.96 -15.09 41.99
N ASP A 51 -13.23 -15.38 43.25
CA ASP A 51 -12.88 -16.67 43.84
C ASP A 51 -14.09 -17.17 44.62
N LYS A 52 -13.95 -18.31 45.29
CA LYS A 52 -15.05 -18.93 46.07
C LYS A 52 -15.85 -17.93 46.90
N LYS A 53 -15.16 -16.96 47.47
CA LYS A 53 -15.79 -15.98 48.34
C LYS A 53 -16.46 -14.84 47.61
N HIS A 54 -16.28 -14.73 46.31
CA HIS A 54 -16.73 -13.53 45.60
C HIS A 54 -18.20 -13.66 45.27
N PRO A 55 -18.99 -12.57 45.47
CA PRO A 55 -20.41 -12.52 45.10
C PRO A 55 -20.73 -13.21 43.78
N ASP A 56 -19.94 -12.98 42.74
CA ASP A 56 -20.20 -13.53 41.43
C ASP A 56 -19.51 -14.85 41.14
N PHE A 57 -19.00 -15.51 42.18
CA PHE A 57 -18.37 -16.81 41.96
C PHE A 57 -19.32 -17.74 41.23
N GLY A 58 -18.78 -18.56 40.32
CA GLY A 58 -19.60 -19.50 39.54
C GLY A 58 -20.45 -18.84 38.47
N LYS A 59 -20.74 -17.54 38.59
CA LYS A 59 -21.60 -16.82 37.66
C LYS A 59 -20.79 -16.05 36.62
N LYS A 60 -19.77 -15.30 37.08
CA LYS A 60 -18.89 -14.54 36.16
C LYS A 60 -17.43 -14.93 36.37
N LYS A 61 -16.62 -14.67 35.33
CA LYS A 61 -15.22 -15.08 35.30
C LYS A 61 -14.25 -13.90 35.27
N ASN A 62 -13.01 -14.14 35.75
CA ASN A 62 -11.91 -13.19 35.58
C ASN A 62 -11.50 -13.11 34.12
N MET A 63 -10.94 -11.99 33.73
CA MET A 63 -10.52 -11.80 32.35
C MET A 63 -9.48 -12.85 31.92
N THR A 64 -9.55 -13.28 30.68
CA THR A 64 -8.54 -14.09 30.04
C THR A 64 -7.41 -13.20 29.52
N LEU A 65 -6.34 -13.86 29.08
CA LEU A 65 -5.20 -13.16 28.51
C LEU A 65 -5.62 -12.34 27.31
N GLU A 66 -6.46 -12.95 26.48
CA GLU A 66 -6.98 -12.28 25.29
C GLU A 66 -7.74 -11.04 25.70
N GLU A 67 -8.51 -11.16 26.77
CA GLU A 67 -9.35 -10.07 27.23
C GLU A 67 -8.53 -8.93 27.81
N ILE A 68 -7.55 -9.27 28.63
CA ILE A 68 -6.65 -8.29 29.17
C ILE A 68 -5.92 -7.54 28.07
N LEU A 69 -5.47 -8.29 27.05
CA LEU A 69 -4.73 -7.71 25.97
C LEU A 69 -5.62 -6.78 25.20
N ALA A 70 -6.90 -7.17 25.02
CA ALA A 70 -7.86 -6.28 24.38
C ALA A 70 -8.13 -5.01 25.19
N THR A 71 -8.39 -5.13 26.49
CA THR A 71 -8.59 -3.92 27.31
C THR A 71 -7.40 -2.98 27.29
N THR A 72 -6.18 -3.55 27.26
CA THR A 72 -4.97 -2.77 27.34
C THR A 72 -4.66 -2.10 26.02
N VAL A 73 -4.81 -2.81 24.92
CA VAL A 73 -4.59 -2.18 23.65
C VAL A 73 -5.59 -1.06 23.48
N GLN A 74 -6.86 -1.31 23.79
CA GLN A 74 -7.89 -0.28 23.59
C GLN A 74 -7.76 0.88 24.57
N GLY A 75 -7.43 0.59 25.82
CA GLY A 75 -7.20 1.63 26.80
C GLY A 75 -6.08 2.55 26.33
N THR A 76 -5.02 1.96 25.80
CA THR A 76 -3.84 2.73 25.44
C THR A 76 -4.09 3.60 24.23
N MET A 77 -4.91 3.12 23.30
CA MET A 77 -5.25 3.93 22.14
C MET A 77 -6.10 5.09 22.61
N GLU A 78 -7.08 4.81 23.46
CA GLU A 78 -8.03 5.82 23.93
C GLU A 78 -7.29 6.95 24.62
N HIS A 79 -6.50 6.63 25.63
CA HIS A 79 -5.81 7.64 26.43
C HIS A 79 -4.76 8.41 25.66
N SER A 80 -4.33 7.87 24.53
CA SER A 80 -3.33 8.53 23.69
C SER A 80 -3.94 9.38 22.56
N GLY A 81 -5.27 9.43 22.49
CA GLY A 81 -5.96 10.24 21.48
C GLY A 81 -5.97 9.61 20.10
N LEU A 82 -5.93 8.28 20.04
CA LEU A 82 -5.86 7.60 18.74
C LEU A 82 -7.15 6.88 18.36
N SER A 83 -8.15 6.92 19.24
CA SER A 83 -9.44 6.31 18.90
C SER A 83 -9.91 6.94 17.61
N GLY A 84 -10.17 6.08 16.62
CA GLY A 84 -10.73 6.53 15.35
C GLY A 84 -9.66 6.82 14.33
N ARG A 85 -8.40 6.77 14.74
CA ARG A 85 -7.31 6.84 13.77
C ARG A 85 -6.17 5.88 14.13
N GLU A 86 -6.52 4.70 14.63
CA GLU A 86 -5.53 3.72 15.03
C GLU A 86 -4.63 3.26 13.86
N GLY A 87 -5.07 3.50 12.63
CA GLY A 87 -4.30 3.17 11.45
C GLY A 87 -2.95 3.87 11.32
N ILE A 88 -2.76 4.96 12.05
CA ILE A 88 -1.50 5.67 11.97
C ILE A 88 -0.41 5.08 12.90
N VAL A 89 -0.81 4.11 13.75
CA VAL A 89 0.18 3.29 14.48
C VAL A 89 0.91 2.46 13.44
N ASP A 90 2.24 2.46 13.50
CA ASP A 90 3.03 1.75 12.48
C ASP A 90 3.36 0.34 12.90
N GLN A 91 3.45 0.09 14.19
CA GLN A 91 3.78 -1.25 14.65
C GLN A 91 3.55 -1.47 16.15
N VAL A 92 3.43 -2.75 16.49
CA VAL A 92 3.08 -3.20 17.84
C VAL A 92 4.06 -4.25 18.32
N VAL A 93 4.46 -4.12 19.57
CA VAL A 93 5.32 -5.08 20.24
C VAL A 93 4.65 -5.44 21.56
N VAL A 94 4.58 -6.73 21.82
CA VAL A 94 3.92 -7.24 22.97
C VAL A 94 4.93 -7.86 23.89
N GLY A 95 4.91 -7.45 25.15
CA GLY A 95 5.73 -8.08 26.16
C GLY A 95 4.93 -9.12 26.90
N ASN A 96 5.40 -10.36 26.89
CA ASN A 96 4.74 -11.41 27.68
C ASN A 96 5.79 -12.45 28.01
N PHE A 97 5.71 -13.05 29.18
CA PHE A 97 6.69 -14.07 29.56
C PHE A 97 6.16 -15.49 29.41
N LEU A 98 4.99 -15.80 30.01
CA LEU A 98 4.55 -17.19 30.16
C LEU A 98 3.13 -17.53 29.65
N GLY A 99 2.62 -16.71 28.76
CA GLY A 99 1.32 -17.01 28.14
C GLY A 99 1.19 -18.44 27.68
N GLU A 100 2.26 -18.95 27.08
CA GLU A 100 2.27 -20.30 26.50
CA GLU A 100 2.27 -20.31 26.52
C GLU A 100 2.04 -21.39 27.55
N LEU A 101 2.32 -21.09 28.81
CA LEU A 101 2.15 -22.08 29.87
C LEU A 101 0.86 -21.81 30.61
N PHE A 102 0.66 -20.59 31.06
CA PHE A 102 -0.52 -20.27 31.87
C PHE A 102 -1.84 -20.29 31.06
N SER A 103 -1.78 -19.96 29.78
CA SER A 103 -2.97 -19.81 28.95
C SER A 103 -2.86 -20.64 27.69
N SER A 104 -1.80 -21.43 27.58
CA SER A 104 -1.65 -22.23 26.38
C SER A 104 -1.67 -21.36 25.14
N GLN A 105 -1.14 -20.14 25.22
CA GLN A 105 -1.24 -19.22 24.09
C GLN A 105 0.04 -18.44 23.85
N GLY A 106 0.67 -18.69 22.70
CA GLY A 106 1.79 -17.88 22.28
C GLY A 106 1.35 -16.99 21.15
N HIS A 107 2.31 -16.54 20.35
CA HIS A 107 2.02 -15.85 19.08
C HIS A 107 1.12 -14.68 19.31
N LEU A 108 1.41 -13.91 20.37
CA LEU A 108 0.55 -12.82 20.76
C LEU A 108 0.60 -11.64 19.78
N GLY A 109 1.46 -11.69 18.77
CA GLY A 109 1.55 -10.59 17.82
C GLY A 109 0.22 -10.47 17.09
N PRO A 110 -0.20 -11.53 16.41
CA PRO A 110 -1.48 -11.45 15.74
C PRO A 110 -2.67 -11.35 16.69
N ALA A 111 -2.48 -11.74 17.95
CA ALA A 111 -3.49 -11.54 18.99
C ALA A 111 -3.65 -10.06 19.20
N ALA A 112 -2.52 -9.36 19.25
CA ALA A 112 -2.52 -7.93 19.38
C ALA A 112 -3.22 -7.26 18.19
N ILE A 113 -2.92 -7.70 16.99
CA ILE A 113 -3.49 -7.11 15.82
C ILE A 113 -5.01 -7.20 15.85
N GLY A 114 -5.54 -8.23 16.50
CA GLY A 114 -6.95 -8.44 16.56
C GLY A 114 -7.57 -7.96 17.83
N SER A 115 -6.86 -7.13 18.59
CA SER A 115 -7.29 -6.74 19.94
C SER A 115 -8.16 -5.47 19.92
N LEU A 116 -8.02 -4.71 18.85
CA LEU A 116 -8.74 -3.44 18.74
C LEU A 116 -10.24 -3.66 18.61
N THR A 117 -10.59 -4.77 17.95
CA THR A 117 -11.98 -5.08 17.61
C THR A 117 -12.34 -6.46 18.14
N TYR A 118 -11.76 -6.80 19.28
CA TYR A 118 -11.90 -8.14 19.82
C TYR A 118 -13.36 -8.46 20.08
N GLY A 119 -13.77 -9.66 19.66
CA GLY A 119 -15.14 -10.17 19.82
C GLY A 119 -16.18 -9.53 18.91
N GLN A 120 -15.75 -8.79 17.88
CA GLN A 120 -16.67 -8.18 16.94
C GLN A 120 -16.28 -8.64 15.54
N ALA A 121 -16.71 -9.86 15.22
CA ALA A 121 -16.46 -10.55 13.93
C ALA A 121 -16.76 -9.69 12.70
N GLY A 122 -15.87 -9.72 11.71
CA GLY A 122 -16.05 -8.98 10.46
C GLY A 122 -15.70 -7.50 10.46
N SER A 123 -15.58 -6.90 11.64
CA SER A 123 -15.41 -5.45 11.76
C SER A 123 -14.12 -4.95 11.09
N LYS A 124 -14.16 -3.79 10.46
CA LYS A 124 -12.98 -3.20 9.83
C LYS A 124 -11.84 -2.95 10.87
N ASN A 125 -10.67 -3.50 10.57
CA ASN A 125 -9.51 -3.48 11.48
C ASN A 125 -8.39 -2.67 10.88
N PRO A 126 -8.16 -1.48 11.42
CA PRO A 126 -7.07 -0.67 10.84
C PRO A 126 -5.66 -1.16 11.15
N LEU A 127 -5.51 -2.11 12.08
CA LEU A 127 -4.16 -2.65 12.38
C LEU A 127 -3.73 -3.79 11.48
N MET A 128 -4.66 -4.33 10.69
CA MET A 128 -4.34 -5.46 9.82
C MET A 128 -3.07 -5.23 9.00
N TYR A 129 -2.21 -6.22 8.98
CA TYR A 129 -1.00 -6.26 8.13
C TYR A 129 0.21 -5.45 8.60
N LYS A 130 0.06 -4.81 9.73
CA LYS A 130 1.16 -4.06 10.31
C LYS A 130 2.15 -5.01 10.99
N PRO A 131 3.40 -4.56 11.20
CA PRO A 131 4.31 -5.43 11.95
C PRO A 131 3.94 -5.57 13.40
N ALA A 132 4.06 -6.79 13.90
CA ALA A 132 3.88 -7.08 15.31
C ALA A 132 4.71 -8.31 15.74
N MET A 133 5.13 -8.30 16.99
CA MET A 133 5.81 -9.44 17.56
C MET A 133 5.67 -9.46 19.06
N ARG A 134 5.98 -10.61 19.64
CA ARG A 134 6.18 -10.67 21.07
C ARG A 134 7.69 -10.76 21.36
N VAL A 135 8.10 -10.09 22.42
CA VAL A 135 9.46 -10.20 22.92
C VAL A 135 9.42 -10.72 24.35
N GLU A 136 10.51 -11.37 24.75
CA GLU A 136 10.59 -12.01 26.07
C GLU A 136 11.99 -11.95 26.71
N GLY A 137 11.99 -11.57 27.97
CA GLY A 137 13.15 -11.70 28.85
C GLY A 137 12.65 -11.72 30.28
N ALA A 138 11.90 -12.76 30.60
CA ALA A 138 11.37 -12.92 31.93
C ALA A 138 10.61 -11.68 32.36
N ALA A 139 10.79 -11.26 33.60
CA ALA A 139 10.10 -10.09 34.12
C ALA A 139 10.57 -8.77 33.47
N ALA A 140 11.55 -8.85 32.56
CA ALA A 140 12.00 -7.66 31.82
C ALA A 140 11.31 -7.52 30.45
N SER A 141 10.37 -8.41 30.17
CA SER A 141 9.71 -8.46 28.87
C SER A 141 9.12 -7.13 28.43
N GLY A 142 8.45 -6.42 29.35
CA GLY A 142 7.85 -5.13 29.02
C GLY A 142 8.91 -4.14 28.63
N GLY A 143 10.00 -4.14 29.40
CA GLY A 143 11.10 -3.22 29.19
C GLY A 143 11.71 -3.46 27.83
N LEU A 144 11.87 -4.73 27.50
CA LEU A 144 12.34 -5.11 26.20
C LEU A 144 11.38 -4.73 25.08
N ALA A 145 10.07 -4.76 25.34
CA ALA A 145 9.09 -4.34 24.36
C ALA A 145 9.30 -2.84 24.04
N VAL A 146 9.51 -2.01 25.07
CA VAL A 146 9.82 -0.59 24.87
C VAL A 146 11.12 -0.36 24.05
N ILE A 147 12.20 -1.08 24.37
CA ILE A 147 13.45 -0.94 23.58
C ILE A 147 13.27 -1.34 22.11
N SER A 148 12.53 -2.42 21.84
CA SER A 148 12.19 -2.79 20.48
C SER A 148 11.44 -1.67 19.77
N ALA A 149 10.43 -1.14 20.44
CA ALA A 149 9.60 -0.08 19.86
C ALA A 149 10.47 1.17 19.55
N MET A 150 11.37 1.48 20.48
CA MET A 150 12.23 2.64 20.34
C MET A 150 13.20 2.49 19.22
N ASN A 151 13.74 1.28 19.03
CA ASN A 151 14.54 0.99 17.82
C ASN A 151 13.78 1.17 16.51
N ALA A 152 12.56 0.65 16.45
CA ALA A 152 11.71 0.86 15.32
C ALA A 152 11.53 2.39 15.05
N LEU A 153 11.22 3.16 16.08
CA LEU A 153 11.10 4.63 15.94
C LEU A 153 12.37 5.30 15.39
N LYS A 154 13.56 4.88 15.86
CA LYS A 154 14.80 5.52 15.43
C LYS A 154 15.36 4.93 14.14
N SER A 155 14.77 3.89 13.61
CA SER A 155 15.33 3.20 12.45
C SER A 155 14.72 3.71 11.17
N GLY A 156 13.68 4.55 11.30
CA GLY A 156 12.90 4.94 10.16
C GLY A 156 11.85 3.91 9.75
N SER A 157 11.69 2.82 10.50
CA SER A 157 10.73 1.83 10.07
C SER A 157 9.34 2.15 10.71
N ALA A 158 9.34 3.03 11.71
CA ALA A 158 8.14 3.41 12.43
C ALA A 158 8.25 4.87 12.80
N ASP A 159 7.11 5.57 12.83
CA ASP A 159 7.02 6.91 13.45
C ASP A 159 6.20 6.90 14.72
N ILE A 160 5.27 5.95 14.82
CA ILE A 160 4.44 5.77 16.01
C ILE A 160 4.36 4.28 16.32
N THR A 161 4.58 3.91 17.57
CA THR A 161 4.62 2.50 17.94
C THR A 161 3.82 2.27 19.21
N LEU A 162 3.28 1.07 19.31
CA LEU A 162 2.53 0.66 20.47
C LEU A 162 3.26 -0.48 21.19
N ALA A 163 3.59 -0.26 22.44
CA ALA A 163 4.25 -1.26 23.25
C ALA A 163 3.28 -1.62 24.35
N VAL A 164 2.84 -2.89 24.38
CA VAL A 164 1.93 -3.34 25.42
C VAL A 164 2.44 -4.63 26.04
N GLY A 165 2.22 -4.77 27.34
CA GLY A 165 2.70 -5.92 28.08
C GLY A 165 1.58 -6.49 28.87
N VAL A 166 1.43 -7.81 28.88
CA VAL A 166 0.32 -8.43 29.58
C VAL A 166 0.67 -9.76 30.20
N GLU A 167 -0.06 -10.14 31.25
CA GLU A 167 0.17 -11.44 31.84
C GLU A 167 -1.02 -11.91 32.63
N VAL A 168 -1.29 -13.21 32.53
CA VAL A 168 -2.29 -13.83 33.38
C VAL A 168 -1.61 -14.99 34.08
N GLN A 169 -1.57 -14.92 35.39
CA GLN A 169 -0.87 -15.93 36.21
C GLN A 169 -1.78 -16.66 37.20
N THR A 170 -3.00 -16.17 37.36
CA THR A 170 -3.87 -16.69 38.40
C THR A 170 -4.56 -17.99 37.97
N THR A 171 -4.33 -18.48 36.75
CA THR A 171 -4.91 -19.75 36.29
C THR A 171 -4.21 -21.02 36.85
N ALA A 172 -3.17 -20.90 37.69
CA ALA A 172 -2.61 -22.11 38.34
C ALA A 172 -2.26 -21.86 39.79
N SER A 173 -1.98 -22.93 40.51
CA SER A 173 -1.55 -22.82 41.90
C SER A 173 -0.22 -22.08 42.01
N ALA A 174 0.09 -21.61 43.22
CA ALA A 174 1.38 -21.00 43.56
C ALA A 174 2.52 -21.98 43.22
N ARG A 175 2.30 -23.29 43.41
CA ARG A 175 3.36 -24.29 43.19
C ARG A 175 3.64 -24.54 41.70
N VAL A 176 2.59 -24.75 40.91
CA VAL A 176 2.72 -24.91 39.48
C VAL A 176 3.21 -23.60 38.90
N GLY A 177 2.68 -22.49 39.38
CA GLY A 177 3.14 -21.17 38.94
C GLY A 177 4.62 -20.96 39.19
N GLY A 178 5.09 -21.45 40.35
CA GLY A 178 6.48 -21.33 40.73
C GLY A 178 7.38 -22.09 39.81
N ASP A 179 6.90 -23.24 39.32
CA ASP A 179 7.68 -24.04 38.36
C ASP A 179 7.71 -23.37 37.00
N TYR A 180 6.60 -22.76 36.60
CA TYR A 180 6.55 -22.01 35.35
C TYR A 180 7.49 -20.82 35.39
N LEU A 181 7.43 -20.05 36.47
CA LEU A 181 8.33 -18.94 36.65
C LEU A 181 9.80 -19.39 36.66
N ALA A 182 10.04 -20.64 37.06
CA ALA A 182 11.41 -21.20 37.07
C ALA A 182 12.07 -21.14 35.68
N ARG A 183 11.24 -21.04 34.65
CA ARG A 183 11.71 -20.85 33.29
C ARG A 183 12.67 -19.65 33.14
N ALA A 184 12.60 -18.71 34.07
CA ALA A 184 13.45 -17.52 34.07
C ALA A 184 14.83 -17.79 34.64
N ALA A 185 14.97 -18.91 35.34
CA ALA A 185 16.27 -19.36 35.88
C ALA A 185 16.95 -20.27 34.89
N ASP A 186 18.15 -20.68 35.24
CA ASP A 186 18.81 -21.77 34.59
C ASP A 186 18.10 -23.01 35.17
N TYR A 187 17.09 -23.49 34.46
CA TYR A 187 16.19 -24.53 34.98
C TYR A 187 16.94 -25.78 35.38
N GLN A 188 17.73 -26.32 34.46
CA GLN A 188 18.51 -27.53 34.71
C GLN A 188 19.27 -27.42 36.00
N ARG A 189 19.88 -26.27 36.23
CA ARG A 189 20.75 -26.04 37.39
C ARG A 189 19.99 -25.61 38.66
N GLN A 190 18.92 -24.86 38.52
CA GLN A 190 18.38 -24.15 39.68
C GLN A 190 16.98 -24.58 40.11
N ARG A 191 16.30 -25.34 39.27
CA ARG A 191 14.97 -25.76 39.61
C ARG A 191 14.98 -26.53 40.92
N GLN A 192 15.98 -27.38 41.10
CA GLN A 192 16.05 -28.21 42.29
C GLN A 192 16.11 -27.44 43.62
N LEU A 193 16.51 -26.17 43.61
CA LEU A 193 16.54 -25.39 44.85
C LEU A 193 15.25 -25.50 45.68
N ASP A 194 14.10 -25.36 45.04
CA ASP A 194 12.81 -25.32 45.73
C ASP A 194 11.72 -25.21 44.67
N ASP A 195 10.52 -25.65 45.03
CA ASP A 195 9.41 -25.49 44.13
C ASP A 195 9.20 -24.00 43.80
N PHE A 196 9.44 -23.18 44.81
CA PHE A 196 9.37 -21.75 44.66
C PHE A 196 10.78 -21.32 44.34
N THR A 197 11.19 -21.56 43.10
CA THR A 197 12.57 -21.39 42.72
C THR A 197 13.03 -19.95 42.93
N PHE A 198 12.22 -18.98 42.51
CA PHE A 198 12.66 -17.59 42.55
C PHE A 198 12.67 -16.99 43.92
N PRO A 199 11.63 -17.23 44.70
CA PRO A 199 11.70 -16.83 46.09
C PRO A 199 12.95 -17.41 46.77
N CYS A 200 13.32 -18.63 46.39
CA CYS A 200 14.47 -19.28 47.00
C CYS A 200 15.76 -18.65 46.53
N LEU A 201 15.81 -18.27 45.25
CA LEU A 201 16.99 -17.57 44.77
C LEU A 201 17.21 -16.26 45.49
N PHE A 202 16.15 -15.52 45.80
CA PHE A 202 16.31 -14.29 46.60
C PHE A 202 16.49 -14.52 48.11
N ALA A 203 15.98 -15.63 48.64
CA ALA A 203 16.28 -16.00 50.02
C ALA A 203 17.78 -16.17 50.16
N LYS A 204 18.37 -16.87 49.19
CA LYS A 204 19.80 -17.20 49.14
C LYS A 204 20.67 -15.94 49.13
N ARG A 205 20.27 -14.94 48.34
CA ARG A 205 20.88 -13.63 48.38
C ARG A 205 20.75 -12.99 49.73
N MET A 206 19.57 -13.08 50.35
CA MET A 206 19.38 -12.48 51.66
C MET A 206 20.29 -13.16 52.70
N LYS A 207 20.54 -14.45 52.56
CA LYS A 207 21.42 -15.13 53.50
C LYS A 207 22.81 -14.47 53.46
N TYR A 208 23.38 -14.38 52.27
CA TYR A 208 24.66 -13.75 52.02
C TYR A 208 24.62 -12.27 52.45
N ILE A 209 23.51 -11.60 52.19
CA ILE A 209 23.37 -10.20 52.59
C ILE A 209 23.41 -10.05 54.12
N ALA A 210 22.72 -10.93 54.84
CA ALA A 210 22.73 -10.94 56.30
C ALA A 210 24.15 -11.19 56.84
N GLU A 211 24.79 -12.23 56.36
CA GLU A 211 26.13 -12.56 56.81
C GLU A 211 27.15 -11.43 56.59
N HIS A 212 26.90 -10.51 55.67
CA HIS A 212 27.83 -9.41 55.40
C HIS A 212 27.31 -8.12 55.93
N ASN A 213 26.22 -8.20 56.70
CA ASN A 213 25.62 -7.03 57.33
C ASN A 213 25.32 -5.88 56.36
N HIS A 214 24.86 -6.24 55.16
CA HIS A 214 24.61 -5.25 54.11
C HIS A 214 23.34 -4.50 54.42
N PHE A 215 22.35 -5.26 54.86
CA PHE A 215 21.14 -4.72 55.44
C PHE A 215 20.36 -5.84 56.12
N THR A 216 19.26 -5.50 56.75
CA THR A 216 18.57 -6.50 57.58
C THR A 216 17.18 -6.84 57.07
N MET A 217 16.64 -7.87 57.68
CA MET A 217 15.27 -8.23 57.48
C MET A 217 14.34 -7.18 58.10
N GLU A 218 14.83 -6.38 59.03
CA GLU A 218 14.04 -5.25 59.48
C GLU A 218 13.89 -4.27 58.34
N ASP A 219 15.02 -3.96 57.70
CA ASP A 219 15.02 -3.02 56.60
C ASP A 219 14.04 -3.45 55.49
N THR A 220 14.00 -4.74 55.18
CA THR A 220 13.14 -5.20 54.12
C THR A 220 11.66 -5.11 54.49
N ALA A 221 11.35 -5.33 55.77
CA ALA A 221 10.01 -5.06 56.29
C ALA A 221 9.60 -3.60 56.10
N ARG A 222 10.54 -2.68 56.30
CA ARG A 222 10.27 -1.28 56.05
C ARG A 222 9.94 -1.01 54.56
N VAL A 223 10.59 -1.73 53.65
CA VAL A 223 10.26 -1.61 52.24
C VAL A 223 8.81 -2.06 52.00
N ALA A 224 8.44 -3.20 52.55
CA ALA A 224 7.08 -3.69 52.43
C ALA A 224 6.05 -2.70 53.02
N ALA A 225 6.30 -2.25 54.25
CA ALA A 225 5.43 -1.23 54.86
C ALA A 225 5.20 -0.05 53.92
N LYS A 226 6.28 0.45 53.32
CA LYS A 226 6.15 1.54 52.33
C LYS A 226 5.29 1.16 51.10
N ALA A 227 5.52 -0.02 50.58
CA ALA A 227 4.81 -0.45 49.37
C ALA A 227 3.31 -0.56 49.68
N TYR A 228 2.98 -1.18 50.79
CA TYR A 228 1.57 -1.34 51.16
C TYR A 228 0.87 -0.03 51.52
N ALA A 229 1.58 0.90 52.17
CA ALA A 229 1.04 2.23 52.39
C ALA A 229 0.76 2.96 51.09
N ASN A 230 1.67 2.85 50.13
CA ASN A 230 1.47 3.43 48.81
C ASN A 230 0.29 2.76 48.07
N GLY A 231 0.25 1.42 48.09
CA GLY A 231 -0.82 0.67 47.47
C GLY A 231 -2.19 1.13 47.96
N ASN A 232 -2.28 1.42 49.27
CA ASN A 232 -3.53 1.84 49.88
C ASN A 232 -4.10 3.10 49.23
N LYS A 233 -3.23 3.91 48.62
CA LYS A 233 -3.67 5.12 47.93
C LYS A 233 -3.89 4.89 46.43
N ASN A 234 -3.86 3.63 45.99
CA ASN A 234 -3.91 3.27 44.58
C ASN A 234 -4.98 2.20 44.25
N PRO A 235 -6.14 2.63 43.75
CA PRO A 235 -7.25 1.70 43.43
C PRO A 235 -6.91 0.62 42.39
N LEU A 236 -5.94 0.89 41.54
CA LEU A 236 -5.49 -0.11 40.58
C LEU A 236 -4.67 -1.24 41.26
N ALA A 237 -4.11 -0.98 42.45
CA ALA A 237 -3.17 -1.92 43.08
C ALA A 237 -3.86 -3.21 43.52
N HIS A 238 -3.25 -4.32 43.16
CA HIS A 238 -3.71 -5.63 43.60
C HIS A 238 -4.03 -5.61 45.07
N MET A 239 -3.11 -5.11 45.90
CA MET A 239 -3.26 -5.16 47.34
C MET A 239 -3.84 -3.85 47.94
N HIS A 240 -4.53 -3.07 47.12
CA HIS A 240 -5.14 -1.80 47.55
C HIS A 240 -5.86 -1.87 48.88
N THR A 241 -6.62 -2.94 49.11
CA THR A 241 -7.49 -3.09 50.26
C THR A 241 -6.81 -3.76 51.46
N ARG A 242 -5.54 -4.13 51.32
CA ARG A 242 -4.83 -4.77 52.44
C ARG A 242 -3.92 -3.79 53.16
N LYS A 243 -4.02 -3.76 54.49
CA LYS A 243 -3.17 -2.89 55.30
C LYS A 243 -2.21 -3.71 56.14
N LEU A 244 -1.00 -3.20 56.27
CA LEU A 244 0.08 -3.95 56.94
C LEU A 244 0.98 -2.97 57.63
N THR A 245 1.24 -3.24 58.90
CA THR A 245 2.12 -2.42 59.69
C THR A 245 3.53 -2.94 59.50
N PHE A 246 4.50 -2.10 59.85
CA PHE A 246 5.88 -2.54 59.91
C PHE A 246 6.02 -3.85 60.68
N GLU A 247 5.44 -3.89 61.86
CA GLU A 247 5.54 -5.05 62.74
C GLU A 247 5.04 -6.32 62.07
N GLN A 248 3.96 -6.21 61.33
CA GLN A 248 3.40 -7.35 60.58
C GLN A 248 4.36 -7.81 59.47
N CYS A 249 4.94 -6.84 58.77
CA CYS A 249 5.91 -7.13 57.70
C CYS A 249 7.19 -7.76 58.27
N ASN A 250 7.49 -7.37 59.51
CA ASN A 250 8.65 -7.84 60.22
C ASN A 250 8.41 -9.21 60.86
N GLY A 251 7.25 -9.80 60.62
CA GLY A 251 6.97 -11.18 61.02
C GLY A 251 6.27 -11.39 62.37
N GLU A 252 5.68 -10.33 62.93
CA GLU A 252 4.94 -10.43 64.21
C GLU A 252 3.52 -10.93 64.01
N ASP A 253 3.12 -11.04 62.74
CA ASP A 253 1.93 -11.82 62.35
C ASP A 253 2.33 -13.29 62.10
N PRO A 254 1.59 -14.26 62.70
CA PRO A 254 1.84 -15.68 62.36
C PRO A 254 1.38 -16.06 60.97
N SER A 255 0.44 -15.30 60.40
CA SER A 255 0.02 -15.50 59.01
C SER A 255 1.08 -15.03 57.96
N ASN A 256 2.15 -14.38 58.41
CA ASN A 256 3.25 -14.00 57.53
C ASN A 256 4.35 -15.05 57.61
N VAL A 257 4.10 -16.19 57.00
CA VAL A 257 4.91 -17.38 57.26
C VAL A 257 6.19 -17.47 56.42
N LYS A 258 7.16 -18.22 56.94
CA LYS A 258 8.41 -18.51 56.22
C LYS A 258 8.22 -19.86 55.52
N PHE A 259 7.84 -19.77 54.26
CA PHE A 259 7.11 -20.83 53.59
C PHE A 259 7.94 -21.75 52.70
N LEU A 260 9.20 -21.40 52.46
CA LEU A 260 10.03 -22.22 51.60
C LEU A 260 10.25 -23.61 52.20
N GLY A 261 10.54 -24.58 51.36
CA GLY A 261 10.95 -25.91 51.80
C GLY A 261 12.44 -26.04 52.05
N ASN A 262 13.25 -25.27 51.32
CA ASN A 262 14.70 -25.37 51.43
C ASN A 262 15.20 -24.89 52.81
N GLU A 263 15.68 -25.85 53.61
CA GLU A 263 16.11 -25.55 54.97
C GLU A 263 17.22 -24.51 55.05
N THR A 264 18.08 -24.43 54.03
CA THR A 264 19.19 -23.52 54.06
C THR A 264 18.75 -22.07 53.95
N TYR A 265 17.66 -21.81 53.25
CA TYR A 265 17.27 -20.43 53.00
C TYR A 265 15.92 -20.05 53.63
N LYS A 266 15.21 -21.05 54.14
CA LYS A 266 13.88 -20.91 54.75
C LYS A 266 13.66 -19.66 55.56
N GLU A 267 14.61 -19.40 56.44
CA GLU A 267 14.47 -18.37 57.45
C GLU A 267 14.66 -16.93 56.94
N TYR A 268 15.03 -16.75 55.68
CA TYR A 268 15.33 -15.41 55.18
C TYR A 268 14.23 -14.78 54.32
N LEU A 269 13.03 -15.40 54.28
CA LEU A 269 11.96 -14.92 53.39
C LEU A 269 10.56 -15.16 53.96
N ARG A 270 9.83 -14.05 54.14
CA ARG A 270 8.46 -14.10 54.58
C ARG A 270 7.54 -13.81 53.40
N MET A 271 6.29 -14.28 53.48
CA MET A 271 5.31 -14.01 52.42
C MET A 271 5.27 -12.54 52.03
N THR A 272 5.25 -11.62 52.99
CA THR A 272 5.15 -10.18 52.69
C THR A 272 6.40 -9.63 52.01
N ASP A 273 7.47 -10.42 51.91
CA ASP A 273 8.66 -10.00 51.15
C ASP A 273 8.48 -10.24 49.66
N CYS A 274 7.43 -10.97 49.30
CA CYS A 274 7.24 -11.43 47.95
C CYS A 274 6.25 -10.56 47.17
N SER A 275 6.53 -10.39 45.88
CA SER A 275 5.61 -9.76 44.93
C SER A 275 4.41 -10.68 44.62
N GLN A 276 3.35 -10.11 44.05
CA GLN A 276 2.08 -10.81 43.91
C GLN A 276 1.96 -11.63 42.61
N VAL A 277 1.21 -12.72 42.71
CA VAL A 277 0.75 -13.46 41.56
C VAL A 277 -0.47 -12.68 41.01
N SER A 278 -0.26 -11.91 39.94
CA SER A 278 -1.28 -11.00 39.44
C SER A 278 -1.55 -11.16 37.95
N ASP A 279 -2.73 -10.69 37.54
CA ASP A 279 -3.09 -10.55 36.12
C ASP A 279 -3.18 -9.08 35.80
N GLY A 280 -2.78 -8.72 34.59
CA GLY A 280 -2.94 -7.34 34.19
C GLY A 280 -2.20 -6.97 32.94
N GLY A 281 -2.32 -5.69 32.58
CA GLY A 281 -1.69 -5.17 31.39
C GLY A 281 -1.31 -3.72 31.52
N ALA A 282 -0.34 -3.30 30.73
CA ALA A 282 0.01 -1.90 30.61
C ALA A 282 0.44 -1.64 29.20
N GLY A 283 0.18 -0.43 28.73
CA GLY A 283 0.49 -0.08 27.36
C GLY A 283 0.93 1.35 27.26
N VAL A 284 1.75 1.62 26.26
CA VAL A 284 2.28 2.93 26.05
C VAL A 284 2.32 3.12 24.56
N VAL A 285 2.10 4.37 24.14
CA VAL A 285 2.30 4.74 22.76
C VAL A 285 3.51 5.64 22.70
N LEU A 286 4.48 5.28 21.88
CA LEU A 286 5.68 6.08 21.67
C LEU A 286 5.73 6.68 20.28
N ALA A 287 6.31 7.88 20.15
CA ALA A 287 6.37 8.57 18.86
C ALA A 287 7.66 9.30 18.66
N ASN A 288 8.13 9.37 17.42
CA ASN A 288 9.25 10.28 17.07
C ASN A 288 8.68 11.62 16.62
N GLU A 289 9.52 12.58 16.26
CA GLU A 289 9.03 13.91 15.84
C GLU A 289 8.04 13.82 14.69
N GLU A 290 8.33 12.98 13.72
CA GLU A 290 7.44 12.80 12.60
C GLU A 290 6.09 12.22 13.07
N GLY A 291 6.11 11.41 14.12
CA GLY A 291 4.91 10.86 14.69
C GLY A 291 4.06 11.89 15.39
N LEU A 292 4.70 12.80 16.10
CA LEU A 292 3.96 13.88 16.75
C LEU A 292 3.24 14.75 15.70
N ARG A 293 3.94 15.00 14.60
CA ARG A 293 3.40 15.80 13.48
C ARG A 293 2.16 15.10 12.94
N LYS A 294 2.30 13.81 12.65
CA LYS A 294 1.19 12.97 12.18
C LYS A 294 -0.01 13.01 13.12
N MET A 295 0.25 13.20 14.41
CA MET A 295 -0.83 13.24 15.39
C MET A 295 -1.35 14.66 15.65
N GLY A 296 -0.73 15.65 15.03
CA GLY A 296 -1.12 17.05 15.20
C GLY A 296 -0.62 17.64 16.52
N LEU A 297 0.54 17.18 16.98
CA LEU A 297 1.08 17.61 18.27
C LEU A 297 2.45 18.20 18.09
N SER A 298 2.79 19.16 18.94
CA SER A 298 4.14 19.70 18.93
C SER A 298 4.99 19.06 20.04
N PRO A 299 6.32 19.01 19.81
CA PRO A 299 7.27 18.46 20.77
C PRO A 299 7.28 19.06 22.18
N ASN A 300 6.62 20.19 22.39
CA ASN A 300 6.48 20.75 23.75
C ASN A 300 5.07 20.66 24.26
N ASP A 301 4.23 19.86 23.63
CA ASP A 301 2.90 19.63 24.18
C ASP A 301 3.04 19.00 25.55
N SER A 302 2.27 19.49 26.50
CA SER A 302 2.51 19.13 27.89
C SER A 302 1.89 17.79 28.29
N ARG A 303 1.21 17.11 27.38
CA ARG A 303 0.82 15.71 27.60
C ARG A 303 2.01 14.73 27.37
N LEU A 304 3.14 15.23 26.84
CA LEU A 304 4.30 14.41 26.54
C LEU A 304 5.30 14.24 27.70
N VAL A 305 6.10 13.17 27.58
CA VAL A 305 7.34 12.94 28.35
C VAL A 305 8.37 12.37 27.36
N GLU A 306 9.60 12.84 27.41
CA GLU A 306 10.64 12.39 26.48
C GLU A 306 11.35 11.23 27.10
N ILE A 307 11.63 10.19 26.34
CA ILE A 307 12.53 9.17 26.87
C ILE A 307 13.93 9.58 26.41
N LYS A 308 14.68 10.20 27.33
CA LYS A 308 16.02 10.66 26.99
C LYS A 308 16.93 9.51 26.58
N SER A 309 16.81 8.40 27.30
CA SER A 309 17.62 7.25 26.98
C SER A 309 17.00 5.97 27.47
N ILE A 310 17.43 4.87 26.90
CA ILE A 310 17.02 3.56 27.38
C ILE A 310 18.19 2.62 27.13
N ALA A 311 18.40 1.66 28.02
CA ALA A 311 19.52 0.74 27.83
C ALA A 311 19.21 -0.64 28.40
N CYS A 312 19.79 -1.65 27.74
CA CYS A 312 19.66 -3.03 28.14
C CYS A 312 21.02 -3.64 28.45
N ALA A 313 21.09 -4.46 29.50
CA ALA A 313 22.33 -5.19 29.80
C ALA A 313 21.96 -6.57 30.27
N VAL A 314 22.59 -7.58 29.69
CA VAL A 314 22.22 -8.97 30.01
C VAL A 314 23.46 -9.77 30.34
N SER A 315 23.38 -10.55 31.40
CA SER A 315 24.53 -11.30 31.87
C SER A 315 24.33 -12.79 31.58
N ASN A 316 25.07 -13.66 32.26
CA ASN A 316 25.12 -15.08 31.92
C ASN A 316 24.12 -15.87 32.75
N LEU A 317 23.12 -16.45 32.07
CA LEU A 317 22.14 -17.29 32.73
C LEU A 317 22.78 -18.36 33.57
N TYR A 318 23.90 -18.89 33.11
CA TYR A 318 24.50 -20.12 33.68
C TYR A 318 25.48 -19.89 34.83
N GLU A 319 25.90 -18.65 35.06
CA GLU A 319 26.86 -18.36 36.13
C GLU A 319 26.43 -17.17 36.96
N ASP A 320 26.48 -17.33 38.28
CA ASP A 320 26.12 -16.27 39.22
C ASP A 320 27.39 -15.64 39.78
N PRO A 321 27.41 -14.32 39.94
CA PRO A 321 28.57 -13.77 40.60
C PRO A 321 28.53 -14.06 42.10
N ASP A 322 29.71 -14.05 42.73
CA ASP A 322 29.83 -14.34 44.15
C ASP A 322 29.13 -13.34 45.03
N ASP A 323 29.20 -12.06 44.67
CA ASP A 323 28.67 -11.01 45.53
C ASP A 323 27.16 -10.82 45.33
N ALA A 324 26.39 -11.50 46.18
CA ALA A 324 24.93 -11.37 46.23
C ALA A 324 24.42 -10.00 46.69
N CYS A 325 25.32 -9.17 47.19
CA CYS A 325 24.99 -7.81 47.63
C CYS A 325 24.98 -6.81 46.49
N CYS A 326 25.28 -7.26 45.29
CA CYS A 326 25.31 -6.38 44.15
C CYS A 326 24.58 -7.00 42.97
N MET A 327 23.68 -6.23 42.41
CA MET A 327 23.05 -6.56 41.13
C MET A 327 23.83 -5.96 39.97
N PHE A 328 24.87 -6.66 39.54
CA PHE A 328 25.77 -6.13 38.53
C PHE A 328 25.06 -5.75 37.22
N THR A 329 24.12 -6.60 36.79
CA THR A 329 23.50 -6.42 35.48
C THR A 329 22.61 -5.18 35.52
N SER A 330 21.83 -5.04 36.58
CA SER A 330 20.97 -3.89 36.74
C SER A 330 21.75 -2.60 36.89
N ARG A 331 22.88 -2.65 37.57
CA ARG A 331 23.72 -1.50 37.70
C ARG A 331 24.35 -1.09 36.39
N GLN A 332 24.75 -2.04 35.58
CA GLN A 332 25.23 -1.76 34.26
C GLN A 332 24.16 -1.01 33.42
N ALA A 333 22.93 -1.54 33.39
CA ALA A 333 21.84 -0.91 32.63
C ALA A 333 21.55 0.50 33.14
N ALA A 334 21.45 0.66 34.47
CA ALA A 334 21.22 2.01 35.04
C ALA A 334 22.33 2.98 34.64
N GLN A 335 23.59 2.55 34.68
CA GLN A 335 24.70 3.41 34.28
C GLN A 335 24.75 3.74 32.80
N LYS A 336 24.44 2.78 31.93
CA LYS A 336 24.34 3.11 30.49
C LYS A 336 23.25 4.15 30.27
N ALA A 337 22.10 3.97 30.89
CA ALA A 337 21.01 4.90 30.64
C ALA A 337 21.30 6.31 31.20
N LEU A 338 21.77 6.40 32.45
CA LEU A 338 22.04 7.71 33.06
C LEU A 338 23.13 8.45 32.29
N SER A 339 24.14 7.71 31.91
CA SER A 339 25.18 8.24 31.06
C SER A 339 24.70 8.73 29.67
N MET A 340 23.97 7.92 28.93
CA MET A 340 23.40 8.36 27.63
C MET A 340 22.53 9.60 27.80
N ALA A 341 21.81 9.68 28.92
CA ALA A 341 21.00 10.86 29.31
C ALA A 341 21.82 12.03 29.86
N ASN A 342 23.11 11.79 30.09
CA ASN A 342 24.05 12.77 30.65
C ASN A 342 23.54 13.38 31.97
N ILE A 343 23.02 12.54 32.85
CA ILE A 343 22.64 12.96 34.20
C ILE A 343 23.21 11.97 35.22
N LYS A 344 23.05 12.30 36.50
CA LYS A 344 23.52 11.45 37.59
C LYS A 344 22.33 11.03 38.42
N PRO A 345 22.50 10.04 39.29
CA PRO A 345 21.40 9.56 40.13
C PRO A 345 20.81 10.63 41.04
N SER A 346 21.65 11.53 41.51
CA SER A 346 21.21 12.62 42.37
C SER A 346 20.27 13.59 41.65
N ASP A 347 20.32 13.66 40.33
CA ASP A 347 19.43 14.52 39.53
C ASP A 347 18.01 13.95 39.39
N LEU A 348 17.79 12.69 39.78
CA LEU A 348 16.48 12.06 39.64
C LEU A 348 15.49 12.57 40.70
N ASN A 349 14.23 12.77 40.31
CA ASN A 349 13.15 13.25 41.19
C ASN A 349 12.15 12.15 41.56
N VAL A 350 12.13 11.07 40.78
CA VAL A 350 11.30 9.90 41.05
C VAL A 350 11.87 8.70 40.31
N ALA A 351 11.57 7.51 40.81
CA ALA A 351 12.02 6.32 40.12
C ALA A 351 11.08 5.16 40.37
N GLU A 352 11.09 4.23 39.42
CA GLU A 352 10.33 3.01 39.56
C GLU A 352 11.34 1.83 39.38
N VAL A 353 11.33 0.87 40.30
CA VAL A 353 12.30 -0.20 40.29
C VAL A 353 11.69 -1.55 40.64
N HIS A 354 12.47 -2.60 40.35
CA HIS A 354 11.94 -3.91 40.19
C HIS A 354 11.96 -4.61 41.50
N ASP A 355 11.00 -4.27 42.35
CA ASP A 355 10.88 -4.87 43.67
C ASP A 355 10.21 -6.24 43.67
N CYS A 356 10.75 -7.22 42.94
CA CYS A 356 10.08 -8.52 42.92
C CYS A 356 10.09 -9.15 44.29
N PHE A 357 11.06 -8.73 45.10
CA PHE A 357 11.02 -9.03 46.52
C PHE A 357 11.46 -7.73 47.20
N THR A 358 11.21 -7.62 48.50
CA THR A 358 11.69 -6.47 49.28
C THR A 358 13.23 -6.40 49.17
N ILE A 359 13.85 -7.58 49.21
CA ILE A 359 15.28 -7.75 49.01
C ILE A 359 15.73 -7.08 47.71
N ALA A 360 14.94 -7.21 46.64
CA ALA A 360 15.34 -6.60 45.33
C ALA A 360 15.30 -5.10 45.40
N GLU A 361 14.26 -4.53 46.01
CA GLU A 361 14.15 -3.07 46.10
C GLU A 361 15.40 -2.45 46.76
N MET A 362 15.85 -3.04 47.86
CA MET A 362 17.07 -2.54 48.52
C MET A 362 18.20 -2.58 47.53
N LEU A 363 18.42 -3.74 46.91
CA LEU A 363 19.49 -3.91 45.91
C LEU A 363 19.37 -2.94 44.69
N MET A 364 18.14 -2.63 44.31
CA MET A 364 17.87 -1.73 43.21
C MET A 364 18.23 -0.27 43.49
N TYR A 365 18.06 0.18 44.74
CA TYR A 365 18.51 1.51 45.10
C TYR A 365 19.98 1.69 44.80
N GLU A 366 20.76 0.67 45.09
CA GLU A 366 22.19 0.72 44.87
C GLU A 366 22.51 0.49 43.40
N ALA A 367 21.77 -0.39 42.72
CA ALA A 367 22.00 -0.58 41.26
C ALA A 367 21.73 0.71 40.48
N LEU A 368 20.62 1.38 40.80
CA LEU A 368 20.26 2.64 40.13
C LEU A 368 21.26 3.76 40.45
N GLY A 369 21.79 3.70 41.67
CA GLY A 369 22.84 4.58 42.10
C GLY A 369 22.36 5.64 43.08
N ILE A 370 21.08 5.60 43.46
CA ILE A 370 20.53 6.59 44.42
C ILE A 370 20.98 6.32 45.85
N ALA A 371 21.55 5.15 46.09
CA ALA A 371 22.35 4.95 47.29
C ALA A 371 23.66 4.28 46.87
N GLU A 372 24.72 4.50 47.64
CA GLU A 372 26.02 3.88 47.36
C GLU A 372 25.99 2.46 47.86
N TYR A 373 26.97 1.69 47.41
CA TYR A 373 27.04 0.31 47.80
C TYR A 373 26.99 0.29 49.32
N GLY A 374 26.05 -0.47 49.88
CA GLY A 374 25.92 -0.65 51.32
C GLY A 374 25.07 0.37 52.05
N HIS A 375 24.51 1.34 51.32
CA HIS A 375 23.76 2.42 51.94
C HIS A 375 22.29 2.41 51.64
N ALA A 376 21.78 1.36 51.01
CA ALA A 376 20.32 1.27 50.77
C ALA A 376 19.57 1.35 52.10
N LYS A 377 20.16 0.79 53.14
CA LYS A 377 19.57 0.84 54.47
C LYS A 377 19.40 2.27 55.00
N ASP A 378 20.35 3.15 54.70
CA ASP A 378 20.25 4.54 55.13
C ASP A 378 18.99 5.14 54.56
N LEU A 379 18.81 4.97 53.25
CA LEU A 379 17.68 5.55 52.54
C LEU A 379 16.34 5.10 53.13
N ILE A 380 16.20 3.79 53.39
CA ILE A 380 14.95 3.22 53.88
C ILE A 380 14.73 3.60 55.35
N ARG A 381 15.81 3.68 56.13
CA ARG A 381 15.71 4.06 57.54
C ARG A 381 15.30 5.51 57.75
N ASN A 382 15.62 6.38 56.79
CA ASN A 382 15.33 7.80 56.79
C ASN A 382 14.09 8.20 55.99
N GLY A 383 13.44 7.21 55.36
CA GLY A 383 12.22 7.46 54.56
C GLY A 383 12.45 8.25 53.30
N ASP A 384 13.69 8.26 52.80
CA ASP A 384 14.03 9.05 51.58
C ASP A 384 13.28 8.62 50.31
N THR A 385 12.78 7.39 50.28
CA THR A 385 12.11 6.85 49.12
C THR A 385 10.59 6.76 49.32
N THR A 386 10.07 7.32 50.41
CA THR A 386 8.62 7.36 50.65
C THR A 386 8.07 8.49 49.79
N LEU A 387 6.76 8.61 49.73
CA LEU A 387 6.14 9.68 48.93
C LEU A 387 6.62 11.06 49.31
N GLU A 388 6.93 11.26 50.59
CA GLU A 388 7.32 12.59 51.08
C GLU A 388 8.88 12.69 51.24
N GLY A 389 9.58 11.63 50.82
CA GLY A 389 11.05 11.60 50.80
C GLY A 389 11.58 12.35 49.60
N ARG A 390 12.89 12.52 49.54
CA ARG A 390 13.45 13.34 48.48
C ARG A 390 13.57 12.59 47.14
N ILE A 391 13.60 11.26 47.18
CA ILE A 391 13.62 10.47 45.94
C ILE A 391 12.60 9.32 46.03
N PRO A 392 11.33 9.64 45.81
CA PRO A 392 10.29 8.62 45.94
C PRO A 392 10.47 7.50 44.95
N VAL A 393 10.28 6.27 45.42
CA VAL A 393 10.33 5.11 44.57
C VAL A 393 9.08 4.24 44.70
N ASN A 394 8.61 3.76 43.55
CA ASN A 394 7.47 2.83 43.48
C ASN A 394 6.26 3.42 44.21
N THR A 395 5.90 4.62 43.76
CA THR A 395 4.92 5.46 44.40
C THR A 395 3.52 4.86 44.47
N GLY A 396 3.19 4.01 43.51
CA GLY A 396 1.88 3.38 43.47
C GLY A 396 1.79 2.01 44.11
N GLY A 397 2.90 1.55 44.72
CA GLY A 397 2.94 0.26 45.44
C GLY A 397 3.90 -0.82 44.95
N GLY A 398 4.52 -0.57 43.79
CA GLY A 398 5.46 -1.51 43.23
C GLY A 398 4.91 -2.91 43.06
N LEU A 399 5.78 -3.83 42.73
CA LEU A 399 5.42 -5.23 42.48
C LEU A 399 4.85 -5.88 43.71
N LEU A 400 5.32 -5.45 44.86
CA LEU A 400 4.83 -5.98 46.15
C LEU A 400 3.32 -5.73 46.41
N SER A 401 2.82 -4.55 46.05
CA SER A 401 1.44 -4.19 46.32
C SER A 401 0.64 -3.88 45.05
N PHE A 402 1.13 -2.97 44.23
CA PHE A 402 0.51 -2.77 42.89
C PHE A 402 0.30 -4.15 42.27
N GLY A 403 1.33 -4.99 42.32
CA GLY A 403 1.26 -6.35 41.81
C GLY A 403 2.20 -6.56 40.65
N HIS A 404 2.23 -7.78 40.15
CA HIS A 404 3.31 -8.20 39.25
C HIS A 404 2.87 -9.19 38.20
N PRO A 405 2.04 -8.71 37.25
CA PRO A 405 1.78 -9.51 36.08
C PRO A 405 2.99 -9.32 35.17
N VAL A 406 3.84 -10.34 35.11
CA VAL A 406 5.22 -10.17 34.79
C VAL A 406 5.47 -9.38 33.54
N GLY A 407 4.89 -9.80 32.42
CA GLY A 407 5.07 -9.11 31.13
C GLY A 407 4.68 -7.63 31.18
N ALA A 408 3.76 -7.27 32.07
CA ALA A 408 3.22 -5.92 32.10
C ALA A 408 4.12 -4.94 32.86
N THR A 409 4.82 -5.46 33.85
CA THR A 409 5.58 -4.63 34.77
C THR A 409 6.48 -3.56 34.10
N GLY A 410 7.33 -3.94 33.16
CA GLY A 410 8.26 -3.00 32.54
C GLY A 410 7.56 -1.80 31.91
N ILE A 411 6.37 -2.01 31.32
CA ILE A 411 5.64 -0.89 30.71
C ILE A 411 4.88 -0.14 31.80
N LYS A 412 4.43 -0.82 32.83
CA LYS A 412 3.80 -0.14 33.94
C LYS A 412 4.76 0.87 34.58
N GLN A 413 5.99 0.43 34.80
CA GLN A 413 7.01 1.29 35.38
C GLN A 413 7.13 2.61 34.59
N ILE A 414 7.23 2.51 33.26
CA ILE A 414 7.28 3.69 32.39
C ILE A 414 6.06 4.57 32.60
N MET A 415 4.90 3.95 32.71
CA MET A 415 3.64 4.72 32.78
C MET A 415 3.40 5.36 34.12
N GLU A 416 3.92 4.73 35.17
CA GLU A 416 3.87 5.34 36.49
C GLU A 416 4.72 6.60 36.57
N VAL A 417 5.92 6.58 36.04
CA VAL A 417 6.68 7.81 35.99
C VAL A 417 5.92 8.85 35.16
N TYR A 418 5.38 8.44 34.01
CA TYR A 418 4.55 9.33 33.19
C TYR A 418 3.47 10.03 34.00
N ARG A 419 2.70 9.21 34.70
CA ARG A 419 1.52 9.69 35.38
C ARG A 419 1.88 10.68 36.47
N GLN A 420 2.95 10.43 37.20
CA GLN A 420 3.38 11.35 38.23
C GLN A 420 3.80 12.64 37.56
N MET A 421 4.53 12.52 36.47
CA MET A 421 4.94 13.68 35.72
C MET A 421 3.77 14.53 35.22
N LYS A 422 2.67 13.88 34.83
CA LYS A 422 1.53 14.59 34.24
C LYS A 422 0.48 14.94 35.30
N GLY A 423 0.78 14.67 36.55
CA GLY A 423 -0.12 15.02 37.63
C GLY A 423 -1.31 14.08 37.73
N GLN A 424 -1.22 12.87 37.19
CA GLN A 424 -2.39 11.99 37.09
C GLN A 424 -2.62 10.98 38.21
N CYS A 425 -1.82 11.01 39.27
CA CYS A 425 -1.82 9.91 40.25
C CYS A 425 -2.76 10.08 41.48
N GLU A 426 -3.55 11.16 41.53
CA GLU A 426 -4.61 11.34 42.55
C GLU A 426 -4.11 11.15 43.98
N ALA A 427 -4.54 10.10 44.66
CA ALA A 427 -4.22 9.93 46.08
C ALA A 427 -2.72 9.75 46.32
N TYR A 428 -1.99 9.20 45.35
CA TYR A 428 -0.54 9.12 45.51
C TYR A 428 0.26 10.09 44.63
N GLN A 429 -0.39 11.09 44.07
CA GLN A 429 0.32 12.07 43.30
C GLN A 429 1.37 12.73 44.18
N MET A 430 2.56 12.91 43.63
CA MET A 430 3.63 13.62 44.32
C MET A 430 3.33 15.12 44.30
N LYS A 431 3.54 15.78 45.43
CA LYS A 431 3.23 17.21 45.59
C LYS A 431 4.20 18.11 44.83
N LYS A 432 5.40 17.61 44.57
CA LYS A 432 6.32 18.25 43.64
C LYS A 432 6.45 17.44 42.35
N ILE A 433 5.92 17.98 41.25
CA ILE A 433 5.93 17.29 39.99
C ILE A 433 7.39 17.06 39.64
N PRO A 434 7.75 15.80 39.33
CA PRO A 434 9.12 15.47 38.98
C PRO A 434 9.51 15.85 37.54
N ALA A 435 10.74 16.31 37.37
CA ALA A 435 11.22 16.77 36.07
C ALA A 435 12.05 15.66 35.34
N LEU A 436 12.70 14.81 36.15
CA LEU A 436 13.45 13.67 35.68
C LEU A 436 13.04 12.46 36.48
N GLY A 437 12.96 11.33 35.78
CA GLY A 437 12.63 10.06 36.41
C GLY A 437 13.41 8.96 35.72
N ALA A 438 13.57 7.85 36.42
CA ALA A 438 14.20 6.68 35.86
C ALA A 438 13.43 5.37 36.20
N THR A 439 13.58 4.39 35.33
CA THR A 439 13.02 3.07 35.59
C THR A 439 14.12 2.07 35.57
N LEU A 440 13.89 0.96 36.27
CA LEU A 440 14.81 -0.15 36.28
C LEU A 440 14.00 -1.43 36.37
N ASN A 441 14.06 -2.21 35.30
CA ASN A 441 13.21 -3.38 35.09
C ASN A 441 14.14 -4.59 34.98
N MET A 442 13.79 -5.70 35.62
CA MET A 442 14.73 -6.83 35.77
C MET A 442 14.11 -8.17 35.37
N GLY A 443 14.86 -8.95 34.58
CA GLY A 443 14.46 -10.28 34.23
C GLY A 443 15.27 -11.29 35.04
N GLY A 444 14.58 -12.26 35.61
CA GLY A 444 15.24 -13.33 36.34
C GLY A 444 16.06 -12.82 37.50
N ASP A 445 17.14 -13.54 37.82
CA ASP A 445 17.98 -13.19 38.96
C ASP A 445 19.07 -12.25 38.51
N ASP A 446 18.65 -11.03 38.19
CA ASP A 446 19.55 -10.00 37.67
C ASP A 446 20.30 -10.51 36.44
N LYS A 447 19.62 -11.27 35.60
CA LYS A 447 20.22 -11.73 34.34
C LYS A 447 19.91 -10.83 33.13
N THR A 448 18.77 -10.13 33.13
CA THR A 448 18.45 -9.13 32.12
C THR A 448 18.07 -7.89 32.87
N ALA A 449 18.52 -6.74 32.39
CA ALA A 449 18.04 -5.49 33.00
C ALA A 449 17.81 -4.41 31.93
N VAL A 450 16.74 -3.63 32.11
CA VAL A 450 16.41 -2.52 31.20
C VAL A 450 16.17 -1.29 32.08
N SER A 451 16.76 -0.17 31.70
CA SER A 451 16.59 1.08 32.45
C SER A 451 16.41 2.24 31.48
N ALA A 452 15.54 3.15 31.88
CA ALA A 452 15.18 4.25 30.99
C ALA A 452 15.22 5.53 31.78
N VAL A 453 15.59 6.63 31.11
CA VAL A 453 15.51 7.96 31.72
C VAL A 453 14.43 8.76 31.03
N LEU A 454 13.55 9.34 31.83
CA LEU A 454 12.42 10.09 31.35
C LEU A 454 12.53 11.58 31.76
N GLN A 455 12.22 12.47 30.82
CA GLN A 455 12.25 13.91 31.06
C GLN A 455 10.87 14.52 30.84
N ASN A 456 10.34 15.16 31.89
CA ASN A 456 9.02 15.82 31.80
C ASN A 456 9.10 16.97 30.83
N ILE A 457 7.99 17.16 30.11
CA ILE A 457 7.90 18.23 29.13
C ILE A 457 6.81 19.19 29.59
N ALA B 28 19.06 6.02 4.04
CA ALA B 28 18.92 4.54 4.20
C ALA B 28 20.29 3.93 4.49
N SER B 29 20.48 3.35 5.69
CA SER B 29 21.74 2.64 6.03
C SER B 29 21.61 1.16 5.57
N ARG B 30 22.66 0.68 4.88
CA ARG B 30 22.63 -0.61 4.20
C ARG B 30 22.98 -1.73 5.19
N VAL B 31 22.40 -2.91 4.99
CA VAL B 31 22.63 -4.05 5.92
C VAL B 31 23.18 -5.24 5.16
N PHE B 32 24.15 -5.92 5.76
CA PHE B 32 24.92 -6.97 5.14
C PHE B 32 24.99 -8.23 5.97
N ILE B 33 24.81 -9.37 5.31
CA ILE B 33 25.04 -10.65 5.93
C ILE B 33 26.54 -10.89 5.80
N VAL B 34 27.23 -11.00 6.92
CA VAL B 34 28.67 -11.21 6.92
C VAL B 34 28.95 -12.70 6.93
N GLY B 35 28.10 -13.46 7.59
CA GLY B 35 28.27 -14.91 7.68
C GLY B 35 27.24 -15.52 8.60
N GLY B 36 27.22 -16.85 8.70
CA GLY B 36 26.30 -17.55 9.56
C GLY B 36 26.61 -19.01 9.72
N HIS B 37 25.65 -19.75 10.27
CA HIS B 37 25.86 -21.14 10.58
C HIS B 37 24.56 -21.87 10.78
N ILE B 38 24.46 -23.06 10.20
CA ILE B 38 23.30 -23.91 10.35
C ILE B 38 23.81 -25.22 10.91
N THR B 39 23.26 -25.65 12.04
CA THR B 39 23.60 -26.95 12.58
C THR B 39 22.99 -28.02 11.68
N PRO B 40 23.51 -29.25 11.77
CA PRO B 40 22.65 -30.35 11.34
C PRO B 40 21.26 -30.24 11.96
N PHE B 41 20.23 -30.64 11.24
CA PHE B 41 18.89 -30.67 11.85
C PHE B 41 18.60 -32.14 12.12
N VAL B 42 18.19 -32.45 13.35
CA VAL B 42 18.14 -33.84 13.78
C VAL B 42 16.81 -34.24 14.42
N GLY B 43 16.41 -35.48 14.17
CA GLY B 43 15.24 -36.07 14.82
C GLY B 43 15.07 -37.53 14.41
N LYS B 44 13.94 -38.15 14.75
CA LYS B 44 13.69 -39.53 14.32
C LYS B 44 13.92 -39.63 12.81
N GLY B 45 14.73 -40.60 12.40
CA GLY B 45 15.02 -40.80 10.99
C GLY B 45 16.36 -40.32 10.56
N SER B 46 16.98 -39.44 11.35
CA SER B 46 18.35 -39.00 11.10
C SER B 46 19.35 -39.95 11.75
N PRO B 47 20.41 -40.33 11.03
CA PRO B 47 21.49 -41.11 11.64
C PRO B 47 22.23 -40.36 12.76
N LEU B 48 22.10 -39.03 12.81
CA LEU B 48 22.71 -38.24 13.90
C LEU B 48 21.89 -38.28 15.17
N PHE B 49 20.65 -38.72 15.06
CA PHE B 49 19.74 -38.70 16.20
C PHE B 49 19.89 -39.98 17.00
N ILE B 50 20.04 -39.81 18.31
CA ILE B 50 20.34 -40.94 19.19
C ILE B 50 19.05 -41.56 19.72
N ASP B 51 18.73 -42.75 19.25
CA ASP B 51 17.51 -43.47 19.64
C ASP B 51 17.87 -44.94 19.76
N LYS B 52 16.87 -45.81 19.95
CA LYS B 52 17.06 -47.29 20.07
C LYS B 52 18.01 -47.85 19.01
N LYS B 53 17.93 -47.33 17.80
CA LYS B 53 18.74 -47.76 16.68
C LYS B 53 20.17 -47.20 16.64
N HIS B 54 20.54 -46.32 17.58
CA HIS B 54 21.84 -45.68 17.54
C HIS B 54 22.90 -46.34 18.38
N PRO B 55 24.09 -46.59 17.80
CA PRO B 55 25.24 -47.15 18.54
C PRO B 55 25.37 -46.63 19.97
N ASP B 56 25.20 -45.33 20.16
CA ASP B 56 25.39 -44.73 21.47
C ASP B 56 24.13 -44.64 22.30
N PHE B 57 23.07 -45.32 21.91
CA PHE B 57 21.85 -45.33 22.70
C PHE B 57 22.18 -45.74 24.12
N GLY B 58 21.49 -45.14 25.08
CA GLY B 58 21.70 -45.44 26.49
C GLY B 58 23.01 -44.89 27.06
N LYS B 59 24.00 -44.59 26.20
CA LYS B 59 25.31 -44.11 26.64
C LYS B 59 25.48 -42.59 26.50
N LYS B 60 25.13 -42.03 25.34
CA LYS B 60 25.22 -40.56 25.10
C LYS B 60 23.90 -39.97 24.67
N LYS B 61 23.73 -38.67 24.93
CA LYS B 61 22.42 -38.02 24.76
C LYS B 61 22.45 -37.03 23.61
N ASN B 62 21.26 -36.78 23.02
CA ASN B 62 21.12 -35.71 22.05
C ASN B 62 21.33 -34.36 22.66
N MET B 63 21.72 -33.38 21.83
CA MET B 63 21.96 -32.03 22.35
C MET B 63 20.71 -31.41 22.96
N THR B 64 20.90 -30.70 24.06
CA THR B 64 19.86 -29.93 24.70
C THR B 64 19.74 -28.60 23.97
N LEU B 65 18.73 -27.83 24.36
CA LEU B 65 18.54 -26.51 23.83
C LEU B 65 19.73 -25.59 24.09
N GLU B 66 20.24 -25.66 25.30
CA GLU B 66 21.41 -24.89 25.70
C GLU B 66 22.57 -25.26 24.81
N GLU B 67 22.70 -26.55 24.54
CA GLU B 67 23.84 -27.04 23.74
C GLU B 67 23.74 -26.59 22.30
N ILE B 68 22.54 -26.70 21.73
CA ILE B 68 22.33 -26.30 20.38
C ILE B 68 22.63 -24.82 20.25
N LEU B 69 22.16 -24.05 21.22
CA LEU B 69 22.35 -22.61 21.18
C LEU B 69 23.84 -22.31 21.24
N ALA B 70 24.57 -23.07 22.04
CA ALA B 70 26.01 -22.87 22.13
C ALA B 70 26.67 -23.17 20.81
N THR B 71 26.30 -24.31 20.21
CA THR B 71 26.93 -24.68 18.95
C THR B 71 26.67 -23.65 17.89
N THR B 72 25.47 -23.08 17.94
CA THR B 72 25.05 -22.14 16.89
C THR B 72 25.70 -20.79 17.07
N VAL B 73 25.74 -20.29 18.29
CA VAL B 73 26.38 -19.03 18.53
C VAL B 73 27.82 -19.16 18.10
N GLN B 74 28.50 -20.25 18.50
CA GLN B 74 29.95 -20.37 18.25
C GLN B 74 30.22 -20.62 16.80
N GLY B 75 29.37 -21.43 16.18
CA GLY B 75 29.49 -21.67 14.77
C GLY B 75 29.41 -20.35 14.01
N THR B 76 28.47 -19.50 14.41
CA THR B 76 28.17 -18.31 13.66
C THR B 76 29.28 -17.31 13.81
N MET B 77 29.91 -17.28 14.97
CA MET B 77 31.02 -16.37 15.19
C MET B 77 32.18 -16.85 14.33
N GLU B 78 32.43 -18.14 14.34
CA GLU B 78 33.58 -18.71 13.64
C GLU B 78 33.46 -18.41 12.15
N HIS B 79 32.33 -18.78 11.54
CA HIS B 79 32.17 -18.59 10.10
C HIS B 79 32.15 -17.16 9.68
N SER B 80 31.88 -16.25 10.60
CA SER B 80 31.82 -14.85 10.27
C SER B 80 33.14 -14.12 10.51
N GLY B 81 34.20 -14.82 10.92
CA GLY B 81 35.50 -14.20 11.18
C GLY B 81 35.55 -13.39 12.48
N LEU B 82 34.76 -13.75 13.49
CA LEU B 82 34.74 -13.01 14.74
C LEU B 82 35.38 -13.74 15.91
N SER B 83 35.88 -14.95 15.66
CA SER B 83 36.59 -15.69 16.73
C SER B 83 37.73 -14.84 17.20
N GLY B 84 37.75 -14.58 18.51
CA GLY B 84 38.82 -13.82 19.13
C GLY B 84 38.53 -12.33 19.22
N ARG B 85 37.43 -11.89 18.61
CA ARG B 85 36.99 -10.51 18.75
C ARG B 85 35.46 -10.41 18.87
N GLU B 86 34.87 -11.38 19.55
CA GLU B 86 33.43 -11.43 19.72
C GLU B 86 32.89 -10.20 20.48
N GLY B 87 33.76 -9.48 21.18
CA GLY B 87 33.37 -8.24 21.87
C GLY B 87 32.85 -7.12 20.99
N ILE B 88 33.12 -7.16 19.69
CA ILE B 88 32.66 -6.09 18.79
C ILE B 88 31.22 -6.31 18.31
N VAL B 89 30.63 -7.47 18.64
CA VAL B 89 29.21 -7.68 18.46
C VAL B 89 28.52 -6.78 19.48
N ASP B 90 27.52 -6.04 19.00
CA ASP B 90 26.88 -5.06 19.85
C ASP B 90 25.67 -5.65 20.56
N GLN B 91 25.03 -6.64 19.92
CA GLN B 91 23.77 -7.19 20.42
C GLN B 91 23.37 -8.51 19.86
N VAL B 92 22.54 -9.19 20.63
CA VAL B 92 22.13 -10.53 20.31
C VAL B 92 20.62 -10.68 20.43
N VAL B 93 20.00 -11.26 19.42
CA VAL B 93 18.55 -11.54 19.44
C VAL B 93 18.39 -13.02 19.12
N VAL B 94 17.55 -13.66 19.90
CA VAL B 94 17.31 -15.07 19.78
C VAL B 94 15.88 -15.34 19.34
N GLY B 95 15.73 -16.08 18.28
CA GLY B 95 14.41 -16.55 17.85
C GLY B 95 14.12 -17.94 18.40
N ASN B 96 13.05 -18.07 19.16
CA ASN B 96 12.66 -19.36 19.71
C ASN B 96 11.17 -19.33 19.96
N PHE B 97 10.47 -20.42 19.70
CA PHE B 97 9.04 -20.41 19.89
C PHE B 97 8.62 -21.09 21.17
N LEU B 98 9.07 -22.34 21.42
CA LEU B 98 8.51 -23.19 22.50
C LEU B 98 9.53 -23.80 23.49
N GLY B 99 10.68 -23.17 23.63
CA GLY B 99 11.63 -23.57 24.65
C GLY B 99 11.04 -23.75 26.03
N GLU B 100 10.14 -22.86 26.41
CA GLU B 100 9.50 -22.90 27.72
CA GLU B 100 9.53 -22.91 27.73
C GLU B 100 8.68 -24.16 27.95
N LEU B 101 8.23 -24.81 26.88
CA LEU B 101 7.42 -26.02 27.02
C LEU B 101 8.28 -27.25 26.81
N PHE B 102 9.03 -27.29 25.72
CA PHE B 102 9.80 -28.47 25.39
C PHE B 102 11.01 -28.68 26.32
N SER B 103 11.59 -27.58 26.82
CA SER B 103 12.82 -27.63 27.63
C SER B 103 12.64 -26.88 28.95
N SER B 104 11.42 -26.48 29.28
CA SER B 104 11.21 -25.77 30.52
C SER B 104 12.13 -24.56 30.62
N GLN B 105 12.48 -23.93 29.52
CA GLN B 105 13.49 -22.87 29.58
C GLN B 105 13.09 -21.67 28.74
N GLY B 106 12.82 -20.56 29.40
CA GLY B 106 12.65 -19.29 28.69
C GLY B 106 13.87 -18.46 28.85
N HIS B 107 13.71 -17.15 28.68
CA HIS B 107 14.77 -16.19 29.02
C HIS B 107 16.04 -16.60 28.34
N LEU B 108 15.96 -16.93 27.04
CA LEU B 108 17.13 -17.31 26.29
C LEU B 108 18.13 -16.18 25.97
N GLY B 109 17.82 -14.95 26.34
CA GLY B 109 18.75 -13.86 26.10
C GLY B 109 20.02 -14.09 26.88
N PRO B 110 19.90 -14.17 28.19
CA PRO B 110 21.11 -14.45 28.96
C PRO B 110 21.72 -15.82 28.72
N ALA B 111 20.92 -16.77 28.19
CA ALA B 111 21.47 -18.08 27.78
C ALA B 111 22.40 -17.80 26.61
N ALA B 112 21.98 -16.93 25.71
CA ALA B 112 22.83 -16.56 24.56
C ALA B 112 24.12 -15.86 25.02
N ILE B 113 24.03 -15.01 26.03
CA ILE B 113 25.19 -14.30 26.50
C ILE B 113 26.22 -15.27 27.05
N GLY B 114 25.75 -16.41 27.56
CA GLY B 114 26.60 -17.39 28.16
C GLY B 114 26.92 -18.52 27.22
N SER B 115 26.66 -18.35 25.93
CA SER B 115 26.78 -19.45 24.98
C SER B 115 28.18 -19.54 24.35
N LEU B 116 28.90 -18.42 24.40
CA LEU B 116 30.20 -18.36 23.78
C LEU B 116 31.18 -19.27 24.51
N THR B 117 30.98 -19.36 25.80
CA THR B 117 31.93 -20.06 26.68
C THR B 117 31.17 -21.10 27.48
N TYR B 118 30.15 -21.70 26.84
CA TYR B 118 29.28 -22.63 27.51
C TYR B 118 30.06 -23.82 28.03
N GLY B 119 29.81 -24.16 29.29
CA GLY B 119 30.48 -25.28 29.95
C GLY B 119 31.92 -25.03 30.37
N GLN B 120 32.38 -23.79 30.35
CA GLN B 120 33.74 -23.43 30.80
C GLN B 120 33.63 -22.36 31.88
N ALA B 121 33.31 -22.82 33.09
CA ALA B 121 33.07 -21.96 34.26
C ALA B 121 34.24 -21.00 34.53
N GLY B 122 33.90 -19.77 34.90
CA GLY B 122 34.89 -18.74 35.20
C GLY B 122 35.52 -17.99 34.02
N SER B 123 35.41 -18.53 32.81
CA SER B 123 36.09 -17.98 31.64
C SER B 123 35.66 -16.55 31.30
N LYS B 124 36.60 -15.71 30.86
CA LYS B 124 36.29 -14.35 30.42
C LYS B 124 35.26 -14.36 29.29
N ASN B 125 34.19 -13.58 29.44
CA ASN B 125 33.09 -13.51 28.47
C ASN B 125 32.98 -12.13 27.83
N PRO B 126 33.33 -12.00 26.55
CA PRO B 126 33.29 -10.70 25.96
C PRO B 126 31.87 -10.25 25.63
N LEU B 127 30.89 -11.15 25.72
CA LEU B 127 29.48 -10.73 25.48
C LEU B 127 28.77 -10.20 26.77
N MET B 128 29.40 -10.27 27.93
CA MET B 128 28.81 -9.78 29.18
C MET B 128 28.27 -8.37 29.08
N TYR B 129 27.04 -8.19 29.53
CA TYR B 129 26.39 -6.89 29.65
C TYR B 129 25.85 -6.28 28.36
N LYS B 130 25.99 -6.98 27.27
CA LYS B 130 25.42 -6.50 26.02
C LYS B 130 23.91 -6.71 25.98
N PRO B 131 23.20 -5.96 25.14
CA PRO B 131 21.75 -6.24 25.03
C PRO B 131 21.45 -7.56 24.37
N ALA B 132 20.51 -8.28 24.94
CA ALA B 132 20.01 -9.52 24.37
C ALA B 132 18.54 -9.70 24.71
N MET B 133 17.82 -10.32 23.79
CA MET B 133 16.45 -10.71 24.07
C MET B 133 16.01 -11.90 23.24
N ARG B 134 14.89 -12.48 23.61
CA ARG B 134 14.23 -13.44 22.74
C ARG B 134 12.98 -12.81 22.11
N VAL B 135 12.80 -13.08 20.82
CA VAL B 135 11.60 -12.67 20.10
C VAL B 135 10.83 -13.91 19.63
N GLU B 136 9.52 -13.76 19.47
CA GLU B 136 8.62 -14.87 19.13
C GLU B 136 7.40 -14.48 18.26
N GLY B 137 7.20 -15.25 17.21
CA GLY B 137 5.98 -15.23 16.42
C GLY B 137 5.86 -16.57 15.76
N ALA B 138 5.71 -17.59 16.58
CA ALA B 138 5.55 -18.91 16.09
C ALA B 138 6.70 -19.30 15.17
N ALA B 139 6.40 -20.00 14.08
CA ALA B 139 7.43 -20.39 13.15
C ALA B 139 8.10 -19.21 12.45
N ALA B 140 7.63 -17.99 12.71
CA ALA B 140 8.24 -16.80 12.11
C ALA B 140 9.30 -16.19 13.05
N SER B 141 9.55 -16.84 14.18
CA SER B 141 10.45 -16.29 15.20
C SER B 141 11.83 -15.91 14.66
N GLY B 142 12.43 -16.76 13.82
CA GLY B 142 13.75 -16.49 13.26
C GLY B 142 13.73 -15.24 12.40
N GLY B 143 12.69 -15.14 11.59
CA GLY B 143 12.51 -14.01 10.70
C GLY B 143 12.37 -12.74 11.52
N LEU B 144 11.60 -12.81 12.60
CA LEU B 144 11.46 -11.68 13.51
C LEU B 144 12.77 -11.31 14.19
N ALA B 145 13.61 -12.30 14.48
CA ALA B 145 14.89 -12.01 15.10
C ALA B 145 15.71 -11.16 14.14
N VAL B 146 15.71 -11.54 12.86
CA VAL B 146 16.40 -10.76 11.84
C VAL B 146 15.89 -9.32 11.73
N ILE B 147 14.57 -9.13 11.70
CA ILE B 147 14.01 -7.77 11.67
C ILE B 147 14.43 -6.96 12.87
N SER B 148 14.39 -7.56 14.05
CA SER B 148 14.84 -6.86 15.24
CA SER B 148 14.83 -6.87 15.24
C SER B 148 16.30 -6.44 15.13
N ALA B 149 17.14 -7.36 14.66
CA ALA B 149 18.58 -7.07 14.55
C ALA B 149 18.78 -5.92 13.55
N MET B 150 18.01 -5.96 12.47
CA MET B 150 18.14 -4.96 11.43
C MET B 150 17.74 -3.60 11.91
N ASN B 151 16.70 -3.55 12.73
CA ASN B 151 16.32 -2.28 13.38
C ASN B 151 17.41 -1.72 14.26
N ALA B 152 17.98 -2.58 15.10
CA ALA B 152 19.11 -2.18 15.91
C ALA B 152 20.21 -1.60 15.02
N LEU B 153 20.55 -2.28 13.94
CA LEU B 153 21.56 -1.77 13.01
C LEU B 153 21.23 -0.39 12.44
N LYS B 154 19.97 -0.16 12.07
CA LYS B 154 19.62 1.11 11.42
C LYS B 154 19.30 2.21 12.44
N SER B 155 19.25 1.88 13.71
CA SER B 155 18.81 2.82 14.73
C SER B 155 19.99 3.54 15.35
N GLY B 156 21.20 3.11 15.03
CA GLY B 156 22.39 3.57 15.71
C GLY B 156 22.61 2.92 17.06
N SER B 157 21.81 1.91 17.41
CA SER B 157 22.05 1.23 18.67
C SER B 157 23.08 0.09 18.49
N ALA B 158 23.28 -0.33 17.24
CA ALA B 158 24.20 -1.43 16.93
C ALA B 158 24.85 -1.13 15.63
N ASP B 159 26.07 -1.63 15.48
CA ASP B 159 26.72 -1.71 14.16
C ASP B 159 26.94 -3.13 13.67
N ILE B 160 27.05 -4.06 14.62
CA ILE B 160 27.16 -5.48 14.31
C ILE B 160 26.17 -6.21 15.22
N THR B 161 25.35 -7.09 14.67
CA THR B 161 24.35 -7.80 15.49
C THR B 161 24.39 -9.27 15.18
N LEU B 162 24.04 -10.08 16.18
CA LEU B 162 23.97 -11.54 16.02
C LEU B 162 22.54 -11.97 16.18
N ALA B 163 22.00 -12.60 15.15
CA ALA B 163 20.61 -13.09 15.19
C ALA B 163 20.72 -14.60 15.09
N VAL B 164 20.26 -15.31 16.12
CA VAL B 164 20.24 -16.76 16.07
C VAL B 164 18.87 -17.26 16.38
N GLY B 165 18.55 -18.40 15.80
CA GLY B 165 17.29 -19.08 16.12
C GLY B 165 17.55 -20.53 16.48
N VAL B 166 16.86 -21.04 17.48
CA VAL B 166 17.06 -22.41 17.87
C VAL B 166 15.77 -23.09 18.34
N GLU B 167 15.75 -24.40 18.27
CA GLU B 167 14.60 -25.14 18.80
C GLU B 167 14.89 -26.61 19.07
N VAL B 168 14.35 -27.12 20.15
CA VAL B 168 14.45 -28.54 20.46
C VAL B 168 13.04 -29.02 20.64
N GLN B 169 12.60 -29.91 19.76
CA GLN B 169 11.22 -30.40 19.72
C GLN B 169 11.14 -31.91 19.91
N THR B 170 12.28 -32.60 19.92
CA THR B 170 12.30 -34.08 20.00
C THR B 170 12.14 -34.63 21.40
N THR B 171 12.01 -33.76 22.40
CA THR B 171 11.78 -34.22 23.80
C THR B 171 10.35 -34.67 24.10
N ALA B 172 9.45 -34.61 23.13
CA ALA B 172 8.13 -35.22 23.32
C ALA B 172 7.65 -35.85 22.02
N SER B 173 6.60 -36.65 22.12
CA SER B 173 6.01 -37.26 20.95
C SER B 173 5.48 -36.17 20.01
N ALA B 174 5.24 -36.56 18.77
CA ALA B 174 4.55 -35.74 17.80
C ALA B 174 3.19 -35.25 18.33
N ARG B 175 2.49 -36.09 19.11
CA ARG B 175 1.16 -35.72 19.62
C ARG B 175 1.22 -34.68 20.71
N VAL B 176 2.05 -34.89 21.71
CA VAL B 176 2.22 -33.89 22.76
C VAL B 176 2.84 -32.62 22.14
N GLY B 177 3.77 -32.83 21.22
CA GLY B 177 4.34 -31.70 20.46
C GLY B 177 3.28 -30.87 19.71
N GLY B 178 2.29 -31.59 19.17
CA GLY B 178 1.22 -30.98 18.46
C GLY B 178 0.39 -30.07 19.27
N ASP B 179 0.17 -30.39 20.53
CA ASP B 179 -0.53 -29.49 21.44
C ASP B 179 0.32 -28.23 21.75
N TYR B 180 1.63 -28.38 21.94
CA TYR B 180 2.52 -27.25 22.20
C TYR B 180 2.53 -26.32 21.01
N LEU B 181 2.65 -26.88 19.80
CA LEU B 181 2.63 -26.11 18.58
C LEU B 181 1.27 -25.42 18.38
N ALA B 182 0.22 -25.98 18.98
CA ALA B 182 -1.12 -25.34 19.01
C ALA B 182 -1.09 -23.93 19.60
N ARG B 183 -0.08 -23.64 20.38
CA ARG B 183 0.13 -22.28 20.92
C ARG B 183 0.19 -21.19 19.86
N ALA B 184 0.54 -21.58 18.64
CA ALA B 184 0.61 -20.69 17.49
C ALA B 184 -0.79 -20.39 16.87
N ALA B 185 -1.80 -21.18 17.22
CA ALA B 185 -3.17 -20.93 16.80
C ALA B 185 -3.88 -20.16 17.89
N ASP B 186 -5.14 -19.85 17.61
CA ASP B 186 -6.08 -19.31 18.58
C ASP B 186 -6.52 -20.53 19.36
N TYR B 187 -5.82 -20.78 20.45
CA TYR B 187 -5.92 -22.07 21.15
C TYR B 187 -7.37 -22.34 21.62
N GLN B 188 -7.96 -21.37 22.34
CA GLN B 188 -9.36 -21.47 22.77
C GLN B 188 -10.27 -21.93 21.63
N ARG B 189 -10.07 -21.38 20.45
CA ARG B 189 -10.94 -21.61 19.29
C ARG B 189 -10.54 -22.85 18.46
N GLN B 190 -9.27 -23.15 18.37
CA GLN B 190 -8.83 -24.06 17.31
C GLN B 190 -8.22 -25.34 17.85
N ARG B 191 -7.90 -25.40 19.13
CA ARG B 191 -7.27 -26.60 19.66
C ARG B 191 -8.16 -27.81 19.44
N GLN B 192 -9.45 -27.62 19.62
CA GLN B 192 -10.41 -28.72 19.47
C GLN B 192 -10.40 -29.42 18.10
N LEU B 193 -9.90 -28.77 17.05
CA LEU B 193 -9.85 -29.41 15.73
C LEU B 193 -9.22 -30.79 15.74
N ASP B 194 -8.09 -30.95 16.42
CA ASP B 194 -7.37 -32.21 16.44
C ASP B 194 -6.16 -32.03 17.33
N ASP B 195 -5.67 -33.12 17.87
CA ASP B 195 -4.49 -33.06 18.69
C ASP B 195 -3.35 -32.47 17.86
N PHE B 196 -3.34 -32.83 16.56
CA PHE B 196 -2.39 -32.29 15.62
C PHE B 196 -3.00 -31.05 14.98
N THR B 197 -3.01 -29.95 15.74
CA THR B 197 -3.84 -28.82 15.41
C THR B 197 -3.43 -28.22 14.10
N PHE B 198 -2.14 -28.10 13.92
CA PHE B 198 -1.68 -27.48 12.73
C PHE B 198 -1.79 -28.30 11.46
N PRO B 199 -1.35 -29.56 11.52
CA PRO B 199 -1.60 -30.43 10.39
C PRO B 199 -3.06 -30.37 10.00
N CYS B 200 -3.94 -30.25 10.99
CA CYS B 200 -5.36 -30.26 10.70
C CYS B 200 -5.77 -28.97 10.05
N LEU B 201 -5.20 -27.87 10.53
CA LEU B 201 -5.52 -26.59 9.93
C LEU B 201 -5.15 -26.56 8.48
N PHE B 202 -4.05 -27.16 8.11
CA PHE B 202 -3.68 -27.24 6.69
C PHE B 202 -4.44 -28.33 5.90
N ALA B 203 -4.90 -29.37 6.57
CA ALA B 203 -5.76 -30.36 5.94
C ALA B 203 -7.04 -29.67 5.50
N LYS B 204 -7.56 -28.83 6.38
CA LYS B 204 -8.79 -28.05 6.15
C LYS B 204 -8.69 -27.11 4.95
N ARG B 205 -7.56 -26.42 4.84
CA ARG B 205 -7.25 -25.63 3.64
C ARG B 205 -7.23 -26.52 2.42
N MET B 206 -6.61 -27.69 2.53
CA MET B 206 -6.53 -28.58 1.36
C MET B 206 -7.93 -29.02 0.91
N LYS B 207 -8.84 -29.19 1.83
CA LYS B 207 -10.18 -29.61 1.47
C LYS B 207 -10.80 -28.53 0.58
N TYR B 208 -10.76 -27.31 1.03
CA TYR B 208 -11.24 -26.14 0.29
C TYR B 208 -10.48 -26.02 -1.03
N ILE B 209 -9.18 -26.27 -1.00
CA ILE B 209 -8.35 -26.19 -2.20
C ILE B 209 -8.79 -27.22 -3.22
N ALA B 210 -9.04 -28.44 -2.78
CA ALA B 210 -9.52 -29.49 -3.70
C ALA B 210 -10.87 -29.15 -4.30
N GLU B 211 -11.82 -28.78 -3.45
CA GLU B 211 -13.14 -28.41 -3.92
C GLU B 211 -13.13 -27.30 -4.99
N HIS B 212 -12.09 -26.45 -5.01
CA HIS B 212 -12.04 -25.33 -5.94
C HIS B 212 -11.08 -25.61 -7.02
N ASN B 213 -10.58 -26.84 -7.03
CA ASN B 213 -9.64 -27.28 -8.04
C ASN B 213 -8.45 -26.33 -8.19
N HIS B 214 -7.95 -25.84 -7.08
CA HIS B 214 -6.79 -24.92 -7.11
C HIS B 214 -5.52 -25.66 -7.40
N PHE B 215 -5.40 -26.83 -6.75
CA PHE B 215 -4.40 -27.80 -7.09
C PHE B 215 -4.75 -29.12 -6.42
N THR B 216 -3.97 -30.16 -6.66
CA THR B 216 -4.32 -31.50 -6.21
C THR B 216 -3.34 -32.10 -5.20
N MET B 217 -3.76 -33.23 -4.64
CA MET B 217 -2.90 -34.01 -3.80
C MET B 217 -1.80 -34.66 -4.59
N GLU B 218 -1.99 -34.80 -5.90
CA GLU B 218 -0.89 -35.20 -6.71
C GLU B 218 0.19 -34.14 -6.67
N ASP B 219 -0.22 -32.90 -6.88
CA ASP B 219 0.70 -31.78 -6.93
C ASP B 219 1.51 -31.68 -5.64
N THR B 220 0.87 -31.89 -4.50
CA THR B 220 1.56 -31.78 -3.26
C THR B 220 2.57 -32.92 -3.03
N ALA B 221 2.24 -34.12 -3.51
CA ALA B 221 3.20 -35.25 -3.56
C ALA B 221 4.45 -34.88 -4.41
N ARG B 222 4.23 -34.13 -5.49
CA ARG B 222 5.37 -33.65 -6.29
C ARG B 222 6.24 -32.69 -5.50
N VAL B 223 5.63 -31.88 -4.66
CA VAL B 223 6.43 -31.01 -3.78
C VAL B 223 7.30 -31.88 -2.85
N ALA B 224 6.69 -32.88 -2.22
CA ALA B 224 7.43 -33.75 -1.33
C ALA B 224 8.57 -34.46 -2.08
N ALA B 225 8.26 -35.07 -3.22
CA ALA B 225 9.30 -35.69 -4.02
C ALA B 225 10.48 -34.74 -4.21
N LYS B 226 10.22 -33.50 -4.59
CA LYS B 226 11.29 -32.53 -4.80
C LYS B 226 12.11 -32.30 -3.50
N ALA B 227 11.40 -32.17 -2.37
CA ALA B 227 12.07 -31.86 -1.11
C ALA B 227 13.02 -32.96 -0.80
N TYR B 228 12.52 -34.18 -0.85
CA TYR B 228 13.29 -35.30 -0.45
C TYR B 228 14.48 -35.53 -1.39
N ALA B 229 14.30 -35.33 -2.71
CA ALA B 229 15.41 -35.44 -3.63
C ALA B 229 16.47 -34.37 -3.28
N ASN B 230 16.05 -33.18 -2.90
CA ASN B 230 17.01 -32.13 -2.51
C ASN B 230 17.70 -32.48 -1.21
N GLY B 231 16.92 -32.94 -0.24
CA GLY B 231 17.46 -33.35 1.02
C GLY B 231 18.57 -34.38 0.86
N ASN B 232 18.37 -35.31 -0.07
CA ASN B 232 19.32 -36.37 -0.34
C ASN B 232 20.69 -35.83 -0.65
N LYS B 233 20.76 -34.59 -1.17
CA LYS B 233 22.04 -33.96 -1.51
C LYS B 233 22.57 -33.07 -0.39
N ASN B 234 21.91 -33.13 0.77
CA ASN B 234 22.22 -32.23 1.89
C ASN B 234 22.45 -32.97 3.22
N PRO B 235 23.70 -33.21 3.56
CA PRO B 235 24.06 -33.91 4.82
C PRO B 235 23.55 -33.25 6.10
N LEU B 236 23.30 -31.95 6.07
CA LEU B 236 22.67 -31.25 7.23
C LEU B 236 21.18 -31.63 7.38
N ALA B 237 20.56 -32.12 6.32
CA ALA B 237 19.10 -32.31 6.30
C ALA B 237 18.63 -33.49 7.20
N HIS B 238 17.66 -33.23 8.04
CA HIS B 238 17.06 -34.21 8.89
C HIS B 238 16.77 -35.47 8.12
N MET B 239 16.12 -35.36 6.97
CA MET B 239 15.75 -36.55 6.19
C MET B 239 16.77 -36.93 5.08
N HIS B 240 18.01 -36.50 5.23
CA HIS B 240 19.08 -36.79 4.25
C HIS B 240 19.11 -38.19 3.71
N THR B 241 18.97 -39.16 4.61
CA THR B 241 19.16 -40.59 4.28
C THR B 241 17.86 -41.28 3.82
N ARG B 242 16.75 -40.57 3.78
CA ARG B 242 15.49 -41.18 3.41
C ARG B 242 15.15 -40.86 1.98
N LYS B 243 14.79 -41.89 1.21
CA LYS B 243 14.41 -41.69 -0.18
C LYS B 243 12.96 -42.02 -0.37
N LEU B 244 12.32 -41.25 -1.20
CA LEU B 244 10.88 -41.35 -1.38
C LEU B 244 10.59 -41.04 -2.81
N THR B 245 9.82 -41.93 -3.44
CA THR B 245 9.40 -41.70 -4.83
C THR B 245 8.15 -40.85 -4.84
N PHE B 246 7.86 -40.26 -5.99
CA PHE B 246 6.58 -39.57 -6.16
C PHE B 246 5.43 -40.49 -5.69
N GLU B 247 5.42 -41.71 -6.20
CA GLU B 247 4.32 -42.63 -5.93
C GLU B 247 4.13 -42.82 -4.44
N GLN B 248 5.24 -42.90 -3.70
CA GLN B 248 5.17 -43.07 -2.26
C GLN B 248 4.59 -41.83 -1.57
N CYS B 249 4.99 -40.65 -2.04
CA CYS B 249 4.47 -39.40 -1.53
C CYS B 249 3.01 -39.22 -1.87
N ASN B 250 2.62 -39.80 -2.99
CA ASN B 250 1.25 -39.78 -3.45
C ASN B 250 0.36 -40.82 -2.76
N GLY B 251 0.90 -41.54 -1.79
CA GLY B 251 0.13 -42.43 -0.94
C GLY B 251 0.00 -43.88 -1.38
N GLU B 252 0.87 -44.33 -2.31
CA GLU B 252 0.86 -45.73 -2.77
C GLU B 252 1.61 -46.64 -1.81
N ASP B 253 2.31 -46.04 -0.85
CA ASP B 253 2.80 -46.75 0.30
C ASP B 253 1.68 -46.74 1.37
N PRO B 254 1.34 -47.92 1.92
CA PRO B 254 0.42 -47.95 3.08
C PRO B 254 1.03 -47.39 4.36
N SER B 255 2.36 -47.40 4.48
CA SER B 255 3.02 -46.77 5.63
C SER B 255 2.99 -45.18 5.62
N ASN B 256 2.51 -44.58 4.53
CA ASN B 256 2.36 -43.12 4.44
C ASN B 256 0.93 -42.80 4.79
N VAL B 257 0.63 -42.84 6.07
CA VAL B 257 -0.76 -42.90 6.53
C VAL B 257 -1.43 -41.55 6.60
N LYS B 258 -2.74 -41.59 6.50
CA LYS B 258 -3.56 -40.44 6.76
C LYS B 258 -3.95 -40.48 8.22
N PHE B 259 -3.20 -39.74 9.02
CA PHE B 259 -3.08 -39.99 10.46
C PHE B 259 -3.92 -39.11 11.39
N LEU B 260 -4.55 -38.08 10.84
CA LEU B 260 -5.39 -37.21 11.66
C LEU B 260 -6.58 -38.02 12.23
N GLY B 261 -7.11 -37.55 13.36
CA GLY B 261 -8.34 -38.09 13.94
C GLY B 261 -9.58 -37.44 13.35
N ASN B 262 -9.50 -36.17 12.92
CA ASN B 262 -10.66 -35.41 12.48
C ASN B 262 -11.19 -35.97 11.17
N GLU B 263 -12.37 -36.59 11.25
CA GLU B 263 -12.94 -37.26 10.07
C GLU B 263 -13.17 -36.30 8.90
N THR B 264 -13.43 -35.02 9.16
CA THR B 264 -13.72 -34.09 8.08
C THR B 264 -12.48 -33.78 7.25
N TYR B 265 -11.30 -33.84 7.84
CA TYR B 265 -10.12 -33.44 7.09
C TYR B 265 -9.11 -34.57 6.91
N LYS B 266 -9.36 -35.68 7.58
CA LYS B 266 -8.49 -36.87 7.55
C LYS B 266 -7.86 -37.17 6.21
N GLU B 267 -8.69 -37.16 5.17
CA GLU B 267 -8.28 -37.65 3.85
C GLU B 267 -7.38 -36.72 3.04
N TYR B 268 -7.13 -35.53 3.54
CA TYR B 268 -6.39 -34.53 2.79
C TYR B 268 -4.94 -34.32 3.24
N LEU B 269 -4.42 -35.19 4.11
CA LEU B 269 -3.06 -35.05 4.62
C LEU B 269 -2.36 -36.39 4.91
N ARG B 270 -1.25 -36.63 4.23
CA ARG B 270 -0.42 -37.79 4.46
C ARG B 270 0.86 -37.39 5.25
N MET B 271 1.46 -38.35 5.97
CA MET B 271 2.65 -38.09 6.75
C MET B 271 3.70 -37.36 5.94
N THR B 272 3.92 -37.79 4.71
CA THR B 272 4.93 -37.16 3.87
C THR B 272 4.60 -35.72 3.45
N ASP B 273 3.40 -35.22 3.75
CA ASP B 273 3.05 -33.82 3.45
C ASP B 273 3.52 -32.93 4.55
N CYS B 274 3.97 -33.52 5.64
CA CYS B 274 4.26 -32.77 6.84
C CYS B 274 5.75 -32.48 6.99
N SER B 275 6.04 -31.29 7.53
CA SER B 275 7.37 -30.93 7.99
C SER B 275 7.80 -31.72 9.24
N GLN B 276 9.08 -31.74 9.49
CA GLN B 276 9.62 -32.64 10.53
C GLN B 276 9.66 -32.02 11.93
N VAL B 277 9.52 -32.89 12.93
CA VAL B 277 9.81 -32.61 14.32
C VAL B 277 11.35 -32.69 14.47
N SER B 278 12.00 -31.52 14.51
CA SER B 278 13.46 -31.47 14.47
C SER B 278 14.03 -30.60 15.57
N ASP B 279 15.30 -30.86 15.88
CA ASP B 279 16.13 -29.97 16.74
C ASP B 279 17.19 -29.32 15.90
N GLY B 280 17.53 -28.09 16.22
CA GLY B 280 18.60 -27.43 15.49
C GLY B 280 18.71 -25.96 15.74
N GLY B 281 19.68 -25.34 15.06
CA GLY B 281 19.91 -23.90 15.16
C GLY B 281 20.45 -23.29 13.86
N ALA B 282 20.21 -21.99 13.69
CA ALA B 282 20.80 -21.25 12.59
C ALA B 282 21.14 -19.86 13.10
N GLY B 283 22.21 -19.31 12.63
CA GLY B 283 22.68 -18.00 13.12
C GLY B 283 23.22 -17.19 11.97
N VAL B 284 23.12 -15.88 12.08
CA VAL B 284 23.64 -14.98 11.07
C VAL B 284 24.26 -13.81 11.82
N VAL B 285 25.30 -13.24 11.25
CA VAL B 285 25.89 -12.00 11.74
C VAL B 285 25.59 -10.90 10.73
N LEU B 286 24.91 -9.86 11.18
CA LEU B 286 24.52 -8.76 10.27
C LEU B 286 25.30 -7.52 10.64
N ALA B 287 25.69 -6.74 9.65
CA ALA B 287 26.46 -5.50 9.89
C ALA B 287 25.93 -4.36 9.06
N ASN B 288 26.03 -3.14 9.58
CA ASN B 288 25.88 -1.92 8.74
C ASN B 288 27.25 -1.51 8.19
N GLU B 289 27.33 -0.41 7.43
CA GLU B 289 28.62 0.05 6.88
C GLU B 289 29.67 0.27 7.96
N GLU B 290 29.25 0.84 9.09
CA GLU B 290 30.17 1.08 10.20
C GLU B 290 30.68 -0.25 10.81
N GLY B 291 29.85 -1.28 10.76
CA GLY B 291 30.22 -2.59 11.23
C GLY B 291 31.23 -3.28 10.32
N LEU B 292 31.08 -3.11 9.02
CA LEU B 292 32.04 -3.70 8.09
C LEU B 292 33.41 -3.08 8.32
N ARG B 293 33.40 -1.77 8.55
CA ARG B 293 34.62 -1.04 8.79
C ARG B 293 35.31 -1.59 10.04
N LYS B 294 34.53 -1.70 11.12
CA LYS B 294 35.01 -2.24 12.39
C LYS B 294 35.62 -3.61 12.20
N MET B 295 35.15 -4.34 11.20
CA MET B 295 35.64 -5.70 10.95
C MET B 295 36.76 -5.75 9.94
N GLY B 296 37.07 -4.59 9.36
CA GLY B 296 38.12 -4.50 8.37
C GLY B 296 37.71 -4.97 7.00
N LEU B 297 36.43 -4.78 6.67
CA LEU B 297 35.88 -5.31 5.44
C LEU B 297 35.28 -4.18 4.63
N SER B 298 35.33 -4.30 3.31
CA SER B 298 34.69 -3.31 2.46
C SER B 298 33.32 -3.85 1.98
N PRO B 299 32.40 -2.92 1.63
CA PRO B 299 31.05 -3.24 1.20
C PRO B 299 30.97 -4.07 -0.04
N ASN B 300 32.08 -4.26 -0.74
CA ASN B 300 32.09 -5.13 -1.89
C ASN B 300 32.84 -6.39 -1.66
N ASP B 301 33.18 -6.67 -0.43
CA ASP B 301 33.84 -7.94 -0.14
C ASP B 301 32.89 -9.06 -0.56
N SER B 302 33.41 -10.05 -1.26
CA SER B 302 32.58 -11.05 -1.90
C SER B 302 32.08 -12.15 -0.93
N ARG B 303 32.47 -12.10 0.35
CA ARG B 303 31.85 -12.96 1.37
C ARG B 303 30.48 -12.40 1.84
N LEU B 304 30.12 -11.19 1.39
CA LEU B 304 28.89 -10.54 1.79
C LEU B 304 27.67 -10.84 0.90
N VAL B 305 26.50 -10.59 1.47
CA VAL B 305 25.23 -10.49 0.76
C VAL B 305 24.47 -9.34 1.41
N GLU B 306 23.81 -8.50 0.61
CA GLU B 306 23.08 -7.34 1.13
C GLU B 306 21.67 -7.74 1.35
N ILE B 307 21.08 -7.33 2.48
CA ILE B 307 19.64 -7.50 2.63
C ILE B 307 19.04 -6.20 2.09
N LYS B 308 18.56 -6.23 0.84
CA LYS B 308 17.96 -5.03 0.21
C LYS B 308 16.74 -4.56 0.97
N SER B 309 15.91 -5.50 1.39
CA SER B 309 14.73 -5.16 2.16
C SER B 309 14.24 -6.29 3.03
N ILE B 310 13.44 -5.94 4.01
CA ILE B 310 12.80 -6.95 4.84
C ILE B 310 11.45 -6.37 5.27
N ALA B 311 10.43 -7.22 5.39
CA ALA B 311 9.10 -6.76 5.74
C ALA B 311 8.38 -7.80 6.56
N CYS B 312 7.64 -7.31 7.54
CA CYS B 312 6.79 -8.08 8.38
C CYS B 312 5.32 -7.62 8.26
N ALA B 313 4.40 -8.59 8.23
CA ALA B 313 3.00 -8.32 8.09
C ALA B 313 2.27 -9.29 8.99
N VAL B 314 1.44 -8.80 9.90
CA VAL B 314 0.73 -9.69 10.81
C VAL B 314 -0.78 -9.50 10.71
N SER B 315 -1.56 -10.60 10.63
CA SER B 315 -3.03 -10.48 10.56
C SER B 315 -3.69 -10.79 11.89
N ASN B 316 -4.96 -11.16 11.91
CA ASN B 316 -5.73 -11.37 13.15
C ASN B 316 -5.79 -12.84 13.60
N LEU B 317 -5.19 -13.14 14.76
CA LEU B 317 -5.16 -14.51 15.28
C LEU B 317 -6.56 -15.10 15.36
N TYR B 318 -7.53 -14.26 15.66
CA TYR B 318 -8.88 -14.69 15.99
C TYR B 318 -9.84 -14.88 14.81
N GLU B 319 -9.49 -14.41 13.62
CA GLU B 319 -10.36 -14.53 12.45
C GLU B 319 -9.61 -15.02 11.25
N ASP B 320 -10.17 -16.01 10.56
CA ASP B 320 -9.61 -16.55 9.32
C ASP B 320 -10.37 -16.02 8.06
N PRO B 321 -9.65 -15.76 6.98
CA PRO B 321 -10.37 -15.42 5.77
C PRO B 321 -10.95 -16.66 5.13
N ASP B 322 -12.02 -16.47 4.38
CA ASP B 322 -12.71 -17.59 3.75
C ASP B 322 -11.87 -18.30 2.71
N ASP B 323 -11.08 -17.55 1.96
CA ASP B 323 -10.36 -18.13 0.82
C ASP B 323 -9.05 -18.80 1.24
N ALA B 324 -9.12 -20.10 1.47
CA ALA B 324 -7.96 -20.90 1.87
C ALA B 324 -6.96 -21.06 0.75
N CYS B 325 -7.34 -20.66 -0.47
CA CYS B 325 -6.45 -20.73 -1.61
C CYS B 325 -5.48 -19.57 -1.66
N CYS B 326 -5.57 -18.64 -0.69
CA CYS B 326 -4.73 -17.45 -0.66
C CYS B 326 -4.18 -17.22 0.74
N MET B 327 -2.87 -17.11 0.82
CA MET B 327 -2.20 -16.69 2.03
C MET B 327 -2.04 -15.17 2.01
N PHE B 328 -3.08 -14.47 2.46
CA PHE B 328 -3.11 -13.01 2.35
C PHE B 328 -1.97 -12.35 3.11
N THR B 329 -1.65 -12.86 4.29
CA THR B 329 -0.67 -12.21 5.14
C THR B 329 0.71 -12.35 4.53
N SER B 330 1.03 -13.55 4.09
CA SER B 330 2.32 -13.79 3.43
C SER B 330 2.48 -12.99 2.16
N ARG B 331 1.39 -12.85 1.42
CA ARG B 331 1.45 -12.09 0.19
C ARG B 331 1.69 -10.61 0.43
N GLN B 332 1.10 -10.07 1.47
CA GLN B 332 1.38 -8.68 1.87
C GLN B 332 2.87 -8.48 2.16
N ALA B 333 3.43 -9.36 3.01
CA ALA B 333 4.83 -9.25 3.32
C ALA B 333 5.72 -9.40 2.10
N ALA B 334 5.46 -10.40 1.26
CA ALA B 334 6.25 -10.57 0.04
C ALA B 334 6.19 -9.30 -0.83
N GLN B 335 5.01 -8.69 -0.98
CA GLN B 335 4.87 -7.49 -1.81
C GLN B 335 5.53 -6.25 -1.22
N LYS B 336 5.45 -6.06 0.09
CA LYS B 336 6.21 -4.98 0.72
C LYS B 336 7.68 -5.18 0.43
N ALA B 337 8.20 -6.39 0.61
CA ALA B 337 9.66 -6.57 0.49
C ALA B 337 10.14 -6.36 -0.96
N LEU B 338 9.46 -6.99 -1.91
CA LEU B 338 9.90 -6.86 -3.30
C LEU B 338 9.81 -5.41 -3.75
N SER B 339 8.74 -4.76 -3.35
CA SER B 339 8.57 -3.35 -3.65
C SER B 339 9.69 -2.48 -3.03
N MET B 340 9.96 -2.62 -1.74
CA MET B 340 11.04 -1.85 -1.11
C MET B 340 12.37 -2.09 -1.80
N ALA B 341 12.59 -3.31 -2.27
CA ALA B 341 13.79 -3.67 -3.09
C ALA B 341 13.67 -3.31 -4.52
N ASN B 342 12.51 -2.81 -4.91
CA ASN B 342 12.32 -2.34 -6.25
C ASN B 342 12.59 -3.38 -7.33
N ILE B 343 12.15 -4.61 -7.06
CA ILE B 343 12.19 -5.69 -8.04
C ILE B 343 10.84 -6.39 -8.11
N LYS B 344 10.71 -7.31 -9.05
CA LYS B 344 9.52 -8.11 -9.22
C LYS B 344 9.87 -9.58 -8.98
N PRO B 345 8.87 -10.45 -8.82
CA PRO B 345 9.10 -11.85 -8.61
C PRO B 345 9.88 -12.51 -9.73
N SER B 346 9.66 -12.06 -10.96
CA SER B 346 10.36 -12.63 -12.12
C SER B 346 11.85 -12.36 -12.09
N ASP B 347 12.28 -11.34 -11.36
CA ASP B 347 13.72 -11.03 -11.22
C ASP B 347 14.47 -11.97 -10.27
N LEU B 348 13.73 -12.82 -9.52
CA LEU B 348 14.34 -13.68 -8.49
C LEU B 348 15.01 -14.87 -9.14
N ASN B 349 16.15 -15.29 -8.61
CA ASN B 349 16.95 -16.42 -9.13
C ASN B 349 16.87 -17.61 -8.22
N VAL B 350 16.51 -17.37 -6.95
CA VAL B 350 16.32 -18.43 -5.97
C VAL B 350 15.39 -17.93 -4.86
N ALA B 351 14.72 -18.85 -4.19
CA ALA B 351 13.88 -18.51 -3.03
C ALA B 351 13.90 -19.60 -1.99
N GLU B 352 13.64 -19.20 -0.77
CA GLU B 352 13.30 -20.12 0.31
C GLU B 352 11.90 -19.76 0.78
N VAL B 353 11.03 -20.76 0.93
CA VAL B 353 9.68 -20.51 1.41
C VAL B 353 9.24 -21.54 2.45
N HIS B 354 8.18 -21.17 3.16
CA HIS B 354 7.84 -21.80 4.44
C HIS B 354 6.96 -22.99 4.18
N ASP B 355 7.58 -24.08 3.73
CA ASP B 355 6.85 -25.31 3.40
C ASP B 355 6.49 -26.17 4.62
N CYS B 356 5.74 -25.63 5.58
CA CYS B 356 5.49 -26.41 6.77
C CYS B 356 4.61 -27.62 6.45
N PHE B 357 3.92 -27.52 5.31
CA PHE B 357 3.32 -28.67 4.70
C PHE B 357 3.52 -28.50 3.23
N THR B 358 3.32 -29.57 2.46
CA THR B 358 3.43 -29.48 1.01
C THR B 358 2.39 -28.46 0.52
N ILE B 359 1.24 -28.47 1.18
CA ILE B 359 0.17 -27.53 0.91
C ILE B 359 0.65 -26.08 1.04
N ALA B 360 1.50 -25.81 2.02
CA ALA B 360 2.03 -24.48 2.20
C ALA B 360 2.90 -24.07 1.05
N GLU B 361 3.82 -24.93 0.65
CA GLU B 361 4.74 -24.57 -0.44
C GLU B 361 3.96 -24.10 -1.68
N MET B 362 2.91 -24.82 -2.07
CA MET B 362 2.10 -24.42 -3.24
C MET B 362 1.58 -23.04 -3.03
N LEU B 363 0.92 -22.81 -1.90
CA LEU B 363 0.38 -21.51 -1.54
C LEU B 363 1.44 -20.37 -1.50
N MET B 364 2.66 -20.73 -1.09
CA MET B 364 3.75 -19.77 -0.99
C MET B 364 4.24 -19.32 -2.34
N TYR B 365 4.21 -20.20 -3.34
CA TYR B 365 4.60 -19.79 -4.69
C TYR B 365 3.75 -18.64 -5.15
N GLU B 366 2.47 -18.70 -4.82
CA GLU B 366 1.53 -17.65 -5.23
C GLU B 366 1.67 -16.44 -4.30
N ALA B 367 1.87 -16.65 -3.00
CA ALA B 367 2.07 -15.54 -2.04
C ALA B 367 3.32 -14.73 -2.41
N LEU B 368 4.41 -15.42 -2.75
CA LEU B 368 5.67 -14.77 -3.16
C LEU B 368 5.54 -14.06 -4.50
N GLY B 369 4.70 -14.62 -5.35
CA GLY B 369 4.33 -14.02 -6.61
C GLY B 369 4.96 -14.70 -7.82
N ILE B 370 5.71 -15.77 -7.59
CA ILE B 370 6.40 -16.47 -8.69
C ILE B 370 5.43 -17.28 -9.53
N ALA B 371 4.23 -17.51 -9.02
CA ALA B 371 3.11 -17.97 -9.81
C ALA B 371 1.93 -17.08 -9.56
N GLU B 372 1.05 -16.98 -10.55
CA GLU B 372 -0.18 -16.20 -10.40
C GLU B 372 -1.17 -17.04 -9.64
N TYR B 373 -2.23 -16.39 -9.14
CA TYR B 373 -3.22 -17.08 -8.39
C TYR B 373 -3.71 -18.26 -9.23
N GLY B 374 -3.64 -19.46 -8.67
CA GLY B 374 -4.09 -20.66 -9.34
C GLY B 374 -3.09 -21.38 -10.22
N HIS B 375 -1.85 -20.89 -10.29
CA HIS B 375 -0.88 -21.43 -11.23
C HIS B 375 0.29 -22.04 -10.55
N ALA B 376 0.25 -22.18 -9.24
CA ALA B 376 1.34 -22.91 -8.57
C ALA B 376 1.48 -24.33 -9.15
N LYS B 377 0.35 -24.93 -9.54
CA LYS B 377 0.37 -26.27 -10.11
C LYS B 377 1.18 -26.35 -11.39
N ASP B 378 1.14 -25.30 -12.19
CA ASP B 378 1.91 -25.26 -13.42
C ASP B 378 3.38 -25.40 -13.06
N LEU B 379 3.83 -24.59 -12.12
CA LEU B 379 5.24 -24.53 -11.77
C LEU B 379 5.73 -25.89 -11.28
N ILE B 380 4.94 -26.54 -10.43
CA ILE B 380 5.33 -27.83 -9.88
C ILE B 380 5.27 -28.92 -10.95
N ARG B 381 4.27 -28.83 -11.82
CA ARG B 381 4.09 -29.84 -12.86
C ARG B 381 5.21 -29.85 -13.89
N ASN B 382 5.85 -28.72 -14.13
CA ASN B 382 6.96 -28.81 -15.07
C ASN B 382 8.31 -28.53 -14.44
N GLY B 383 8.39 -28.68 -13.13
CA GLY B 383 9.68 -28.68 -12.41
C GLY B 383 10.42 -27.33 -12.37
N ASP B 384 9.69 -26.23 -12.50
CA ASP B 384 10.30 -24.89 -12.49
C ASP B 384 11.01 -24.52 -11.18
N THR B 385 10.64 -25.19 -10.08
CA THR B 385 11.19 -24.90 -8.78
C THR B 385 12.16 -25.99 -8.29
N THR B 386 12.54 -26.91 -9.18
CA THR B 386 13.58 -27.90 -8.86
C THR B 386 14.92 -27.23 -9.03
N LEU B 387 16.00 -27.92 -8.67
CA LEU B 387 17.34 -27.36 -8.80
C LEU B 387 17.67 -26.92 -10.22
N GLU B 388 17.12 -27.62 -11.22
CA GLU B 388 17.42 -27.27 -12.62
C GLU B 388 16.34 -26.43 -13.25
N GLY B 389 15.32 -26.08 -12.45
CA GLY B 389 14.24 -25.23 -12.92
C GLY B 389 14.68 -23.78 -12.95
N ARG B 390 13.83 -22.92 -13.47
CA ARG B 390 14.22 -21.52 -13.64
C ARG B 390 14.10 -20.70 -12.34
N ILE B 391 13.29 -21.16 -11.37
CA ILE B 391 13.27 -20.51 -10.07
C ILE B 391 13.34 -21.59 -8.98
N PRO B 392 14.54 -22.06 -8.69
CA PRO B 392 14.67 -23.05 -7.63
C PRO B 392 14.19 -22.57 -6.25
N VAL B 393 13.41 -23.41 -5.56
CA VAL B 393 12.91 -23.11 -4.22
C VAL B 393 13.27 -24.24 -3.24
N ASN B 394 13.70 -23.83 -2.03
CA ASN B 394 14.02 -24.78 -0.95
C ASN B 394 15.01 -25.88 -1.44
N THR B 395 16.13 -25.40 -1.93
CA THR B 395 17.13 -26.20 -2.59
C THR B 395 17.78 -27.29 -1.73
N GLY B 396 17.83 -27.06 -0.44
CA GLY B 396 18.45 -27.99 0.48
C GLY B 396 17.46 -28.94 1.15
N GLY B 397 16.21 -28.85 0.74
CA GLY B 397 15.16 -29.73 1.24
C GLY B 397 13.99 -29.11 2.00
N GLY B 398 14.06 -27.81 2.27
CA GLY B 398 12.99 -27.16 3.00
C GLY B 398 12.63 -27.81 4.33
N LEU B 399 11.56 -27.32 4.92
CA LEU B 399 11.07 -27.80 6.20
C LEU B 399 10.69 -29.25 6.13
N LEU B 400 10.21 -29.68 4.97
CA LEU B 400 9.82 -31.10 4.77
C LEU B 400 10.98 -32.09 4.94
N SER B 401 12.16 -31.75 4.46
CA SER B 401 13.30 -32.67 4.49
C SER B 401 14.49 -32.14 5.27
N PHE B 402 14.96 -30.95 4.94
CA PHE B 402 15.96 -30.29 5.79
C PHE B 402 15.47 -30.39 7.23
N GLY B 403 14.20 -30.06 7.47
CA GLY B 403 13.62 -30.17 8.80
C GLY B 403 13.14 -28.83 9.30
N HIS B 404 12.53 -28.84 10.48
CA HIS B 404 11.80 -27.67 10.98
C HIS B 404 11.88 -27.49 12.49
N PRO B 405 13.06 -27.12 12.99
CA PRO B 405 13.16 -26.70 14.37
C PRO B 405 12.67 -25.26 14.33
N VAL B 406 11.47 -25.04 14.85
CA VAL B 406 10.64 -23.92 14.36
C VAL B 406 11.37 -22.57 14.46
N GLY B 407 11.94 -22.24 15.63
CA GLY B 407 12.65 -20.96 15.86
C GLY B 407 13.82 -20.74 14.90
N ALA B 408 14.43 -21.82 14.43
CA ALA B 408 15.62 -21.70 13.59
C ALA B 408 15.29 -21.45 12.12
N THR B 409 14.13 -21.92 11.69
CA THR B 409 13.77 -21.88 10.27
C THR B 409 13.96 -20.54 9.56
N GLY B 410 13.40 -19.49 10.12
CA GLY B 410 13.54 -18.15 9.48
C GLY B 410 14.97 -17.75 9.18
N ILE B 411 15.89 -18.08 10.09
CA ILE B 411 17.29 -17.68 9.87
C ILE B 411 17.95 -18.68 8.93
N LYS B 412 17.56 -19.95 9.00
CA LYS B 412 18.07 -20.95 8.11
C LYS B 412 17.75 -20.56 6.68
N GLN B 413 16.52 -20.12 6.46
CA GLN B 413 16.12 -19.66 5.13
C GLN B 413 17.11 -18.62 4.58
N ILE B 414 17.37 -17.60 5.38
CA ILE B 414 18.29 -16.54 4.97
C ILE B 414 19.65 -17.11 4.63
N MET B 415 20.11 -18.07 5.44
CA MET B 415 21.46 -18.59 5.30
C MET B 415 21.58 -19.50 4.11
N GLU B 416 20.49 -20.18 3.76
CA GLU B 416 20.49 -20.98 2.59
C GLU B 416 20.63 -20.14 1.35
N VAL B 417 19.88 -19.06 1.26
CA VAL B 417 20.08 -18.19 0.11
C VAL B 417 21.55 -17.68 0.10
N TYR B 418 22.05 -17.27 1.26
CA TYR B 418 23.48 -16.91 1.39
C TYR B 418 24.42 -17.93 0.79
N ARG B 419 24.25 -19.17 1.23
CA ARG B 419 25.16 -20.23 0.88
C ARG B 419 25.15 -20.50 -0.62
N GLN B 420 23.97 -20.48 -1.25
CA GLN B 420 23.88 -20.69 -2.68
C GLN B 420 24.58 -19.52 -3.34
N MET B 421 24.32 -18.33 -2.85
CA MET B 421 24.99 -17.14 -3.39
C MET B 421 26.53 -17.20 -3.28
N LYS B 422 27.05 -17.78 -2.20
CA LYS B 422 28.50 -17.82 -1.98
C LYS B 422 29.11 -19.12 -2.48
N GLY B 423 28.31 -19.95 -3.14
CA GLY B 423 28.84 -21.19 -3.74
C GLY B 423 29.09 -22.28 -2.73
N GLN B 424 28.46 -22.20 -1.57
CA GLN B 424 28.82 -23.09 -0.45
C GLN B 424 27.98 -24.38 -0.30
N CYS B 425 27.09 -24.69 -1.25
CA CYS B 425 26.10 -25.74 -1.05
C CYS B 425 26.48 -27.15 -1.53
N GLU B 426 27.71 -27.31 -2.03
CA GLU B 426 28.26 -28.63 -2.36
C GLU B 426 27.35 -29.44 -3.32
N ALA B 427 26.79 -30.56 -2.85
CA ALA B 427 26.03 -31.44 -3.72
C ALA B 427 24.73 -30.77 -4.26
N TYR B 428 24.13 -29.81 -3.56
CA TYR B 428 22.98 -29.08 -4.10
C TYR B 428 23.28 -27.64 -4.52
N GLN B 429 24.56 -27.30 -4.68
CA GLN B 429 24.91 -25.98 -5.16
C GLN B 429 24.29 -25.78 -6.53
N MET B 430 23.72 -24.60 -6.75
CA MET B 430 23.16 -24.23 -8.05
C MET B 430 24.30 -23.89 -8.99
N LYS B 431 24.22 -24.38 -10.22
CA LYS B 431 25.30 -24.20 -11.19
C LYS B 431 25.40 -22.77 -11.71
N LYS B 432 24.30 -22.04 -11.69
CA LYS B 432 24.32 -20.62 -11.96
C LYS B 432 24.08 -19.82 -10.64
N ILE B 433 25.13 -19.16 -10.16
CA ILE B 433 25.06 -18.46 -8.91
C ILE B 433 23.97 -17.44 -9.05
N PRO B 434 23.09 -17.37 -8.04
CA PRO B 434 21.97 -16.42 -8.05
C PRO B 434 22.35 -15.02 -7.61
N ALA B 435 21.79 -13.99 -8.25
CA ALA B 435 22.13 -12.58 -7.95
C ALA B 435 21.14 -12.01 -6.96
N LEU B 436 19.89 -12.48 -7.10
CA LEU B 436 18.83 -12.04 -6.24
C LEU B 436 18.14 -13.26 -5.68
N GLY B 437 17.72 -13.14 -4.42
CA GLY B 437 16.96 -14.19 -3.78
C GLY B 437 15.95 -13.58 -2.84
N ALA B 438 14.94 -14.36 -2.48
CA ALA B 438 13.94 -13.95 -1.53
C ALA B 438 13.61 -15.06 -0.54
N THR B 439 13.17 -14.65 0.64
CA THR B 439 12.72 -15.62 1.62
C THR B 439 11.31 -15.24 2.01
N LEU B 440 10.56 -16.25 2.45
CA LEU B 440 9.23 -16.03 2.97
C LEU B 440 9.03 -17.01 4.14
N ASN B 441 8.86 -16.44 5.32
CA ASN B 441 8.83 -17.15 6.59
C ASN B 441 7.48 -16.89 7.21
N MET B 442 6.87 -17.90 7.78
CA MET B 442 5.48 -17.80 8.23
C MET B 442 5.26 -18.30 9.65
N GLY B 443 4.49 -17.54 10.41
CA GLY B 443 4.09 -17.95 11.75
C GLY B 443 2.61 -18.36 11.76
N GLY B 444 2.33 -19.51 12.39
CA GLY B 444 0.98 -19.98 12.48
C GLY B 444 0.29 -20.18 11.13
N ASP B 445 -1.02 -19.98 11.07
CA ASP B 445 -1.79 -20.22 9.85
C ASP B 445 -1.88 -18.93 9.04
N ASP B 446 -0.73 -18.55 8.48
CA ASP B 446 -0.58 -17.30 7.77
C ASP B 446 -1.03 -16.11 8.62
N LYS B 447 -0.68 -16.14 9.91
CA LYS B 447 -0.99 -15.02 10.79
C LYS B 447 0.16 -14.05 10.99
N THR B 448 1.41 -14.51 10.87
CA THR B 448 2.58 -13.63 10.82
C THR B 448 3.38 -14.02 9.58
N ALA B 449 3.91 -13.03 8.86
CA ALA B 449 4.83 -13.34 7.76
C ALA B 449 6.00 -12.40 7.77
N VAL B 450 7.17 -12.91 7.41
CA VAL B 450 8.35 -12.09 7.20
C VAL B 450 8.98 -12.49 5.89
N SER B 451 9.41 -11.51 5.12
CA SER B 451 10.01 -11.76 3.79
C SER B 451 11.20 -10.82 3.63
N ALA B 452 12.24 -11.33 3.01
CA ALA B 452 13.46 -10.52 2.84
C ALA B 452 13.93 -10.68 1.40
N VAL B 453 14.58 -9.63 0.89
CA VAL B 453 15.19 -9.71 -0.42
C VAL B 453 16.67 -9.54 -0.26
N LEU B 454 17.41 -10.45 -0.88
CA LEU B 454 18.83 -10.58 -0.71
C LEU B 454 19.52 -10.37 -2.05
N GLN B 455 20.61 -9.60 -2.02
CA GLN B 455 21.37 -9.29 -3.19
C GLN B 455 22.80 -9.72 -3.06
N ASN B 456 23.22 -10.62 -3.96
CA ASN B 456 24.57 -11.12 -3.95
C ASN B 456 25.59 -10.00 -4.23
N ILE B 457 26.74 -10.09 -3.58
CA ILE B 457 27.81 -9.10 -3.70
C ILE B 457 29.10 -9.86 -4.05
N ALA C 28 -16.48 -14.30 -16.51
CA ALA C 28 -16.44 -13.62 -15.19
C ALA C 28 -15.82 -12.19 -15.24
N SER C 29 -15.46 -11.71 -14.03
CA SER C 29 -14.62 -10.50 -13.74
C SER C 29 -15.40 -9.38 -12.97
N ARG C 30 -15.47 -9.54 -11.65
CA ARG C 30 -16.27 -8.67 -10.79
C ARG C 30 -15.47 -7.43 -10.38
N VAL C 31 -16.14 -6.28 -10.24
CA VAL C 31 -15.46 -5.03 -9.90
C VAL C 31 -16.05 -4.46 -8.60
N PHE C 32 -15.15 -3.97 -7.74
CA PHE C 32 -15.48 -3.53 -6.41
C PHE C 32 -14.99 -2.13 -6.11
N ILE C 33 -15.82 -1.35 -5.42
CA ILE C 33 -15.44 -0.06 -4.89
C ILE C 33 -14.85 -0.36 -3.52
N VAL C 34 -13.57 -0.05 -3.36
CA VAL C 34 -12.85 -0.39 -2.14
C VAL C 34 -12.91 0.78 -1.19
N GLY C 35 -12.94 1.98 -1.76
CA GLY C 35 -13.06 3.20 -0.97
C GLY C 35 -12.98 4.43 -1.85
N GLY C 36 -13.20 5.61 -1.27
CA GLY C 36 -13.04 6.85 -1.99
C GLY C 36 -13.04 8.08 -1.12
N HIS C 37 -13.20 9.24 -1.74
CA HIS C 37 -13.05 10.52 -1.05
C HIS C 37 -13.67 11.63 -1.81
N ILE C 38 -14.45 12.45 -1.10
CA ILE C 38 -15.06 13.66 -1.69
C ILE C 38 -14.56 14.82 -0.90
N THR C 39 -13.99 15.81 -1.57
CA THR C 39 -13.55 17.03 -0.87
C THR C 39 -14.80 17.83 -0.53
N PRO C 40 -14.66 18.81 0.37
CA PRO C 40 -15.69 19.85 0.47
C PRO C 40 -15.85 20.48 -0.91
N PHE C 41 -17.07 20.88 -1.28
CA PHE C 41 -17.29 21.53 -2.55
C PHE C 41 -17.51 23.01 -2.23
N VAL C 42 -16.73 23.90 -2.86
CA VAL C 42 -16.61 25.30 -2.44
C VAL C 42 -16.80 26.33 -3.56
N GLY C 43 -17.44 27.43 -3.25
CA GLY C 43 -17.63 28.56 -4.19
C GLY C 43 -18.42 29.68 -3.53
N LYS C 44 -18.85 30.69 -4.31
CA LYS C 44 -19.57 31.82 -3.72
C LYS C 44 -20.72 31.29 -2.90
N GLY C 45 -20.83 31.74 -1.66
CA GLY C 45 -21.91 31.29 -0.77
C GLY C 45 -21.45 30.30 0.29
N SER C 46 -20.31 29.67 0.09
CA SER C 46 -19.74 28.77 1.10
C SER C 46 -18.87 29.58 2.04
N PRO C 47 -18.97 29.32 3.35
CA PRO C 47 -18.05 29.97 4.31
C PRO C 47 -16.61 29.55 4.13
N LEU C 48 -16.37 28.41 3.46
CA LEU C 48 -15.01 27.97 3.15
C LEU C 48 -14.38 28.72 1.98
N PHE C 49 -15.20 29.41 1.21
CA PHE C 49 -14.73 30.09 0.02
C PHE C 49 -14.21 31.48 0.36
N ILE C 50 -12.96 31.75 -0.04
CA ILE C 50 -12.26 32.95 0.36
C ILE C 50 -12.52 34.05 -0.65
N ASP C 51 -13.31 35.03 -0.25
CA ASP C 51 -13.68 36.15 -1.12
C ASP C 51 -13.50 37.42 -0.32
N LYS C 52 -13.86 38.56 -0.92
CA LYS C 52 -13.71 39.87 -0.28
C LYS C 52 -14.18 39.88 1.17
N LYS C 53 -15.26 39.16 1.44
CA LYS C 53 -15.84 39.14 2.77
C LYS C 53 -15.12 38.22 3.76
N HIS C 54 -14.20 37.39 3.30
CA HIS C 54 -13.66 36.33 4.16
C HIS C 54 -12.55 36.87 5.01
N PRO C 55 -12.55 36.52 6.31
CA PRO C 55 -11.47 36.88 7.24
C PRO C 55 -10.06 36.85 6.63
N ASP C 56 -9.75 35.80 5.89
CA ASP C 56 -8.42 35.63 5.33
C ASP C 56 -8.27 36.17 3.92
N PHE C 57 -9.22 36.98 3.45
CA PHE C 57 -9.08 37.56 2.11
C PHE C 57 -7.76 38.27 1.97
N GLY C 58 -7.15 38.16 0.79
CA GLY C 58 -5.85 38.80 0.54
C GLY C 58 -4.67 38.12 1.23
N LYS C 59 -4.91 37.36 2.30
CA LYS C 59 -3.86 36.71 3.08
C LYS C 59 -3.67 35.25 2.67
N LYS C 60 -4.78 34.50 2.57
CA LYS C 60 -4.75 33.09 2.12
C LYS C 60 -5.66 32.84 0.93
N LYS C 61 -5.35 31.82 0.15
CA LYS C 61 -6.01 31.59 -1.13
C LYS C 61 -6.78 30.29 -1.17
N ASN C 62 -7.79 30.24 -2.05
CA ASN C 62 -8.48 28.99 -2.35
C ASN C 62 -7.56 28.02 -3.08
N MET C 63 -7.84 26.74 -2.96
CA MET C 63 -7.00 25.73 -3.59
C MET C 63 -6.95 25.90 -5.11
N THR C 64 -5.79 25.63 -5.68
CA THR C 64 -5.61 25.48 -7.11
C THR C 64 -6.00 24.06 -7.57
N LEU C 65 -6.07 23.89 -8.89
CA LEU C 65 -6.41 22.61 -9.49
C LEU C 65 -5.43 21.55 -9.06
N GLU C 66 -4.16 21.92 -9.06
CA GLU C 66 -3.10 21.01 -8.62
C GLU C 66 -3.37 20.61 -7.20
N GLU C 67 -3.77 21.58 -6.39
CA GLU C 67 -3.97 21.34 -4.95
C GLU C 67 -5.15 20.40 -4.70
N ILE C 68 -6.26 20.67 -5.39
CA ILE C 68 -7.41 19.85 -5.28
C ILE C 68 -7.13 18.43 -5.70
N LEU C 69 -6.36 18.28 -6.78
CA LEU C 69 -6.06 17.01 -7.33
C LEU C 69 -5.19 16.28 -6.35
N ALA C 70 -4.25 16.98 -5.72
CA ALA C 70 -3.46 16.36 -4.65
C ALA C 70 -4.30 15.93 -3.48
N THR C 71 -5.14 16.80 -2.95
CA THR C 71 -5.97 16.43 -1.81
C THR C 71 -6.82 15.21 -2.14
N THR C 72 -7.30 15.12 -3.39
CA THR C 72 -8.25 14.09 -3.76
C THR C 72 -7.55 12.75 -3.98
N VAL C 73 -6.40 12.78 -4.65
CA VAL C 73 -5.63 11.58 -4.83
C VAL C 73 -5.21 11.05 -3.48
N GLN C 74 -4.74 11.92 -2.59
CA GLN C 74 -4.28 11.46 -1.26
C GLN C 74 -5.42 11.02 -0.36
N GLY C 75 -6.52 11.77 -0.40
CA GLY C 75 -7.70 11.40 0.37
C GLY C 75 -8.16 10.01 -0.01
N THR C 76 -8.18 9.74 -1.31
CA THR C 76 -8.73 8.52 -1.80
C THR C 76 -7.84 7.33 -1.45
N MET C 77 -6.53 7.54 -1.45
CA MET C 77 -5.63 6.48 -1.06
C MET C 77 -5.81 6.19 0.41
N GLU C 78 -5.91 7.25 1.22
CA GLU C 78 -6.03 7.11 2.67
C GLU C 78 -7.28 6.32 3.03
N HIS C 79 -8.43 6.76 2.56
CA HIS C 79 -9.68 6.08 2.92
C HIS C 79 -9.78 4.69 2.41
N SER C 80 -8.99 4.34 1.40
CA SER C 80 -9.05 3.03 0.81
C SER C 80 -8.06 2.04 1.43
N GLY C 81 -7.29 2.49 2.41
CA GLY C 81 -6.28 1.65 3.06
C GLY C 81 -5.02 1.44 2.24
N LEU C 82 -4.66 2.38 1.38
CA LEU C 82 -3.49 2.22 0.52
C LEU C 82 -2.30 3.09 0.94
N SER C 83 -2.46 3.89 1.99
CA SER C 83 -1.35 4.72 2.46
C SER C 83 -0.19 3.80 2.76
N GLY C 84 0.95 4.04 2.12
CA GLY C 84 2.16 3.26 2.41
C GLY C 84 2.34 2.08 1.48
N ARG C 85 1.33 1.82 0.65
CA ARG C 85 1.48 0.85 -0.42
C ARG C 85 0.79 1.31 -1.72
N GLU C 86 0.88 2.60 -2.00
CA GLU C 86 0.26 3.16 -3.22
C GLU C 86 0.83 2.56 -4.49
N GLY C 87 1.98 1.91 -4.40
CA GLY C 87 2.60 1.24 -5.53
C GLY C 87 1.80 0.08 -6.10
N ILE C 88 0.85 -0.44 -5.35
CA ILE C 88 0.05 -1.54 -5.86
C ILE C 88 -1.14 -1.05 -6.73
N VAL C 89 -1.38 0.26 -6.80
CA VAL C 89 -2.29 0.84 -7.83
C VAL C 89 -1.63 0.62 -9.19
N ASP C 90 -2.42 0.17 -10.16
CA ASP C 90 -1.85 -0.14 -11.47
C ASP C 90 -2.01 0.99 -12.42
N GLN C 91 -3.02 1.82 -12.21
CA GLN C 91 -3.25 2.93 -13.13
C GLN C 91 -4.28 3.95 -12.64
N VAL C 92 -4.18 5.14 -13.22
CA VAL C 92 -4.93 6.29 -12.78
C VAL C 92 -5.62 6.92 -13.97
N VAL C 93 -6.87 7.28 -13.77
CA VAL C 93 -7.67 8.01 -14.76
C VAL C 93 -8.27 9.21 -14.08
N VAL C 94 -8.13 10.35 -14.75
CA VAL C 94 -8.58 11.62 -14.24
C VAL C 94 -9.74 12.15 -15.09
N GLY C 95 -10.85 12.43 -14.44
CA GLY C 95 -11.98 13.11 -15.09
C GLY C 95 -11.88 14.63 -14.89
N ASN C 96 -11.81 15.37 -15.98
CA ASN C 96 -11.80 16.80 -15.90
C ASN C 96 -12.39 17.35 -17.16
N PHE C 97 -13.12 18.43 -17.08
CA PHE C 97 -13.70 19.02 -18.29
C PHE C 97 -12.92 20.21 -18.83
N LEU C 98 -12.60 21.19 -18.00
CA LEU C 98 -12.12 22.49 -18.52
C LEU C 98 -10.83 23.06 -17.88
N GLY C 99 -10.04 22.18 -17.29
CA GLY C 99 -8.80 22.59 -16.69
C GLY C 99 -8.00 23.49 -17.61
N GLU C 100 -7.98 23.17 -18.88
CA GLU C 100 -7.19 23.89 -19.85
C GLU C 100 -7.63 25.36 -20.04
N LEU C 101 -8.87 25.67 -19.66
CA LEU C 101 -9.39 27.01 -19.77
C LEU C 101 -9.34 27.69 -18.45
N PHE C 102 -9.88 27.06 -17.41
CA PHE C 102 -9.95 27.71 -16.07
C PHE C 102 -8.58 27.86 -15.37
N SER C 103 -7.68 26.93 -15.66
CA SER C 103 -6.39 26.88 -14.98
C SER C 103 -5.25 26.80 -15.96
N SER C 104 -5.53 26.95 -17.25
CA SER C 104 -4.47 26.86 -18.22
C SER C 104 -3.69 25.57 -18.07
N GLN C 105 -4.33 24.47 -17.71
CA GLN C 105 -3.60 23.26 -17.41
C GLN C 105 -4.31 22.04 -17.95
N GLY C 106 -3.69 21.39 -18.93
CA GLY C 106 -4.22 20.11 -19.38
C GLY C 106 -3.32 19.03 -18.87
N HIS C 107 -3.32 17.90 -19.55
CA HIS C 107 -2.33 16.86 -19.34
C HIS C 107 -2.32 16.52 -17.89
N LEU C 108 -3.49 16.37 -17.29
CA LEU C 108 -3.58 16.03 -15.89
C LEU C 108 -3.12 14.58 -15.50
N GLY C 109 -2.76 13.76 -16.49
CA GLY C 109 -2.33 12.39 -16.19
C GLY C 109 -1.04 12.46 -15.37
N PRO C 110 -0.01 13.08 -15.93
CA PRO C 110 1.20 13.23 -15.15
C PRO C 110 1.07 14.12 -13.94
N ALA C 111 0.08 15.00 -13.94
CA ALA C 111 -0.25 15.78 -12.73
C ALA C 111 -0.64 14.79 -11.66
N ALA C 112 -1.48 13.83 -12.03
CA ALA C 112 -1.96 12.83 -11.09
C ALA C 112 -0.80 12.03 -10.57
N ILE C 113 0.13 11.69 -11.42
CA ILE C 113 1.21 10.87 -11.02
C ILE C 113 2.04 11.58 -9.98
N GLY C 114 2.05 12.91 -10.03
CA GLY C 114 2.83 13.68 -9.10
C GLY C 114 2.03 14.24 -7.96
N SER C 115 0.82 13.72 -7.75
CA SER C 115 -0.11 14.30 -6.78
C SER C 115 0.07 13.71 -5.40
N LEU C 116 0.67 12.53 -5.37
CA LEU C 116 0.80 11.79 -4.11
C LEU C 116 1.78 12.52 -3.17
N THR C 117 2.78 13.14 -3.77
CA THR C 117 3.89 13.75 -3.03
C THR C 117 4.01 15.20 -3.47
N TYR C 118 2.86 15.82 -3.76
CA TYR C 118 2.82 17.17 -4.32
C TYR C 118 3.47 18.15 -3.38
N GLY C 119 4.35 18.98 -3.94
CA GLY C 119 5.06 20.02 -3.18
C GLY C 119 6.20 19.54 -2.29
N GLN C 120 6.61 18.28 -2.45
CA GLN C 120 7.64 17.68 -1.61
C GLN C 120 8.73 17.15 -2.55
N ALA C 121 9.54 18.08 -3.03
CA ALA C 121 10.54 17.85 -4.10
C ALA C 121 11.48 16.67 -3.81
N GLY C 122 11.73 15.87 -4.85
CA GLY C 122 12.67 14.75 -4.75
C GLY C 122 12.15 13.47 -4.09
N SER C 123 11.02 13.56 -3.40
CA SER C 123 10.51 12.44 -2.61
C SER C 123 10.24 11.21 -3.49
N LYS C 124 10.52 10.01 -2.96
CA LYS C 124 10.26 8.75 -3.67
C LYS C 124 8.75 8.60 -4.02
N ASN C 125 8.48 8.36 -5.29
CA ASN C 125 7.11 8.37 -5.84
C ASN C 125 6.76 6.97 -6.31
N PRO C 126 5.89 6.30 -5.59
CA PRO C 126 5.56 4.96 -6.04
C PRO C 126 4.62 4.88 -7.26
N LEU C 127 4.03 6.00 -7.66
CA LEU C 127 3.22 6.02 -8.90
C LEU C 127 4.01 6.26 -10.21
N MET C 128 5.31 6.59 -10.12
CA MET C 128 6.13 6.79 -11.32
C MET C 128 6.02 5.68 -12.38
N TYR C 129 5.81 6.09 -13.62
CA TYR C 129 5.82 5.22 -14.80
C TYR C 129 4.56 4.39 -15.02
N LYS C 130 3.58 4.54 -14.13
CA LYS C 130 2.32 3.85 -14.27
C LYS C 130 1.44 4.54 -15.35
N PRO C 131 0.46 3.83 -15.90
CA PRO C 131 -0.39 4.50 -16.89
C PRO C 131 -1.34 5.50 -16.28
N ALA C 132 -1.48 6.62 -16.94
CA ALA C 132 -2.47 7.62 -16.52
C ALA C 132 -2.96 8.40 -17.74
N MET C 133 -4.21 8.83 -17.65
CA MET C 133 -4.78 9.66 -18.67
C MET C 133 -5.92 10.50 -18.14
N ARG C 134 -6.25 11.53 -18.89
CA ARG C 134 -7.47 12.30 -18.60
C ARG C 134 -8.51 11.95 -19.64
N VAL C 135 -9.76 11.84 -19.19
CA VAL C 135 -10.88 11.64 -20.08
C VAL C 135 -11.85 12.76 -19.92
N GLU C 136 -12.68 12.97 -20.95
CA GLU C 136 -13.63 14.06 -20.98
C GLU C 136 -14.92 13.77 -21.79
N GLY C 137 -16.02 14.15 -21.17
CA GLY C 137 -17.33 14.28 -21.84
C GLY C 137 -18.20 15.25 -21.05
N ALA C 138 -17.78 16.51 -21.00
CA ALA C 138 -18.49 17.52 -20.28
C ALA C 138 -18.72 17.07 -18.81
N ALA C 139 -19.94 17.30 -18.32
CA ALA C 139 -20.28 16.96 -16.94
C ALA C 139 -20.28 15.43 -16.71
N ALA C 140 -20.07 14.66 -17.77
CA ALA C 140 -20.03 13.21 -17.65
C ALA C 140 -18.58 12.69 -17.48
N SER C 141 -17.62 13.60 -17.39
CA SER C 141 -16.22 13.23 -17.34
C SER C 141 -15.87 12.24 -16.20
N GLY C 142 -16.42 12.44 -15.00
CA GLY C 142 -16.16 11.56 -13.87
C GLY C 142 -16.68 10.16 -14.12
N GLY C 143 -17.88 10.10 -14.71
CA GLY C 143 -18.50 8.86 -15.07
C GLY C 143 -17.65 8.11 -16.08
N LEU C 144 -17.12 8.86 -17.07
CA LEU C 144 -16.28 8.29 -18.09
C LEU C 144 -14.97 7.82 -17.50
N ALA C 145 -14.48 8.49 -16.46
CA ALA C 145 -13.25 8.02 -15.82
C ALA C 145 -13.51 6.63 -15.23
N VAL C 146 -14.64 6.47 -14.56
CA VAL C 146 -15.00 5.20 -13.95
C VAL C 146 -15.11 4.06 -14.99
N ILE C 147 -15.78 4.31 -16.11
CA ILE C 147 -15.89 3.32 -17.21
C ILE C 147 -14.54 2.92 -17.78
N SER C 148 -13.66 3.89 -17.97
CA SER C 148 -12.30 3.63 -18.42
C SER C 148 -11.58 2.74 -17.40
N ALA C 149 -11.67 3.07 -16.14
CA ALA C 149 -10.99 2.28 -15.09
C ALA C 149 -11.52 0.86 -15.11
N MET C 150 -12.83 0.75 -15.23
CA MET C 150 -13.47 -0.55 -15.16
C MET C 150 -13.05 -1.41 -16.31
N ASN C 151 -12.92 -0.80 -17.49
CA ASN C 151 -12.36 -1.52 -18.65
C ASN C 151 -10.93 -2.01 -18.43
N ALA C 152 -10.08 -1.15 -17.91
CA ALA C 152 -8.78 -1.54 -17.50
C ALA C 152 -8.84 -2.73 -16.55
N LEU C 153 -9.67 -2.67 -15.51
CA LEU C 153 -9.84 -3.81 -14.61
C LEU C 153 -10.27 -5.13 -15.27
N LYS C 154 -11.20 -5.07 -16.22
CA LYS C 154 -11.68 -6.29 -16.87
C LYS C 154 -10.83 -6.75 -18.07
N SER C 155 -9.83 -5.95 -18.44
CA SER C 155 -9.07 -6.23 -19.63
C SER C 155 -7.84 -7.00 -19.27
N GLY C 156 -7.56 -7.12 -17.98
CA GLY C 156 -6.29 -7.68 -17.52
C GLY C 156 -5.14 -6.68 -17.56
N SER C 157 -5.40 -5.43 -17.89
CA SER C 157 -4.31 -4.48 -17.90
C SER C 157 -4.14 -3.81 -16.51
N ALA C 158 -5.14 -3.97 -15.65
CA ALA C 158 -5.07 -3.43 -14.29
C ALA C 158 -5.80 -4.40 -13.40
N ASP C 159 -5.35 -4.50 -12.13
CA ASP C 159 -6.11 -5.17 -11.06
C ASP C 159 -6.65 -4.20 -10.02
N ILE C 160 -5.99 -3.06 -9.85
CA ILE C 160 -6.43 -2.00 -8.96
C ILE C 160 -6.31 -0.67 -9.73
N THR C 161 -7.34 0.15 -9.73
CA THR C 161 -7.30 1.39 -10.49
C THR C 161 -7.82 2.53 -9.64
N LEU C 162 -7.28 3.71 -9.86
CA LEU C 162 -7.71 4.91 -9.17
C LEU C 162 -8.41 5.82 -10.20
N ALA C 163 -9.65 6.18 -9.91
CA ALA C 163 -10.42 7.05 -10.75
C ALA C 163 -10.70 8.30 -9.97
N VAL C 164 -10.22 9.47 -10.42
CA VAL C 164 -10.44 10.72 -9.69
C VAL C 164 -10.90 11.81 -10.61
N GLY C 165 -11.75 12.66 -10.12
CA GLY C 165 -12.35 13.70 -10.95
C GLY C 165 -12.22 14.99 -10.21
N VAL C 166 -11.79 16.03 -10.91
CA VAL C 166 -11.58 17.32 -10.23
C VAL C 166 -11.97 18.51 -11.12
N GLU C 167 -12.32 19.62 -10.48
CA GLU C 167 -12.60 20.85 -11.23
C GLU C 167 -12.46 22.09 -10.40
N VAL C 168 -11.86 23.11 -11.00
CA VAL C 168 -11.79 24.43 -10.36
C VAL C 168 -12.42 25.41 -11.33
N GLN C 169 -13.55 25.98 -10.93
CA GLN C 169 -14.36 26.86 -11.81
C GLN C 169 -14.47 28.27 -11.29
N THR C 170 -14.03 28.49 -10.05
CA THR C 170 -14.22 29.75 -9.41
C THR C 170 -13.13 30.79 -9.80
N THR C 171 -12.17 30.41 -10.65
CA THR C 171 -11.16 31.37 -11.12
C THR C 171 -11.64 32.34 -12.22
N ALA C 172 -12.90 32.23 -12.66
CA ALA C 172 -13.43 33.15 -13.67
C ALA C 172 -14.86 33.54 -13.31
N SER C 173 -15.33 34.66 -13.84
CA SER C 173 -16.69 35.14 -13.60
C SER C 173 -17.74 34.18 -14.15
N ALA C 174 -18.98 34.37 -13.73
CA ALA C 174 -20.11 33.62 -14.26
C ALA C 174 -20.14 33.72 -15.78
N ARG C 175 -19.78 34.86 -16.30
CA ARG C 175 -19.92 35.11 -17.71
C ARG C 175 -18.86 34.43 -18.55
N VAL C 176 -17.60 34.57 -18.14
CA VAL C 176 -16.51 33.88 -18.78
C VAL C 176 -16.73 32.39 -18.58
N GLY C 177 -17.13 32.01 -17.38
CA GLY C 177 -17.39 30.61 -17.09
C GLY C 177 -18.47 30.01 -17.98
N GLY C 178 -19.52 30.80 -18.23
CA GLY C 178 -20.62 30.40 -19.07
C GLY C 178 -20.18 30.11 -20.48
N ASP C 179 -19.25 30.90 -20.98
CA ASP C 179 -18.73 30.68 -22.31
C ASP C 179 -17.84 29.44 -22.34
N TYR C 180 -17.03 29.23 -21.29
CA TYR C 180 -16.20 28.01 -21.19
C TYR C 180 -17.08 26.76 -21.12
N LEU C 181 -18.12 26.79 -20.30
CA LEU C 181 -19.07 25.70 -20.22
C LEU C 181 -19.76 25.43 -21.56
N ALA C 182 -19.86 26.45 -22.38
CA ALA C 182 -20.50 26.30 -23.70
C ALA C 182 -19.78 25.28 -24.57
N ARG C 183 -18.54 25.01 -24.21
CA ARG C 183 -17.76 23.98 -24.87
C ARG C 183 -18.47 22.58 -24.87
N ALA C 184 -19.40 22.38 -23.94
CA ALA C 184 -20.17 21.18 -23.82
C ALA C 184 -21.34 21.12 -24.82
N ALA C 185 -21.68 22.27 -25.42
CA ALA C 185 -22.68 22.34 -26.49
C ALA C 185 -22.01 22.26 -27.87
N ASP C 186 -22.83 22.27 -28.90
CA ASP C 186 -22.39 22.49 -30.26
C ASP C 186 -22.16 23.98 -30.33
N TYR C 187 -20.92 24.39 -30.07
CA TYR C 187 -20.61 25.81 -29.87
C TYR C 187 -20.98 26.67 -31.07
N GLN C 188 -20.51 26.28 -32.26
CA GLN C 188 -20.86 26.98 -33.50
C GLN C 188 -22.36 27.27 -33.59
N ARG C 189 -23.17 26.27 -33.24
CA ARG C 189 -24.61 26.30 -33.41
C ARG C 189 -25.36 26.89 -32.22
N GLN C 190 -24.84 26.71 -31.01
CA GLN C 190 -25.67 27.02 -29.85
C GLN C 190 -25.16 28.12 -28.96
N ARG C 191 -23.92 28.56 -29.16
CA ARG C 191 -23.36 29.61 -28.30
C ARG C 191 -24.22 30.87 -28.38
N GLN C 192 -24.68 31.19 -29.58
CA GLN C 192 -25.56 32.36 -29.77
C GLN C 192 -26.86 32.41 -28.91
N LEU C 193 -27.39 31.29 -28.43
CA LEU C 193 -28.62 31.31 -27.62
C LEU C 193 -28.59 32.33 -26.48
N ASP C 194 -27.48 32.38 -25.76
CA ASP C 194 -27.38 33.24 -24.58
C ASP C 194 -25.96 33.07 -24.04
N ASP C 195 -25.48 34.07 -23.32
CA ASP C 195 -24.17 33.97 -22.66
C ASP C 195 -24.13 32.82 -21.67
N PHE C 196 -25.30 32.59 -21.06
CA PHE C 196 -25.51 31.42 -20.23
C PHE C 196 -26.12 30.35 -21.08
N THR C 197 -25.28 29.72 -21.90
CA THR C 197 -25.74 28.85 -22.93
C THR C 197 -26.52 27.70 -22.35
N PHE C 198 -26.01 27.11 -21.30
CA PHE C 198 -26.63 25.87 -20.77
C PHE C 198 -27.89 26.10 -20.01
N PRO C 199 -27.88 27.10 -19.14
CA PRO C 199 -29.13 27.45 -18.50
C PRO C 199 -30.20 27.72 -19.53
N CYS C 200 -29.80 28.30 -20.66
CA CYS C 200 -30.76 28.61 -21.69
C CYS C 200 -31.27 27.36 -22.36
N LEU C 201 -30.38 26.41 -22.57
CA LEU C 201 -30.81 25.18 -23.23
C LEU C 201 -31.83 24.47 -22.37
N PHE C 202 -31.68 24.52 -21.06
CA PHE C 202 -32.68 23.91 -20.17
C PHE C 202 -33.92 24.77 -19.96
N ALA C 203 -33.80 26.08 -20.08
CA ALA C 203 -34.98 26.95 -20.08
C ALA C 203 -35.88 26.56 -21.25
N LYS C 204 -35.26 26.36 -22.41
CA LYS C 204 -35.95 25.99 -23.65
C LYS C 204 -36.70 24.68 -23.54
N ARG C 205 -36.07 23.67 -22.94
CA ARG C 205 -36.75 22.43 -22.60
C ARG C 205 -37.94 22.70 -21.70
N MET C 206 -37.76 23.53 -20.69
CA MET C 206 -38.86 23.82 -19.76
C MET C 206 -40.03 24.46 -20.50
N LYS C 207 -39.77 25.27 -21.50
CA LYS C 207 -40.86 25.90 -22.25
C LYS C 207 -41.72 24.81 -22.89
N TYR C 208 -41.08 23.91 -23.63
CA TYR C 208 -41.72 22.77 -24.27
C TYR C 208 -42.41 21.89 -23.22
N ILE C 209 -41.75 21.72 -22.07
CA ILE C 209 -42.33 20.91 -20.99
C ILE C 209 -43.61 21.54 -20.44
N ALA C 210 -43.63 22.85 -20.24
CA ALA C 210 -44.86 23.59 -19.82
C ALA C 210 -45.99 23.44 -20.82
N GLU C 211 -45.68 23.73 -22.09
CA GLU C 211 -46.66 23.62 -23.17
C GLU C 211 -47.28 22.22 -23.31
N HIS C 212 -46.61 21.17 -22.83
CA HIS C 212 -47.14 19.82 -22.91
C HIS C 212 -47.60 19.33 -21.56
N ASN C 213 -47.63 20.23 -20.58
CA ASN C 213 -48.11 19.93 -19.25
C ASN C 213 -47.44 18.68 -18.68
N HIS C 214 -46.14 18.55 -18.93
CA HIS C 214 -45.41 17.39 -18.43
C HIS C 214 -45.11 17.51 -16.95
N PHE C 215 -44.73 18.72 -16.55
CA PHE C 215 -44.66 19.10 -15.13
C PHE C 215 -44.54 20.60 -15.04
N THR C 216 -44.50 21.14 -13.82
CA THR C 216 -44.57 22.58 -13.64
C THR C 216 -43.34 23.16 -12.96
N MET C 217 -43.29 24.48 -12.97
CA MET C 217 -42.27 25.19 -12.26
C MET C 217 -42.49 25.05 -10.75
N GLU C 218 -43.72 24.73 -10.35
CA GLU C 218 -44.00 24.44 -8.94
C GLU C 218 -43.22 23.15 -8.57
N ASP C 219 -43.36 22.14 -9.42
CA ASP C 219 -42.66 20.89 -9.22
C ASP C 219 -41.13 21.06 -9.11
N THR C 220 -40.55 21.91 -9.95
CA THR C 220 -39.11 22.07 -9.94
C THR C 220 -38.63 22.80 -8.70
N ALA C 221 -39.44 23.72 -8.20
CA ALA C 221 -39.20 24.34 -6.89
C ALA C 221 -39.16 23.32 -5.77
N ARG C 222 -40.04 22.32 -5.85
CA ARG C 222 -40.01 21.23 -4.87
C ARG C 222 -38.70 20.45 -4.93
N VAL C 223 -38.16 20.26 -6.14
CA VAL C 223 -36.88 19.62 -6.27
C VAL C 223 -35.82 20.44 -5.54
N ALA C 224 -35.80 21.75 -5.79
CA ALA C 224 -34.80 22.60 -5.15
C ALA C 224 -34.95 22.58 -3.63
N ALA C 225 -36.19 22.73 -3.14
CA ALA C 225 -36.47 22.62 -1.70
C ALA C 225 -35.84 21.35 -1.10
N LYS C 226 -36.06 20.21 -1.76
CA LYS C 226 -35.47 18.95 -1.31
C LYS C 226 -33.93 18.99 -1.29
N ALA C 227 -33.33 19.55 -2.34
CA ALA C 227 -31.86 19.56 -2.46
C ALA C 227 -31.30 20.37 -1.36
N TYR C 228 -31.87 21.54 -1.14
CA TYR C 228 -31.36 22.43 -0.08
C TYR C 228 -31.57 21.84 1.34
N ALA C 229 -32.70 21.20 1.57
CA ALA C 229 -32.95 20.52 2.87
C ALA C 229 -31.90 19.42 3.09
N ASN C 230 -31.59 18.67 2.04
CA ASN C 230 -30.55 17.65 2.14
C ASN C 230 -29.17 18.28 2.35
N GLY C 231 -28.86 19.32 1.58
CA GLY C 231 -27.59 20.00 1.73
C GLY C 231 -27.35 20.44 3.16
N ASN C 232 -28.41 20.91 3.79
CA ASN C 232 -28.32 21.43 5.16
C ASN C 232 -27.79 20.39 6.12
N LYS C 233 -27.97 19.11 5.78
CA LYS C 233 -27.46 18.02 6.62
C LYS C 233 -26.07 17.53 6.17
N ASN C 234 -25.42 18.27 5.27
CA ASN C 234 -24.15 17.84 4.64
C ASN C 234 -23.05 18.91 4.68
N PRO C 235 -22.14 18.82 5.66
CA PRO C 235 -21.06 19.80 5.82
C PRO C 235 -20.15 19.91 4.62
N LEU C 236 -20.08 18.89 3.77
CA LEU C 236 -19.33 19.00 2.51
C LEU C 236 -20.04 19.88 1.47
N ALA C 237 -21.35 20.03 1.60
CA ALA C 237 -22.15 20.68 0.55
C ALA C 237 -21.85 22.19 0.37
N HIS C 238 -21.59 22.60 -0.86
CA HIS C 238 -21.35 24.01 -1.21
C HIS C 238 -22.37 24.87 -0.51
N MET C 239 -23.65 24.52 -0.60
CA MET C 239 -24.71 25.36 -0.05
C MET C 239 -25.15 24.94 1.36
N HIS C 240 -24.31 24.24 2.09
CA HIS C 240 -24.66 23.71 3.42
C HIS C 240 -25.33 24.72 4.33
N THR C 241 -24.82 25.94 4.33
CA THR C 241 -25.24 26.97 5.25
C THR C 241 -26.44 27.80 4.72
N ARG C 242 -26.94 27.51 3.52
CA ARG C 242 -28.05 28.29 2.97
C ARG C 242 -29.37 27.55 3.10
N LYS C 243 -30.39 28.25 3.63
CA LYS C 243 -31.71 27.64 3.78
C LYS C 243 -32.69 28.31 2.85
N LEU C 244 -33.56 27.49 2.28
CA LEU C 244 -34.49 27.97 1.28
C LEU C 244 -35.78 27.20 1.43
N THR C 245 -36.89 27.94 1.48
CA THR C 245 -38.19 27.32 1.56
C THR C 245 -38.67 26.99 0.16
N PHE C 246 -39.67 26.13 0.08
CA PHE C 246 -40.37 25.91 -1.17
C PHE C 246 -40.76 27.24 -1.80
N GLU C 247 -41.41 28.10 -1.03
CA GLU C 247 -41.94 29.35 -1.55
C GLU C 247 -40.84 30.20 -2.18
N GLN C 248 -39.67 30.20 -1.54
CA GLN C 248 -38.54 30.94 -2.07
C GLN C 248 -38.06 30.33 -3.41
N CYS C 249 -38.01 29.01 -3.46
CA CYS C 249 -37.59 28.32 -4.68
C CYS C 249 -38.61 28.52 -5.79
N ASN C 250 -39.86 28.70 -5.38
CA ASN C 250 -40.96 28.94 -6.30
C ASN C 250 -41.04 30.40 -6.74
N GLY C 251 -40.07 31.22 -6.34
CA GLY C 251 -39.93 32.57 -6.87
C GLY C 251 -40.64 33.67 -6.09
N GLU C 252 -41.01 33.40 -4.83
CA GLU C 252 -41.65 34.40 -3.95
C GLU C 252 -40.62 35.30 -3.28
N ASP C 253 -39.36 34.94 -3.44
CA ASP C 253 -38.27 35.84 -3.19
C ASP C 253 -37.97 36.64 -4.49
N PRO C 254 -37.92 37.99 -4.40
CA PRO C 254 -37.45 38.78 -5.56
C PRO C 254 -35.95 38.62 -5.88
N SER C 255 -35.15 38.23 -4.89
CA SER C 255 -33.73 37.93 -5.12
C SER C 255 -33.47 36.59 -5.89
N ASN C 256 -34.52 35.80 -6.12
CA ASN C 256 -34.42 34.58 -6.92
C ASN C 256 -34.82 34.92 -8.36
N VAL C 257 -33.90 35.57 -9.07
CA VAL C 257 -34.19 36.28 -10.29
C VAL C 257 -34.23 35.36 -11.53
N LYS C 258 -35.02 35.77 -12.53
CA LYS C 258 -35.05 35.12 -13.83
C LYS C 258 -34.07 35.85 -14.74
N PHE C 259 -32.87 35.29 -14.81
CA PHE C 259 -31.67 36.07 -15.13
C PHE C 259 -31.19 35.95 -16.58
N LEU C 260 -31.79 35.06 -17.35
CA LEU C 260 -31.38 34.91 -18.75
C LEU C 260 -31.68 36.20 -19.55
N GLY C 261 -30.92 36.41 -20.62
CA GLY C 261 -31.15 37.52 -21.54
C GLY C 261 -32.16 37.15 -22.61
N ASN C 262 -32.21 35.87 -22.98
CA ASN C 262 -33.07 35.43 -24.08
C ASN C 262 -34.54 35.55 -23.70
N GLU C 263 -35.23 36.49 -24.35
CA GLU C 263 -36.62 36.81 -24.04
C GLU C 263 -37.53 35.60 -24.22
N THR C 264 -37.21 34.69 -25.14
CA THR C 264 -38.08 33.55 -25.40
C THR C 264 -38.10 32.56 -24.23
N TYR C 265 -37.00 32.46 -23.50
CA TYR C 265 -36.92 31.42 -22.48
C TYR C 265 -36.80 31.98 -21.06
N LYS C 266 -36.56 33.28 -20.99
CA LYS C 266 -36.34 34.02 -19.73
C LYS C 266 -37.16 33.55 -18.55
N GLU C 267 -38.46 33.41 -18.79
CA GLU C 267 -39.42 33.17 -17.72
C GLU C 267 -39.43 31.76 -17.16
N TYR C 268 -38.68 30.85 -17.75
CA TYR C 268 -38.75 29.45 -17.35
C TYR C 268 -37.60 28.97 -16.43
N LEU C 269 -36.77 29.90 -15.94
CA LEU C 269 -35.60 29.54 -15.16
C LEU C 269 -35.23 30.56 -14.08
N ARG C 270 -35.21 30.11 -12.83
CA ARG C 270 -34.82 30.92 -11.71
C ARG C 270 -33.42 30.48 -11.21
N MET C 271 -32.70 31.39 -10.56
CA MET C 271 -31.38 31.09 -10.02
C MET C 271 -31.36 29.78 -9.23
N THR C 272 -32.37 29.57 -8.39
CA THR C 272 -32.43 28.37 -7.56
C THR C 272 -32.68 27.08 -8.34
N ASP C 273 -32.99 27.19 -9.64
CA ASP C 273 -33.12 26.00 -10.47
C ASP C 273 -31.77 25.50 -10.93
N CYS C 274 -30.72 26.29 -10.69
CA CYS C 274 -29.42 26.08 -11.31
C CYS C 274 -28.44 25.45 -10.32
N SER C 275 -27.61 24.55 -10.82
CA SER C 275 -26.51 23.98 -10.07
C SER C 275 -25.40 25.01 -9.80
N GLN C 276 -24.51 24.70 -8.86
CA GLN C 276 -23.50 25.68 -8.41
C GLN C 276 -22.20 25.68 -9.19
N VAL C 277 -21.59 26.84 -9.30
CA VAL C 277 -20.24 26.99 -9.80
C VAL C 277 -19.35 26.63 -8.59
N SER C 278 -18.76 25.44 -8.61
CA SER C 278 -18.00 24.93 -7.47
C SER C 278 -16.60 24.44 -7.86
N ASP C 279 -15.73 24.39 -6.85
CA ASP C 279 -14.46 23.70 -6.96
C ASP C 279 -14.53 22.45 -6.11
N GLY C 280 -13.86 21.38 -6.54
CA GLY C 280 -13.80 20.19 -5.73
C GLY C 280 -13.27 18.97 -6.44
N GLY C 281 -13.19 17.87 -5.69
CA GLY C 281 -12.71 16.61 -6.22
C GLY C 281 -13.42 15.42 -5.59
N ALA C 282 -13.44 14.32 -6.32
CA ALA C 282 -13.94 13.07 -5.79
C ALA C 282 -13.07 11.97 -6.36
N GLY C 283 -12.82 10.94 -5.60
CA GLY C 283 -11.95 9.86 -6.04
C GLY C 283 -12.47 8.53 -5.53
N VAL C 284 -12.18 7.49 -6.30
CA VAL C 284 -12.61 6.19 -5.95
C VAL C 284 -11.50 5.22 -6.33
N VAL C 285 -11.35 4.15 -5.56
CA VAL C 285 -10.46 3.08 -5.89
C VAL C 285 -11.29 1.86 -6.24
N LEU C 286 -11.06 1.34 -7.44
CA LEU C 286 -11.72 0.14 -7.90
C LEU C 286 -10.75 -1.03 -7.98
N ALA C 287 -11.23 -2.23 -7.70
CA ALA C 287 -10.41 -3.47 -7.78
C ALA C 287 -11.21 -4.65 -8.39
N ASN C 288 -10.51 -5.52 -9.12
CA ASN C 288 -11.05 -6.82 -9.48
C ASN C 288 -10.69 -7.84 -8.39
N GLU C 289 -11.10 -9.08 -8.52
CA GLU C 289 -10.83 -10.11 -7.50
C GLU C 289 -9.33 -10.21 -7.20
N GLU C 290 -8.53 -10.14 -8.25
CA GLU C 290 -7.09 -10.24 -8.09
C GLU C 290 -6.57 -9.04 -7.30
N GLY C 291 -7.23 -7.91 -7.47
CA GLY C 291 -6.86 -6.71 -6.76
C GLY C 291 -7.22 -6.76 -5.30
N LEU C 292 -8.36 -7.35 -4.98
CA LEU C 292 -8.73 -7.52 -3.58
C LEU C 292 -7.67 -8.38 -2.87
N ARG C 293 -7.25 -9.39 -3.57
CA ARG C 293 -6.28 -10.33 -3.08
C ARG C 293 -4.96 -9.60 -2.79
N LYS C 294 -4.53 -8.84 -3.77
CA LYS C 294 -3.35 -8.02 -3.65
C LYS C 294 -3.44 -7.02 -2.53
N MET C 295 -4.63 -6.62 -2.14
CA MET C 295 -4.80 -5.72 -1.00
C MET C 295 -5.02 -6.45 0.30
N GLY C 296 -5.13 -7.77 0.24
CA GLY C 296 -5.41 -8.56 1.45
C GLY C 296 -6.83 -8.49 1.90
N LEU C 297 -7.75 -8.39 0.96
CA LEU C 297 -9.17 -8.31 1.27
C LEU C 297 -9.96 -9.43 0.61
N SER C 298 -11.06 -9.83 1.24
CA SER C 298 -11.93 -10.83 0.66
CA SER C 298 -11.92 -10.82 0.62
C SER C 298 -13.16 -10.18 0.00
N PRO C 299 -13.75 -10.86 -1.02
CA PRO C 299 -14.88 -10.33 -1.77
C PRO C 299 -16.12 -10.08 -0.97
N ASN C 300 -16.16 -10.56 0.27
CA ASN C 300 -17.28 -10.25 1.15
C ASN C 300 -16.94 -9.30 2.23
N ASP C 301 -15.77 -8.69 2.16
CA ASP C 301 -15.44 -7.70 3.14
C ASP C 301 -16.52 -6.63 3.05
N SER C 302 -17.00 -6.20 4.22
CA SER C 302 -18.13 -5.29 4.28
C SER C 302 -17.77 -3.79 4.05
N ARG C 303 -16.49 -3.47 3.83
CA ARG C 303 -16.17 -2.13 3.35
C ARG C 303 -16.40 -1.98 1.84
N LEU C 304 -16.72 -3.08 1.16
CA LEU C 304 -16.89 -3.08 -0.30
C LEU C 304 -18.31 -2.77 -0.78
N VAL C 305 -18.39 -2.34 -2.04
CA VAL C 305 -19.64 -2.30 -2.83
C VAL C 305 -19.27 -2.80 -4.22
N GLU C 306 -20.11 -3.64 -4.81
CA GLU C 306 -19.83 -4.18 -6.13
C GLU C 306 -20.43 -3.25 -7.16
N ILE C 307 -19.73 -2.97 -8.26
CA ILE C 307 -20.40 -2.31 -9.38
C ILE C 307 -20.91 -3.40 -10.30
N LYS C 308 -22.20 -3.72 -10.18
CA LYS C 308 -22.79 -4.81 -10.98
C LYS C 308 -22.66 -4.49 -12.45
N SER C 309 -22.90 -3.24 -12.80
CA SER C 309 -22.80 -2.86 -14.18
C SER C 309 -22.52 -1.40 -14.34
N ILE C 310 -22.06 -1.05 -15.53
CA ILE C 310 -21.90 0.36 -15.92
C ILE C 310 -22.08 0.45 -17.43
N ALA C 311 -22.68 1.55 -17.89
CA ALA C 311 -22.95 1.72 -19.33
C ALA C 311 -22.88 3.15 -19.72
N CYS C 312 -22.46 3.32 -20.97
CA CYS C 312 -22.36 4.63 -21.58
C CYS C 312 -23.19 4.72 -22.87
N ALA C 313 -23.82 5.85 -23.11
CA ALA C 313 -24.63 6.04 -24.31
C ALA C 313 -24.45 7.46 -24.75
N VAL C 314 -24.04 7.67 -26.00
CA VAL C 314 -23.75 9.04 -26.49
C VAL C 314 -24.58 9.31 -27.74
N SER C 315 -25.25 10.47 -27.78
CA SER C 315 -26.04 10.82 -28.96
C SER C 315 -25.29 11.88 -29.79
N ASN C 316 -26.01 12.59 -30.67
CA ASN C 316 -25.40 13.46 -31.68
C ASN C 316 -25.31 14.90 -31.20
N LEU C 317 -24.06 15.40 -31.03
CA LEU C 317 -23.83 16.77 -30.59
C LEU C 317 -24.56 17.77 -31.46
N TYR C 318 -24.66 17.48 -32.76
CA TYR C 318 -25.15 18.42 -33.76
C TYR C 318 -26.66 18.45 -33.99
N GLU C 319 -27.41 17.48 -33.48
CA GLU C 319 -28.86 17.44 -33.66
C GLU C 319 -29.58 17.15 -32.37
N ASP C 320 -30.63 17.92 -32.10
CA ASP C 320 -31.45 17.72 -30.89
C ASP C 320 -32.76 16.99 -31.23
N PRO C 321 -33.21 16.10 -30.35
CA PRO C 321 -34.51 15.51 -30.68
C PRO C 321 -35.62 16.51 -30.42
N ASP C 322 -36.75 16.32 -31.07
CA ASP C 322 -37.90 17.20 -30.89
C ASP C 322 -38.48 17.15 -29.50
N ASP C 323 -38.55 15.96 -28.88
CA ASP C 323 -39.24 15.79 -27.60
C ASP C 323 -38.36 16.14 -26.41
N ALA C 324 -38.45 17.39 -25.98
CA ALA C 324 -37.70 17.91 -24.85
C ALA C 324 -38.16 17.34 -23.48
N CYS C 325 -39.26 16.58 -23.49
CA CYS C 325 -39.77 15.92 -22.29
C CYS C 325 -39.09 14.59 -22.03
N CYS C 326 -38.17 14.20 -22.91
CA CYS C 326 -37.47 12.92 -22.79
C CYS C 326 -35.97 13.06 -23.00
N MET C 327 -35.21 12.58 -22.03
CA MET C 327 -33.79 12.49 -22.15
C MET C 327 -33.43 11.14 -22.70
N PHE C 328 -33.46 11.04 -24.03
CA PHE C 328 -33.27 9.77 -24.69
C PHE C 328 -31.92 9.13 -24.38
N THR C 329 -30.88 9.93 -24.33
CA THR C 329 -29.54 9.39 -24.16
C THR C 329 -29.39 8.84 -22.75
N SER C 330 -29.86 9.59 -21.77
CA SER C 330 -29.81 9.15 -20.40
C SER C 330 -30.64 7.91 -20.16
N ARG C 331 -31.79 7.83 -20.80
CA ARG C 331 -32.66 6.66 -20.66
C ARG C 331 -32.04 5.42 -21.27
N GLN C 332 -31.39 5.56 -22.39
CA GLN C 332 -30.67 4.46 -23.01
C GLN C 332 -29.60 3.92 -22.05
N ALA C 333 -28.78 4.82 -21.49
CA ALA C 333 -27.73 4.39 -20.56
C ALA C 333 -28.34 3.72 -19.32
N ALA C 334 -29.36 4.34 -18.73
CA ALA C 334 -30.03 3.75 -17.56
C ALA C 334 -30.50 2.34 -17.87
N GLN C 335 -31.11 2.15 -19.04
CA GLN C 335 -31.64 0.84 -19.42
C GLN C 335 -30.56 -0.20 -19.72
N LYS C 336 -29.47 0.19 -20.37
CA LYS C 336 -28.35 -0.73 -20.53
C LYS C 336 -27.82 -1.17 -19.15
N ALA C 337 -27.66 -0.23 -18.23
CA ALA C 337 -27.08 -0.60 -16.94
C ALA C 337 -28.01 -1.48 -16.10
N LEU C 338 -29.28 -1.10 -15.98
CA LEU C 338 -30.21 -1.92 -15.20
C LEU C 338 -30.36 -3.31 -15.81
N SER C 339 -30.42 -3.37 -17.13
CA SER C 339 -30.47 -4.63 -17.83
C SER C 339 -29.22 -5.52 -17.63
N MET C 340 -28.03 -4.97 -17.80
CA MET C 340 -26.80 -5.74 -17.54
C MET C 340 -26.75 -6.25 -16.11
N ALA C 341 -27.25 -5.46 -15.17
CA ALA C 341 -27.38 -5.86 -13.76
C ALA C 341 -28.56 -6.81 -13.49
N ASN C 342 -29.39 -7.01 -14.51
CA ASN C 342 -30.61 -7.80 -14.40
C ASN C 342 -31.55 -7.40 -13.28
N ILE C 343 -31.75 -6.09 -13.09
CA ILE C 343 -32.72 -5.60 -12.14
C ILE C 343 -33.62 -4.57 -12.81
N LYS C 344 -34.64 -4.13 -12.07
CA LYS C 344 -35.64 -3.17 -12.54
C LYS C 344 -35.51 -1.93 -11.71
N PRO C 345 -36.04 -0.80 -12.20
CA PRO C 345 -35.99 0.43 -11.43
C PRO C 345 -36.66 0.34 -10.06
N SER C 346 -37.71 -0.46 -9.98
CA SER C 346 -38.43 -0.65 -8.74
C SER C 346 -37.59 -1.34 -7.68
N ASP C 347 -36.56 -2.08 -8.09
CA ASP C 347 -35.66 -2.77 -7.15
C ASP C 347 -34.66 -1.82 -6.48
N LEU C 348 -34.56 -0.57 -6.94
CA LEU C 348 -33.54 0.36 -6.45
C LEU C 348 -33.96 0.92 -5.09
N ASN C 349 -32.99 1.08 -4.18
CA ASN C 349 -33.22 1.60 -2.83
C ASN C 349 -32.68 3.01 -2.67
N VAL C 350 -31.79 3.44 -3.56
CA VAL C 350 -31.26 4.80 -3.59
C VAL C 350 -30.74 5.10 -5.00
N ALA C 351 -30.69 6.39 -5.36
CA ALA C 351 -30.10 6.81 -6.61
C ALA C 351 -29.43 8.17 -6.47
N GLU C 352 -28.46 8.40 -7.35
CA GLU C 352 -27.90 9.73 -7.58
C GLU C 352 -28.17 10.05 -9.04
N VAL C 353 -28.66 11.25 -9.31
CA VAL C 353 -28.88 11.66 -10.68
C VAL C 353 -28.40 13.09 -10.94
N HIS C 354 -28.31 13.41 -12.23
CA HIS C 354 -27.57 14.59 -12.69
C HIS C 354 -28.45 15.78 -12.73
N ASP C 355 -28.69 16.34 -11.56
CA ASP C 355 -29.57 17.52 -11.41
C ASP C 355 -28.86 18.84 -11.73
N CYS C 356 -28.32 19.01 -12.95
CA CYS C 356 -27.61 20.25 -13.26
C CYS C 356 -28.58 21.42 -13.26
N PHE C 357 -29.85 21.11 -13.45
CA PHE C 357 -30.93 22.04 -13.14
C PHE C 357 -32.03 21.21 -12.46
N THR C 358 -32.97 21.86 -11.81
CA THR C 358 -34.12 21.19 -11.24
C THR C 358 -34.85 20.45 -12.36
N ILE C 359 -34.94 21.10 -13.51
CA ILE C 359 -35.54 20.53 -14.70
C ILE C 359 -34.92 19.20 -15.07
N ALA C 360 -33.61 19.08 -14.93
CA ALA C 360 -32.93 17.80 -15.22
C ALA C 360 -33.37 16.72 -14.24
N GLU C 361 -33.43 17.02 -12.95
CA GLU C 361 -33.78 16.01 -11.97
C GLU C 361 -35.14 15.38 -12.31
N MET C 362 -36.11 16.20 -12.68
CA MET C 362 -37.42 15.66 -13.03
C MET C 362 -37.27 14.71 -14.17
N LEU C 363 -36.63 15.16 -15.24
CA LEU C 363 -36.39 14.35 -16.41
C LEU C 363 -35.60 13.05 -16.11
N MET C 364 -34.70 13.13 -15.14
CA MET C 364 -33.85 11.98 -14.78
C MET C 364 -34.66 10.87 -14.09
N TYR C 365 -35.66 11.24 -13.31
CA TYR C 365 -36.51 10.25 -12.69
C TYR C 365 -37.09 9.36 -13.76
N GLU C 366 -37.48 9.97 -14.86
CA GLU C 366 -38.11 9.21 -15.93
C GLU C 366 -37.02 8.47 -16.73
N ALA C 367 -35.87 9.10 -16.96
CA ALA C 367 -34.79 8.46 -17.70
C ALA C 367 -34.30 7.21 -16.98
N LEU C 368 -34.16 7.31 -15.67
CA LEU C 368 -33.74 6.17 -14.85
C LEU C 368 -34.83 5.07 -14.79
N GLY C 369 -36.08 5.50 -14.84
CA GLY C 369 -37.21 4.62 -14.96
C GLY C 369 -38.00 4.54 -13.68
N ILE C 370 -37.60 5.28 -12.65
CA ILE C 370 -38.30 5.21 -11.37
C ILE C 370 -39.64 5.93 -11.43
N ALA C 371 -39.86 6.69 -12.50
CA ALA C 371 -41.20 7.19 -12.82
C ALA C 371 -41.44 6.92 -14.29
N GLU C 372 -42.71 6.72 -14.67
CA GLU C 372 -43.08 6.50 -16.07
C GLU C 372 -43.07 7.83 -16.78
N TYR C 373 -43.05 7.79 -18.11
CA TYR C 373 -43.07 9.02 -18.89
C TYR C 373 -44.25 9.85 -18.44
N GLY C 374 -43.99 11.07 -18.00
CA GLY C 374 -45.03 11.98 -17.52
C GLY C 374 -45.40 11.91 -16.03
N HIS C 375 -44.75 11.05 -15.26
CA HIS C 375 -45.12 10.85 -13.87
C HIS C 375 -44.06 11.26 -12.90
N ALA C 376 -43.01 11.90 -13.37
CA ALA C 376 -42.03 12.46 -12.42
C ALA C 376 -42.70 13.39 -11.38
N LYS C 377 -43.70 14.13 -11.81
CA LYS C 377 -44.43 15.04 -10.93
C LYS C 377 -45.10 14.31 -9.76
N ASP C 378 -45.61 13.10 -10.01
CA ASP C 378 -46.23 12.30 -8.96
C ASP C 378 -45.23 12.07 -7.86
N LEU C 379 -44.04 11.60 -8.24
CA LEU C 379 -42.98 11.25 -7.29
C LEU C 379 -42.60 12.43 -6.42
N ILE C 380 -42.42 13.59 -7.03
CA ILE C 380 -41.98 14.80 -6.33
C ILE C 380 -43.11 15.35 -5.44
N ARG C 381 -44.34 15.24 -5.93
CA ARG C 381 -45.50 15.72 -5.17
C ARG C 381 -45.79 14.91 -3.90
N ASN C 382 -45.43 13.61 -3.93
CA ASN C 382 -45.63 12.64 -2.86
C ASN C 382 -44.40 12.45 -1.97
N GLY C 383 -43.31 13.16 -2.27
CA GLY C 383 -42.07 13.06 -1.50
C GLY C 383 -41.35 11.71 -1.60
N ASP C 384 -41.61 10.95 -2.67
CA ASP C 384 -41.00 9.62 -2.84
C ASP C 384 -39.47 9.63 -2.96
N THR C 385 -38.89 10.78 -3.33
CA THR C 385 -37.46 10.90 -3.52
C THR C 385 -36.77 11.69 -2.43
N THR C 386 -37.49 12.00 -1.35
CA THR C 386 -36.88 12.64 -0.15
C THR C 386 -36.17 11.58 0.65
N LEU C 387 -35.46 11.97 1.69
CA LEU C 387 -34.76 11.00 2.55
C LEU C 387 -35.67 9.94 3.14
N GLU C 388 -36.92 10.30 3.43
CA GLU C 388 -37.85 9.32 4.00
C GLU C 388 -38.75 8.69 2.97
N GLY C 389 -38.56 9.06 1.71
CA GLY C 389 -39.36 8.50 0.62
C GLY C 389 -38.88 7.11 0.31
N ARG C 390 -39.59 6.42 -0.56
CA ARG C 390 -39.22 5.05 -0.84
C ARG C 390 -38.05 4.92 -1.81
N ILE C 391 -37.76 5.96 -2.61
CA ILE C 391 -36.56 5.94 -3.47
C ILE C 391 -35.82 7.27 -3.35
N PRO C 392 -35.03 7.41 -2.27
CA PRO C 392 -34.32 8.66 -2.09
C PRO C 392 -33.35 8.92 -3.25
N VAL C 393 -33.36 10.16 -3.75
CA VAL C 393 -32.42 10.61 -4.77
C VAL C 393 -31.62 11.85 -4.29
N ASN C 394 -30.34 11.84 -4.60
CA ASN C 394 -29.44 12.98 -4.31
C ASN C 394 -29.52 13.37 -2.83
N THR C 395 -29.25 12.38 -1.98
CA THR C 395 -29.42 12.49 -0.54
C THR C 395 -28.58 13.55 0.13
N GLY C 396 -27.43 13.86 -0.45
CA GLY C 396 -26.50 14.85 0.13
C GLY C 396 -26.61 16.24 -0.45
N GLY C 397 -27.60 16.42 -1.33
CA GLY C 397 -27.91 17.74 -1.92
C GLY C 397 -27.78 17.90 -3.43
N GLY C 398 -27.26 16.87 -4.10
CA GLY C 398 -27.07 16.91 -5.54
C GLY C 398 -26.24 18.09 -6.02
N LEU C 399 -26.22 18.25 -7.33
CA LEU C 399 -25.51 19.35 -7.97
C LEU C 399 -26.04 20.71 -7.52
N LEU C 400 -27.35 20.77 -7.27
CA LEU C 400 -27.99 22.04 -6.83
C LEU C 400 -27.45 22.60 -5.51
N SER C 401 -27.16 21.73 -4.53
CA SER C 401 -26.71 22.15 -3.23
C SER C 401 -25.33 21.61 -2.86
N PHE C 402 -25.16 20.30 -2.94
CA PHE C 402 -23.81 19.73 -2.76
C PHE C 402 -22.85 20.53 -3.64
N GLY C 403 -23.23 20.75 -4.89
CA GLY C 403 -22.45 21.56 -5.81
C GLY C 403 -21.99 20.76 -7.01
N HIS C 404 -21.32 21.43 -7.93
CA HIS C 404 -21.07 20.86 -9.24
C HIS C 404 -19.73 21.29 -9.82
N PRO C 405 -18.64 20.77 -9.24
CA PRO C 405 -17.35 20.90 -9.90
C PRO C 405 -17.32 19.80 -10.95
N VAL C 406 -17.44 20.21 -12.20
CA VAL C 406 -18.01 19.38 -13.21
C VAL C 406 -17.36 18.01 -13.39
N GLY C 407 -16.04 17.98 -13.55
CA GLY C 407 -15.28 16.71 -13.65
C GLY C 407 -15.46 15.78 -12.48
N ALA C 408 -15.73 16.31 -11.30
CA ALA C 408 -15.82 15.49 -10.09
C ALA C 408 -17.15 14.78 -9.92
N THR C 409 -18.21 15.39 -10.45
CA THR C 409 -19.58 14.96 -10.17
C THR C 409 -19.85 13.49 -10.36
N GLY C 410 -19.47 12.98 -11.50
CA GLY C 410 -19.71 11.57 -11.80
C GLY C 410 -19.12 10.63 -10.77
N ILE C 411 -17.95 10.97 -10.21
CA ILE C 411 -17.33 10.07 -9.20
C ILE C 411 -17.97 10.34 -7.84
N LYS C 412 -18.36 11.58 -7.59
CA LYS C 412 -19.05 11.91 -6.37
C LYS C 412 -20.35 11.11 -6.27
N GLN C 413 -21.09 11.06 -7.37
CA GLN C 413 -22.32 10.27 -7.41
C GLN C 413 -22.08 8.81 -6.94
N ILE C 414 -21.09 8.14 -7.51
CA ILE C 414 -20.75 6.78 -7.12
C ILE C 414 -20.40 6.70 -5.64
N MET C 415 -19.67 7.69 -5.13
CA MET C 415 -19.22 7.66 -3.73
C MET C 415 -20.34 7.95 -2.75
N GLU C 416 -21.31 8.74 -3.16
CA GLU C 416 -22.45 8.99 -2.31
C GLU C 416 -23.28 7.74 -2.14
N VAL C 417 -23.53 6.99 -3.21
CA VAL C 417 -24.22 5.72 -3.06
C VAL C 417 -23.38 4.84 -2.13
N TYR C 418 -22.07 4.81 -2.34
CA TYR C 418 -21.17 4.04 -1.46
C TYR C 418 -21.37 4.36 0.01
N ARG C 419 -21.30 5.64 0.31
CA ARG C 419 -21.34 6.11 1.67
C ARG C 419 -22.65 5.78 2.37
N GLN C 420 -23.77 5.93 1.68
CA GLN C 420 -25.05 5.54 2.23
C GLN C 420 -25.07 4.04 2.48
N MET C 421 -24.57 3.27 1.52
CA MET C 421 -24.44 1.83 1.69
C MET C 421 -23.59 1.43 2.90
N LYS C 422 -22.52 2.18 3.19
CA LYS C 422 -21.60 1.83 4.29
C LYS C 422 -21.95 2.53 5.59
N GLY C 423 -23.07 3.25 5.59
CA GLY C 423 -23.55 3.92 6.81
C GLY C 423 -22.78 5.18 7.14
N GLN C 424 -22.10 5.76 6.16
CA GLN C 424 -21.15 6.84 6.45
C GLN C 424 -21.67 8.26 6.36
N CYS C 425 -22.96 8.44 6.12
CA CYS C 425 -23.48 9.77 5.77
C CYS C 425 -23.94 10.68 6.93
N GLU C 426 -23.77 10.23 8.18
CA GLU C 426 -24.03 11.05 9.35
C GLU C 426 -25.46 11.68 9.33
N ALA C 427 -25.55 13.01 9.23
CA ALA C 427 -26.82 13.69 9.34
C ALA C 427 -27.79 13.33 8.24
N TYR C 428 -27.30 12.97 7.06
CA TYR C 428 -28.20 12.51 6.01
C TYR C 428 -28.14 10.99 5.73
N GLN C 429 -27.55 10.23 6.63
CA GLN C 429 -27.58 8.81 6.48
C GLN C 429 -29.02 8.31 6.42
N MET C 430 -29.27 7.40 5.48
CA MET C 430 -30.58 6.78 5.35
C MET C 430 -30.77 5.76 6.46
N LYS C 431 -31.94 5.76 7.06
CA LYS C 431 -32.22 4.89 8.20
C LYS C 431 -32.34 3.41 7.80
N LYS C 432 -32.72 3.15 6.56
CA LYS C 432 -32.70 1.83 5.99
C LYS C 432 -31.54 1.71 4.98
N ILE C 433 -30.53 0.93 5.33
CA ILE C 433 -29.34 0.82 4.50
C ILE C 433 -29.76 0.22 3.18
N PRO C 434 -29.37 0.85 2.07
CA PRO C 434 -29.77 0.41 0.74
C PRO C 434 -28.91 -0.75 0.22
N ALA C 435 -29.55 -1.68 -0.47
CA ALA C 435 -28.89 -2.89 -0.97
C ALA C 435 -28.46 -2.69 -2.45
N LEU C 436 -29.28 -1.93 -3.17
CA LEU C 436 -29.06 -1.64 -4.55
C LEU C 436 -29.19 -0.14 -4.74
N GLY C 437 -28.32 0.40 -5.59
CA GLY C 437 -28.34 1.82 -5.89
C GLY C 437 -27.95 2.00 -7.34
N ALA C 438 -28.33 3.15 -7.91
CA ALA C 438 -27.98 3.48 -9.26
C ALA C 438 -27.50 4.93 -9.41
N THR C 439 -26.65 5.17 -10.39
CA THR C 439 -26.21 6.52 -10.69
C THR C 439 -26.54 6.82 -12.12
N LEU C 440 -26.74 8.10 -12.39
CA LEU C 440 -26.95 8.58 -13.74
C LEU C 440 -26.26 9.94 -13.89
N ASN C 441 -25.27 9.97 -14.76
CA ASN C 441 -24.33 11.11 -14.90
C ASN C 441 -24.43 11.57 -16.34
N MET C 442 -24.49 12.87 -16.56
CA MET C 442 -24.86 13.42 -17.86
C MET C 442 -23.92 14.51 -18.33
N GLY C 443 -23.52 14.39 -19.59
CA GLY C 443 -22.71 15.38 -20.23
C GLY C 443 -23.54 16.23 -21.19
N GLY C 444 -23.38 17.55 -21.10
CA GLY C 444 -24.06 18.45 -22.00
C GLY C 444 -25.56 18.30 -21.93
N ASP C 445 -26.23 18.53 -23.05
CA ASP C 445 -27.68 18.52 -23.09
C ASP C 445 -28.15 17.13 -23.48
N ASP C 446 -27.98 16.21 -22.54
CA ASP C 446 -28.31 14.81 -22.75
C ASP C 446 -27.62 14.30 -23.99
N LYS C 447 -26.37 14.71 -24.20
CA LYS C 447 -25.57 14.17 -25.32
C LYS C 447 -24.61 12.98 -24.92
N THR C 448 -24.17 12.93 -23.68
CA THR C 448 -23.45 11.79 -23.12
C THR C 448 -24.18 11.37 -21.84
N ALA C 449 -24.34 10.10 -21.62
CA ALA C 449 -24.78 9.62 -20.32
C ALA C 449 -24.00 8.37 -19.87
N VAL C 450 -23.78 8.29 -18.56
CA VAL C 450 -23.15 7.11 -17.93
C VAL C 450 -23.98 6.72 -16.70
N SER C 451 -24.28 5.45 -16.58
CA SER C 451 -25.12 4.98 -15.52
C SER C 451 -24.54 3.66 -14.97
N ALA C 452 -24.62 3.52 -13.66
CA ALA C 452 -23.97 2.37 -12.99
C ALA C 452 -24.92 1.81 -11.96
N VAL C 453 -24.84 0.51 -11.75
CA VAL C 453 -25.59 -0.12 -10.72
C VAL C 453 -24.67 -0.69 -9.70
N LEU C 454 -24.98 -0.38 -8.44
CA LEU C 454 -24.15 -0.72 -7.30
C LEU C 454 -24.90 -1.67 -6.36
N GLN C 455 -24.17 -2.69 -5.85
CA GLN C 455 -24.73 -3.65 -4.93
C GLN C 455 -23.94 -3.69 -3.64
N ASN C 456 -24.63 -3.40 -2.52
CA ASN C 456 -24.02 -3.42 -1.23
C ASN C 456 -23.53 -4.82 -0.90
N ILE C 457 -22.41 -4.89 -0.20
CA ILE C 457 -21.81 -6.15 0.18
C ILE C 457 -21.84 -6.18 1.70
N ALA D 28 -5.58 -13.39 -22.57
CA ALA D 28 -5.00 -13.13 -23.92
C ALA D 28 -6.01 -13.29 -25.07
N SER D 29 -6.77 -12.22 -25.32
CA SER D 29 -7.52 -12.03 -26.57
C SER D 29 -6.67 -11.11 -27.54
N ARG D 30 -6.65 -11.47 -28.83
CA ARG D 30 -5.79 -10.83 -29.82
C ARG D 30 -6.48 -9.58 -30.39
N VAL D 31 -5.71 -8.56 -30.74
CA VAL D 31 -6.27 -7.32 -31.33
C VAL D 31 -5.64 -7.05 -32.71
N PHE D 32 -6.48 -6.60 -33.65
CA PHE D 32 -6.13 -6.43 -35.04
C PHE D 32 -6.50 -5.07 -35.60
N ILE D 33 -5.61 -4.48 -36.39
CA ILE D 33 -5.88 -3.26 -37.13
C ILE D 33 -6.50 -3.71 -38.42
N VAL D 34 -7.74 -3.30 -38.65
CA VAL D 34 -8.50 -3.75 -39.81
C VAL D 34 -8.32 -2.76 -40.93
N GLY D 35 -8.17 -1.50 -40.56
CA GLY D 35 -7.94 -0.45 -41.51
C GLY D 35 -7.90 0.92 -40.83
N GLY D 36 -7.65 1.98 -41.60
CA GLY D 36 -7.70 3.34 -41.09
C GLY D 36 -7.57 4.39 -42.16
N HIS D 37 -7.30 5.63 -41.74
CA HIS D 37 -7.31 6.76 -42.63
C HIS D 37 -6.59 7.95 -42.07
N ILE D 38 -5.78 8.59 -42.88
CA ILE D 38 -5.04 9.79 -42.48
C ILE D 38 -5.41 10.90 -43.47
N THR D 39 -5.88 12.02 -42.96
CA THR D 39 -6.22 13.16 -43.83
C THR D 39 -4.92 13.78 -44.29
N PRO D 40 -4.99 14.58 -45.36
CA PRO D 40 -3.91 15.52 -45.57
C PRO D 40 -3.65 16.33 -44.28
N PHE D 41 -2.40 16.69 -44.02
CA PHE D 41 -2.09 17.52 -42.87
C PHE D 41 -1.72 18.90 -43.42
N VAL D 42 -2.40 19.95 -42.94
CA VAL D 42 -2.36 21.26 -43.59
C VAL D 42 -2.01 22.37 -42.64
N GLY D 43 -1.29 23.37 -43.14
CA GLY D 43 -1.00 24.60 -42.38
C GLY D 43 -0.16 25.55 -43.20
N LYS D 44 0.39 26.59 -42.58
CA LYS D 44 1.26 27.56 -43.31
C LYS D 44 2.35 26.80 -44.04
N GLY D 45 2.48 27.06 -45.33
CA GLY D 45 3.50 26.39 -46.15
C GLY D 45 2.95 25.29 -47.04
N SER D 46 1.75 24.81 -46.75
CA SER D 46 1.09 23.84 -47.61
C SER D 46 0.32 24.59 -48.68
N PRO D 47 0.38 24.12 -49.92
CA PRO D 47 -0.48 24.68 -50.98
C PRO D 47 -1.97 24.40 -50.76
N LEU D 48 -2.32 23.43 -49.91
CA LEU D 48 -3.73 23.17 -49.55
C LEU D 48 -4.25 24.13 -48.49
N PHE D 49 -3.36 24.84 -47.83
CA PHE D 49 -3.76 25.75 -46.77
C PHE D 49 -4.13 27.13 -47.34
N ILE D 50 -5.30 27.61 -46.95
CA ILE D 50 -5.84 28.84 -47.49
C ILE D 50 -5.43 30.01 -46.61
N ASP D 51 -4.56 30.87 -47.14
CA ASP D 51 -4.11 32.06 -46.45
C ASP D 51 -4.16 33.21 -47.43
N LYS D 52 -3.73 34.39 -47.00
CA LYS D 52 -3.66 35.60 -47.86
C LYS D 52 -3.19 35.33 -49.30
N LYS D 53 -2.18 34.47 -49.42
CA LYS D 53 -1.56 34.19 -50.70
C LYS D 53 -2.32 33.19 -51.53
N HIS D 54 -3.34 32.54 -50.97
CA HIS D 54 -3.98 31.47 -51.67
C HIS D 54 -5.03 31.99 -52.62
N PRO D 55 -5.06 31.47 -53.86
CA PRO D 55 -6.09 31.83 -54.84
C PRO D 55 -7.49 32.03 -54.27
N ASP D 56 -7.92 31.13 -53.40
CA ASP D 56 -9.27 31.17 -52.86
C ASP D 56 -9.38 31.90 -51.54
N PHE D 57 -8.36 32.65 -51.16
CA PHE D 57 -8.46 33.44 -49.93
C PHE D 57 -9.72 34.29 -49.93
N GLY D 58 -10.36 34.42 -48.77
CA GLY D 58 -11.59 35.19 -48.65
C GLY D 58 -12.82 34.56 -49.27
N LYS D 59 -12.64 33.64 -50.22
CA LYS D 59 -13.75 33.00 -50.94
C LYS D 59 -14.10 31.62 -50.34
N LYS D 60 -13.09 30.79 -50.08
CA LYS D 60 -13.27 29.48 -49.45
C LYS D 60 -12.41 29.32 -48.19
N LYS D 61 -12.83 28.44 -47.29
CA LYS D 61 -12.20 28.32 -45.97
C LYS D 61 -11.55 26.97 -45.74
N ASN D 62 -10.56 26.93 -44.85
CA ASN D 62 -9.96 25.66 -44.38
C ASN D 62 -10.96 24.86 -43.56
N MET D 63 -10.80 23.53 -43.53
CA MET D 63 -11.72 22.71 -42.78
C MET D 63 -11.71 23.09 -41.29
N THR D 64 -12.88 23.04 -40.68
CA THR D 64 -13.02 23.15 -39.24
C THR D 64 -12.74 21.82 -38.56
N LEU D 65 -12.64 21.86 -37.24
CA LEU D 65 -12.45 20.66 -36.45
C LEU D 65 -13.55 19.65 -36.70
N GLU D 66 -14.78 20.14 -36.73
CA GLU D 66 -15.95 19.31 -36.99
C GLU D 66 -15.78 18.66 -38.31
N GLU D 67 -15.30 19.42 -39.28
CA GLU D 67 -15.18 18.92 -40.67
C GLU D 67 -14.10 17.87 -40.78
N ILE D 68 -12.94 18.15 -40.19
CA ILE D 68 -11.87 17.18 -40.17
C ILE D 68 -12.32 15.88 -39.51
N LEU D 69 -13.05 16.00 -38.40
CA LEU D 69 -13.48 14.85 -37.65
C LEU D 69 -14.44 14.06 -38.52
N ALA D 70 -15.30 14.76 -39.27
CA ALA D 70 -16.23 14.09 -40.21
C ALA D 70 -15.48 13.35 -41.28
N THR D 71 -14.54 14.03 -41.93
CA THR D 71 -13.77 13.35 -42.95
C THR D 71 -13.07 12.12 -42.43
N THR D 72 -12.58 12.21 -41.18
CA THR D 72 -11.71 11.17 -40.65
C THR D 72 -12.56 9.98 -40.26
N VAL D 73 -13.68 10.24 -39.62
CA VAL D 73 -14.52 9.16 -39.19
C VAL D 73 -15.00 8.42 -40.41
N GLN D 74 -15.41 9.15 -41.43
CA GLN D 74 -15.94 8.52 -42.65
C GLN D 74 -14.86 7.84 -43.46
N GLY D 75 -13.71 8.48 -43.56
CA GLY D 75 -12.60 7.89 -44.26
C GLY D 75 -12.26 6.55 -43.64
N THR D 76 -12.24 6.50 -42.32
CA THR D 76 -11.79 5.31 -41.60
C THR D 76 -12.77 4.16 -41.76
N MET D 77 -14.05 4.49 -41.83
CA MET D 77 -15.07 3.46 -42.01
C MET D 77 -14.93 2.92 -43.42
N GLU D 78 -14.76 3.83 -44.37
CA GLU D 78 -14.69 3.47 -45.77
C GLU D 78 -13.48 2.54 -46.03
N HIS D 79 -12.28 2.93 -45.63
CA HIS D 79 -11.11 2.08 -45.85
C HIS D 79 -11.13 0.77 -45.10
N SER D 80 -11.94 0.67 -44.06
CA SER D 80 -12.02 -0.56 -43.27
C SER D 80 -13.12 -1.52 -43.72
N GLY D 81 -13.85 -1.14 -44.78
CA GLY D 81 -14.95 -1.97 -45.29
C GLY D 81 -16.23 -1.93 -44.48
N LEU D 82 -16.48 -0.84 -43.76
CA LEU D 82 -17.62 -0.74 -42.86
C LEU D 82 -18.70 0.21 -43.39
N SER D 83 -18.50 0.82 -44.56
CA SER D 83 -19.55 1.66 -45.15
C SER D 83 -20.80 0.84 -45.33
N GLY D 84 -21.89 1.32 -44.72
CA GLY D 84 -23.18 0.69 -44.84
C GLY D 84 -23.46 -0.31 -43.73
N ARG D 85 -22.47 -0.57 -42.88
CA ARG D 85 -22.69 -1.40 -41.71
C ARG D 85 -21.97 -0.86 -40.48
N GLU D 86 -21.89 0.46 -40.40
CA GLU D 86 -21.19 1.11 -39.33
C GLU D 86 -21.79 0.76 -37.97
N GLY D 87 -23.03 0.26 -37.95
CA GLY D 87 -23.67 -0.14 -36.71
C GLY D 87 -22.94 -1.23 -35.93
N ILE D 88 -22.07 -1.99 -36.60
CA ILE D 88 -21.38 -3.08 -35.91
C ILE D 88 -20.14 -2.58 -35.14
N VAL D 89 -19.78 -1.31 -35.30
CA VAL D 89 -18.84 -0.66 -34.40
C VAL D 89 -19.48 -0.55 -33.01
N ASP D 90 -18.74 -0.92 -31.98
CA ASP D 90 -19.28 -0.94 -30.65
C ASP D 90 -19.00 0.32 -29.89
N GLN D 91 -17.91 0.98 -30.23
CA GLN D 91 -17.49 2.15 -29.50
C GLN D 91 -16.49 3.01 -30.17
N VAL D 92 -16.49 4.28 -29.76
CA VAL D 92 -15.65 5.27 -30.37
C VAL D 92 -14.89 6.05 -29.31
N VAL D 93 -13.60 6.24 -29.51
CA VAL D 93 -12.75 7.03 -28.63
C VAL D 93 -12.04 8.05 -29.51
N VAL D 94 -12.10 9.31 -29.06
CA VAL D 94 -11.53 10.41 -29.78
C VAL D 94 -10.34 10.96 -29.03
N GLY D 95 -9.22 11.05 -29.70
CA GLY D 95 -8.05 11.71 -29.14
C GLY D 95 -7.97 13.16 -29.60
N ASN D 96 -7.98 14.08 -28.65
CA ASN D 96 -7.88 15.50 -28.96
C ASN D 96 -7.26 16.22 -27.79
N PHE D 97 -6.41 17.20 -28.02
CA PHE D 97 -5.73 17.87 -26.92
C PHE D 97 -6.37 19.22 -26.61
N LEU D 98 -6.50 20.10 -27.61
CA LEU D 98 -6.83 21.49 -27.39
C LEU D 98 -8.04 22.06 -28.19
N GLY D 99 -8.95 21.18 -28.60
CA GLY D 99 -10.17 21.60 -29.21
C GLY D 99 -10.86 22.73 -28.45
N GLU D 100 -10.87 22.64 -27.13
CA GLU D 100 -11.56 23.61 -26.27
C GLU D 100 -10.97 25.02 -26.35
N LEU D 101 -9.71 25.14 -26.74
CA LEU D 101 -9.07 26.44 -26.86
C LEU D 101 -9.04 26.89 -28.30
N PHE D 102 -8.60 26.04 -29.22
CA PHE D 102 -8.50 26.43 -30.63
C PHE D 102 -9.85 26.55 -31.37
N SER D 103 -10.84 25.75 -30.99
CA SER D 103 -12.14 25.71 -31.64
C SER D 103 -13.28 25.89 -30.64
N SER D 104 -12.97 26.27 -29.40
CA SER D 104 -14.05 26.49 -28.44
C SER D 104 -14.95 25.27 -28.34
N GLN D 105 -14.40 24.07 -28.52
CA GLN D 105 -15.25 22.89 -28.61
C GLN D 105 -14.69 21.72 -27.84
N GLY D 106 -15.36 21.34 -26.78
CA GLY D 106 -15.02 20.10 -26.11
C GLY D 106 -16.03 19.05 -26.47
N HIS D 107 -16.12 18.04 -25.63
CA HIS D 107 -17.20 17.03 -25.71
C HIS D 107 -17.23 16.45 -27.09
N LEU D 108 -16.06 16.08 -27.63
CA LEU D 108 -16.01 15.54 -28.96
C LEU D 108 -16.59 14.09 -29.10
N GLY D 109 -17.00 13.46 -28.01
CA GLY D 109 -17.59 12.13 -28.11
C GLY D 109 -18.85 12.20 -28.95
N PRO D 110 -19.82 13.00 -28.53
CA PRO D 110 -21.01 13.13 -29.33
C PRO D 110 -20.78 13.77 -30.69
N ALA D 111 -19.70 14.53 -30.82
CA ALA D 111 -19.34 15.11 -32.10
C ALA D 111 -19.00 13.97 -32.99
N ALA D 112 -18.26 13.02 -32.45
CA ALA D 112 -17.88 11.84 -33.21
C ALA D 112 -19.13 11.03 -33.60
N ILE D 113 -20.07 10.87 -32.70
CA ILE D 113 -21.26 10.09 -33.00
C ILE D 113 -22.00 10.72 -34.18
N GLY D 114 -21.89 12.04 -34.34
CA GLY D 114 -22.63 12.75 -35.35
C GLY D 114 -21.81 13.03 -36.57
N SER D 115 -20.67 12.37 -36.68
CA SER D 115 -19.75 12.68 -37.76
C SER D 115 -20.03 11.88 -39.03
N LEU D 116 -20.72 10.76 -38.85
CA LEU D 116 -20.94 9.80 -39.91
C LEU D 116 -21.88 10.43 -40.94
N THR D 117 -22.77 11.27 -40.45
CA THR D 117 -23.80 11.84 -41.28
C THR D 117 -23.76 13.35 -41.17
N TYR D 118 -22.56 13.90 -41.03
CA TYR D 118 -22.40 15.31 -40.73
C TYR D 118 -22.94 16.14 -41.86
N GLY D 119 -23.71 17.14 -41.50
CA GLY D 119 -24.33 18.07 -42.46
C GLY D 119 -25.48 17.49 -43.25
N GLN D 120 -26.01 16.34 -42.85
CA GLN D 120 -27.17 15.73 -43.49
C GLN D 120 -28.24 15.53 -42.42
N ALA D 121 -28.91 16.63 -42.08
CA ALA D 121 -29.94 16.69 -41.05
C ALA D 121 -30.98 15.57 -41.15
N GLY D 122 -31.32 14.95 -40.01
CA GLY D 122 -32.39 13.95 -39.94
C GLY D 122 -32.03 12.54 -40.38
N SER D 123 -30.89 12.37 -41.05
CA SER D 123 -30.48 11.10 -41.64
C SER D 123 -30.31 10.02 -40.57
N LYS D 124 -30.66 8.77 -40.90
CA LYS D 124 -30.48 7.61 -39.99
C LYS D 124 -29.03 7.49 -39.56
N ASN D 125 -28.80 7.45 -38.25
CA ASN D 125 -27.45 7.37 -37.68
C ASN D 125 -27.25 6.06 -36.96
N PRO D 126 -26.48 5.14 -37.55
CA PRO D 126 -26.27 3.88 -36.87
C PRO D 126 -25.32 3.94 -35.65
N LEU D 127 -24.61 5.04 -35.44
CA LEU D 127 -23.79 5.20 -34.22
C LEU D 127 -24.53 5.72 -32.98
N MET D 128 -25.78 6.17 -33.14
CA MET D 128 -26.55 6.66 -32.01
C MET D 128 -26.54 5.74 -30.79
N TYR D 129 -26.26 6.32 -29.62
CA TYR D 129 -26.38 5.65 -28.31
C TYR D 129 -25.22 4.72 -27.95
N LYS D 130 -24.23 4.61 -28.82
CA LYS D 130 -23.06 3.84 -28.53
C LYS D 130 -22.15 4.60 -27.57
N PRO D 131 -21.28 3.89 -26.85
CA PRO D 131 -20.29 4.65 -26.04
C PRO D 131 -19.29 5.44 -26.85
N ALA D 132 -19.03 6.63 -26.38
CA ALA D 132 -17.98 7.44 -26.94
C ALA D 132 -17.42 8.38 -25.88
N MET D 133 -16.15 8.68 -26.00
CA MET D 133 -15.52 9.68 -25.12
C MET D 133 -14.30 10.29 -25.78
N ARG D 134 -13.86 11.41 -25.22
CA ARG D 134 -12.54 11.94 -25.58
C ARG D 134 -11.54 11.61 -24.47
N VAL D 135 -10.32 11.27 -24.88
CA VAL D 135 -9.22 11.13 -23.96
C VAL D 135 -8.14 12.11 -24.31
N GLU D 136 -7.32 12.44 -23.32
CA GLU D 136 -6.30 13.47 -23.47
C GLU D 136 -5.03 13.19 -22.63
N GLY D 137 -3.91 13.29 -23.31
CA GLY D 137 -2.57 13.36 -22.65
C GLY D 137 -1.65 14.07 -23.60
N ALA D 138 -1.97 15.33 -23.86
CA ALA D 138 -1.14 16.15 -24.72
C ALA D 138 -0.97 15.50 -26.06
N ALA D 139 0.25 15.53 -26.58
CA ALA D 139 0.51 14.94 -27.88
C ALA D 139 0.39 13.41 -27.86
N ALA D 140 0.12 12.81 -26.70
CA ALA D 140 -0.02 11.36 -26.63
C ALA D 140 -1.52 10.97 -26.69
N SER D 141 -2.38 11.95 -26.92
CA SER D 141 -3.82 11.71 -26.94
C SER D 141 -4.25 10.59 -27.87
N GLY D 142 -3.69 10.56 -29.09
CA GLY D 142 -4.04 9.53 -30.08
C GLY D 142 -3.66 8.15 -29.59
N GLY D 143 -2.47 8.08 -29.01
CA GLY D 143 -1.95 6.84 -28.47
C GLY D 143 -2.89 6.36 -27.40
N LEU D 144 -3.31 7.27 -26.51
CA LEU D 144 -4.20 6.94 -25.42
C LEU D 144 -5.53 6.49 -25.95
N ALA D 145 -5.97 7.04 -27.08
CA ALA D 145 -7.22 6.59 -27.68
C ALA D 145 -7.10 5.12 -28.03
N VAL D 146 -6.02 4.74 -28.68
CA VAL D 146 -5.80 3.35 -29.04
C VAL D 146 -5.79 2.43 -27.82
N ILE D 147 -5.08 2.79 -26.75
CA ILE D 147 -5.07 1.95 -25.51
C ILE D 147 -6.45 1.80 -24.91
N SER D 148 -7.22 2.86 -24.87
CA SER D 148 -8.59 2.78 -24.39
CA SER D 148 -8.57 2.77 -24.35
C SER D 148 -9.41 1.84 -25.22
N ALA D 149 -9.30 1.97 -26.54
CA ALA D 149 -10.05 1.14 -27.49
C ALA D 149 -9.67 -0.35 -27.30
N MET D 150 -8.36 -0.58 -27.12
CA MET D 150 -7.86 -1.93 -26.93
C MET D 150 -8.37 -2.55 -25.68
N ASN D 151 -8.45 -1.75 -24.62
CA ASN D 151 -9.04 -2.25 -23.37
C ASN D 151 -10.50 -2.65 -23.51
N ALA D 152 -11.27 -1.82 -24.17
CA ALA D 152 -12.63 -2.16 -24.51
C ALA D 152 -12.70 -3.48 -25.27
N LEU D 153 -11.88 -3.66 -26.31
CA LEU D 153 -11.78 -4.94 -27.00
C LEU D 153 -11.44 -6.15 -26.11
N LYS D 154 -10.52 -6.01 -25.17
CA LYS D 154 -10.12 -7.15 -24.32
C LYS D 154 -10.99 -7.31 -23.07
N SER D 155 -11.92 -6.40 -22.85
CA SER D 155 -12.75 -6.43 -21.63
C SER D 155 -14.05 -7.15 -21.87
N GLY D 156 -14.32 -7.49 -23.12
CA GLY D 156 -15.64 -8.03 -23.49
C GLY D 156 -16.71 -6.96 -23.60
N SER D 157 -16.35 -5.68 -23.53
CA SER D 157 -17.37 -4.66 -23.67
C SER D 157 -17.52 -4.25 -25.18
N ALA D 158 -16.51 -4.59 -26.00
CA ALA D 158 -16.44 -4.22 -27.40
C ALA D 158 -15.86 -5.39 -28.15
N ASP D 159 -16.30 -5.57 -29.41
CA ASP D 159 -15.61 -6.45 -30.37
C ASP D 159 -14.97 -5.69 -31.55
N ILE D 160 -15.53 -4.54 -31.89
CA ILE D 160 -14.99 -3.66 -32.91
C ILE D 160 -14.98 -2.24 -32.35
N THR D 161 -13.87 -1.54 -32.46
CA THR D 161 -13.78 -0.17 -31.89
C THR D 161 -13.15 0.78 -32.88
N LEU D 162 -13.52 2.05 -32.77
CA LEU D 162 -13.01 3.08 -33.64
C LEU D 162 -12.25 4.09 -32.82
N ALA D 163 -10.99 4.29 -33.17
CA ALA D 163 -10.13 5.25 -32.46
C ALA D 163 -9.74 6.31 -33.47
N VAL D 164 -10.16 7.53 -33.25
CA VAL D 164 -9.81 8.64 -34.14
C VAL D 164 -9.22 9.78 -33.38
N GLY D 165 -8.29 10.45 -34.01
CA GLY D 165 -7.60 11.59 -33.35
C GLY D 165 -7.60 12.76 -34.27
N VAL D 166 -7.92 13.93 -33.75
CA VAL D 166 -8.02 15.12 -34.62
C VAL D 166 -7.53 16.35 -33.94
N GLU D 167 -7.11 17.32 -34.74
CA GLU D 167 -6.71 18.61 -34.19
C GLU D 167 -6.76 19.71 -35.24
N VAL D 168 -7.21 20.88 -34.82
CA VAL D 168 -7.07 22.08 -35.66
C VAL D 168 -6.29 23.10 -34.81
N GLN D 169 -5.15 23.52 -35.30
CA GLN D 169 -4.27 24.45 -34.60
C GLN D 169 -4.02 25.75 -35.36
N THR D 170 -4.45 25.82 -36.61
CA THR D 170 -4.09 26.96 -37.46
C THR D 170 -5.03 28.13 -37.24
N THR D 171 -6.01 27.98 -36.37
CA THR D 171 -6.91 29.10 -36.06
C THR D 171 -6.33 30.22 -35.16
N ALA D 172 -5.08 30.10 -34.70
CA ALA D 172 -4.51 31.18 -33.88
C ALA D 172 -3.10 31.48 -34.29
N SER D 173 -2.55 32.60 -33.81
CA SER D 173 -1.15 32.95 -34.08
C SER D 173 -0.21 31.94 -33.44
N ALA D 174 1.02 31.91 -33.93
CA ALA D 174 2.08 31.09 -33.39
C ALA D 174 2.23 31.33 -31.90
N ARG D 175 2.09 32.57 -31.51
CA ARG D 175 2.35 32.96 -30.13
C ARG D 175 1.26 32.53 -29.21
N VAL D 176 0.00 32.79 -29.59
CA VAL D 176 -1.12 32.34 -28.80
C VAL D 176 -1.10 30.82 -28.82
N GLY D 177 -0.82 30.23 -29.97
CA GLY D 177 -0.78 28.77 -30.10
C GLY D 177 0.25 28.15 -29.16
N GLY D 178 1.39 28.82 -29.05
CA GLY D 178 2.44 28.41 -28.16
C GLY D 178 2.06 28.41 -26.70
N ASP D 179 1.25 29.39 -26.29
CA ASP D 179 0.71 29.45 -24.94
C ASP D 179 -0.33 28.32 -24.71
N TYR D 180 -1.15 28.02 -25.72
CA TYR D 180 -2.16 26.96 -25.61
C TYR D 180 -1.45 25.64 -25.47
N LEU D 181 -0.45 25.41 -26.31
CA LEU D 181 0.34 24.20 -26.22
C LEU D 181 1.04 24.07 -24.85
N ALA D 182 1.32 25.20 -24.20
CA ALA D 182 1.94 25.22 -22.85
C ALA D 182 1.11 24.45 -21.83
N ARG D 183 -0.17 24.27 -22.14
CA ARG D 183 -1.06 23.44 -21.33
C ARG D 183 -0.56 22.02 -21.06
N ALA D 184 0.32 21.53 -21.92
CA ALA D 184 0.95 20.23 -21.79
C ALA D 184 2.10 20.20 -20.78
N ALA D 185 2.62 21.38 -20.41
CA ALA D 185 3.68 21.52 -19.43
C ALA D 185 3.05 21.74 -18.07
N ASP D 186 3.91 21.84 -17.07
CA ASP D 186 3.54 22.35 -15.78
C ASP D 186 3.46 23.86 -15.99
N TYR D 187 2.28 24.36 -16.28
CA TYR D 187 2.10 25.72 -16.73
C TYR D 187 2.59 26.75 -15.71
N GLN D 188 2.11 26.65 -14.49
CA GLN D 188 2.56 27.54 -13.42
C GLN D 188 4.08 27.65 -13.36
N ARG D 189 4.78 26.54 -13.52
CA ARG D 189 6.22 26.46 -13.35
C ARG D 189 6.96 26.75 -14.63
N GLN D 190 6.40 26.41 -15.78
CA GLN D 190 7.24 26.40 -17.01
C GLN D 190 6.82 27.37 -18.10
N ARG D 191 5.63 27.94 -17.99
CA ARG D 191 5.17 28.88 -18.99
C ARG D 191 6.18 30.02 -19.11
N GLN D 192 6.70 30.49 -17.98
CA GLN D 192 7.64 31.62 -18.02
C GLN D 192 8.86 31.43 -18.90
N LEU D 193 9.25 30.18 -19.22
CA LEU D 193 10.46 29.97 -20.01
C LEU D 193 10.46 30.78 -21.30
N ASP D 194 9.35 30.80 -22.00
CA ASP D 194 9.25 31.50 -23.26
C ASP D 194 7.80 31.39 -23.73
N ASP D 195 7.39 32.31 -24.59
CA ASP D 195 6.09 32.21 -25.19
C ASP D 195 5.96 30.89 -25.94
N PHE D 196 7.08 30.46 -26.54
CA PHE D 196 7.16 29.16 -27.21
C PHE D 196 7.67 28.16 -26.21
N THR D 197 6.79 27.74 -25.30
CA THR D 197 7.20 27.02 -24.13
C THR D 197 7.82 25.72 -24.51
N PHE D 198 7.20 25.00 -25.43
CA PHE D 198 7.72 23.69 -25.76
C PHE D 198 8.97 23.66 -26.57
N PRO D 199 9.03 24.45 -27.64
CA PRO D 199 10.31 24.60 -28.31
C PRO D 199 11.42 24.93 -27.29
N CYS D 200 11.09 25.73 -26.28
CA CYS D 200 12.12 26.17 -25.33
C CYS D 200 12.50 25.04 -24.44
N LEU D 201 11.53 24.22 -24.08
CA LEU D 201 11.83 23.06 -23.25
C LEU D 201 12.79 22.13 -23.95
N PHE D 202 12.64 21.96 -25.24
CA PHE D 202 13.58 21.11 -25.98
C PHE D 202 14.90 21.81 -26.35
N ALA D 203 14.90 23.14 -26.47
CA ALA D 203 16.15 23.89 -26.59
C ALA D 203 17.01 23.65 -25.34
N LYS D 204 16.38 23.70 -24.15
CA LYS D 204 17.00 23.47 -22.87
C LYS D 204 17.63 22.10 -22.73
N ARG D 205 16.92 21.07 -23.17
CA ARG D 205 17.50 19.73 -23.32
C ARG D 205 18.70 19.74 -24.26
N MET D 206 18.58 20.42 -25.39
CA MET D 206 19.70 20.44 -26.33
C MET D 206 20.95 21.08 -25.69
N LYS D 207 20.75 22.07 -24.82
CA LYS D 207 21.87 22.70 -24.18
C LYS D 207 22.63 21.65 -23.36
N TYR D 208 21.91 20.94 -22.51
CA TYR D 208 22.46 19.85 -21.69
C TYR D 208 23.05 18.75 -22.58
N ILE D 209 22.40 18.47 -23.70
CA ILE D 209 22.88 17.47 -24.66
C ILE D 209 24.20 17.88 -25.30
N ALA D 210 24.32 19.14 -25.70
CA ALA D 210 25.58 19.69 -26.20
C ALA D 210 26.69 19.59 -25.15
N GLU D 211 26.42 20.06 -23.96
CA GLU D 211 27.41 20.05 -22.89
C GLU D 211 27.94 18.67 -22.57
N HIS D 212 27.19 17.62 -22.89
CA HIS D 212 27.62 16.25 -22.62
C HIS D 212 27.99 15.53 -23.86
N ASN D 213 28.06 16.26 -24.96
CA ASN D 213 28.48 15.72 -26.23
C ASN D 213 27.70 14.48 -26.64
N HIS D 214 26.41 14.49 -26.37
CA HIS D 214 25.57 13.33 -26.64
C HIS D 214 25.30 13.22 -28.11
N PHE D 215 25.01 14.37 -28.70
CA PHE D 215 25.01 14.50 -30.13
C PHE D 215 25.03 15.99 -30.47
N THR D 216 25.08 16.31 -31.76
CA THR D 216 25.29 17.68 -32.20
C THR D 216 24.11 18.25 -32.99
N MET D 217 24.17 19.56 -33.17
CA MET D 217 23.22 20.25 -33.96
C MET D 217 23.41 19.86 -35.42
N GLU D 218 24.58 19.34 -35.76
CA GLU D 218 24.80 18.82 -37.10
C GLU D 218 23.91 17.56 -37.27
N ASP D 219 23.97 16.68 -36.28
CA ASP D 219 23.14 15.49 -36.26
C ASP D 219 21.64 15.80 -36.39
N THR D 220 21.16 16.84 -35.70
CA THR D 220 19.74 17.12 -35.74
C THR D 220 19.31 17.68 -37.08
N ALA D 221 20.19 18.45 -37.74
CA ALA D 221 19.95 18.88 -39.14
C ALA D 221 19.81 17.66 -40.04
N ARG D 222 20.60 16.63 -39.80
CA ARG D 222 20.48 15.40 -40.57
C ARG D 222 19.12 14.71 -40.38
N VAL D 223 18.59 14.75 -39.18
CA VAL D 223 17.24 14.28 -38.93
C VAL D 223 16.25 15.09 -39.78
N ALA D 224 16.37 16.42 -39.77
CA ALA D 224 15.47 17.27 -40.58
C ALA D 224 15.58 16.96 -42.07
N ALA D 225 16.82 16.94 -42.58
CA ALA D 225 17.06 16.58 -43.97
C ALA D 225 16.33 15.28 -44.32
N LYS D 226 16.43 14.25 -43.48
CA LYS D 226 15.72 12.98 -43.71
C LYS D 226 14.18 13.16 -43.75
N ALA D 227 13.67 13.95 -42.82
CA ALA D 227 12.25 14.11 -42.70
C ALA D 227 11.72 14.77 -43.93
N TYR D 228 12.38 15.84 -44.35
CA TYR D 228 11.92 16.60 -45.51
C TYR D 228 12.07 15.80 -46.81
N ALA D 229 13.13 15.00 -46.94
CA ALA D 229 13.28 14.10 -48.11
C ALA D 229 12.11 13.09 -48.15
N ASN D 230 11.76 12.53 -47.00
CA ASN D 230 10.62 11.62 -46.93
C ASN D 230 9.29 12.33 -47.23
N GLY D 231 9.09 13.50 -46.63
CA GLY D 231 7.89 14.30 -46.88
C GLY D 231 7.67 14.57 -48.36
N ASN D 232 8.76 14.85 -49.07
CA ASN D 232 8.72 15.10 -50.51
C ASN D 232 8.10 13.95 -51.31
N LYS D 233 8.14 12.73 -50.76
CA LYS D 233 7.53 11.58 -51.40
C LYS D 233 6.09 11.31 -50.89
N ASN D 234 5.54 12.24 -50.10
CA ASN D 234 4.26 12.04 -49.41
C ASN D 234 3.26 13.20 -49.58
N PRO D 235 2.36 13.07 -50.57
CA PRO D 235 1.36 14.13 -50.87
C PRO D 235 0.50 14.55 -49.69
N LEU D 236 0.30 13.68 -48.71
CA LEU D 236 -0.42 14.05 -47.50
C LEU D 236 0.38 15.00 -46.59
N ALA D 237 1.69 15.02 -46.76
CA ALA D 237 2.55 15.73 -45.82
C ALA D 237 2.39 17.25 -45.89
N HIS D 238 2.21 17.86 -44.73
CA HIS D 238 2.15 19.31 -44.60
C HIS D 238 3.24 19.96 -45.44
N MET D 239 4.48 19.50 -45.29
CA MET D 239 5.61 20.12 -45.96
C MET D 239 5.99 19.42 -47.27
N HIS D 240 5.07 18.68 -47.87
CA HIS D 240 5.35 17.94 -49.12
C HIS D 240 6.07 18.72 -50.16
N THR D 241 5.67 19.97 -50.29
CA THR D 241 6.08 20.86 -51.31
C THR D 241 7.39 21.59 -51.05
N ARG D 242 7.93 21.46 -49.85
CA ARG D 242 9.11 22.21 -49.44
C ARG D 242 10.34 21.35 -49.48
N LYS D 243 11.39 21.84 -50.11
CA LYS D 243 12.65 21.10 -50.20
C LYS D 243 13.73 21.81 -49.41
N LEU D 244 14.55 21.02 -48.73
CA LEU D 244 15.53 21.54 -47.81
C LEU D 244 16.74 20.65 -47.83
N THR D 245 17.89 21.27 -47.97
CA THR D 245 19.16 20.54 -47.94
C THR D 245 19.61 20.42 -46.50
N PHE D 246 20.53 19.50 -46.27
CA PHE D 246 21.22 19.43 -45.00
C PHE D 246 21.73 20.80 -44.58
N GLU D 247 22.44 21.47 -45.50
CA GLU D 247 23.07 22.76 -45.19
C GLU D 247 22.05 23.78 -44.70
N GLN D 248 20.87 23.77 -45.32
CA GLN D 248 19.81 24.68 -44.92
C GLN D 248 19.31 24.32 -43.51
N CYS D 249 19.15 23.04 -43.24
CA CYS D 249 18.68 22.56 -41.92
C CYS D 249 19.72 22.85 -40.86
N ASN D 250 20.97 22.85 -41.30
CA ASN D 250 22.09 23.12 -40.43
C ASN D 250 22.31 24.64 -40.21
N GLY D 251 21.42 25.48 -40.73
CA GLY D 251 21.40 26.91 -40.42
C GLY D 251 22.12 27.85 -41.36
N GLU D 252 22.47 27.35 -42.55
CA GLU D 252 23.19 28.15 -43.53
C GLU D 252 22.26 29.00 -44.35
N ASP D 253 20.96 28.77 -44.19
CA ASP D 253 19.95 29.70 -44.61
C ASP D 253 19.72 30.72 -43.46
N PRO D 254 19.76 32.05 -43.77
CA PRO D 254 19.39 33.06 -42.75
C PRO D 254 17.90 33.07 -42.42
N SER D 255 17.06 32.58 -43.33
CA SER D 255 15.63 32.41 -43.06
C SER D 255 15.30 31.25 -42.08
N ASN D 256 16.29 30.44 -41.72
CA ASN D 256 16.13 29.36 -40.72
C ASN D 256 16.57 29.87 -39.37
N VAL D 257 15.73 30.72 -38.78
CA VAL D 257 16.14 31.59 -37.71
C VAL D 257 16.08 30.91 -36.35
N LYS D 258 16.90 31.43 -35.45
CA LYS D 258 16.89 31.00 -34.06
C LYS D 258 15.97 31.97 -33.31
N PHE D 259 14.73 31.53 -33.15
CA PHE D 259 13.60 32.44 -32.97
C PHE D 259 13.13 32.60 -31.54
N LEU D 260 13.66 31.81 -30.62
CA LEU D 260 13.25 31.95 -29.25
C LEU D 260 13.66 33.31 -28.68
N GLY D 261 12.95 33.76 -27.64
CA GLY D 261 13.31 34.96 -26.90
C GLY D 261 14.29 34.66 -25.77
N ASN D 262 14.23 33.45 -25.21
CA ASN D 262 15.05 33.11 -24.05
C ASN D 262 16.52 33.01 -24.43
N GLU D 263 17.30 33.98 -23.96
CA GLU D 263 18.71 34.09 -24.31
C GLU D 263 19.49 32.87 -23.91
N THR D 264 19.10 32.19 -22.83
CA THR D 264 19.83 31.03 -22.36
C THR D 264 19.73 29.85 -23.35
N TYR D 265 18.62 29.73 -24.05
CA TYR D 265 18.46 28.55 -24.92
C TYR D 265 18.39 28.88 -26.39
N LYS D 266 18.29 30.18 -26.69
CA LYS D 266 18.14 30.71 -28.06
C LYS D 266 18.92 29.99 -29.13
N GLU D 267 20.19 29.75 -28.84
CA GLU D 267 21.12 29.28 -29.86
C GLU D 267 21.00 27.79 -30.19
N TYR D 268 20.17 27.05 -29.47
CA TYR D 268 20.12 25.61 -29.64
C TYR D 268 18.93 25.12 -30.45
N LEU D 269 18.17 26.04 -31.07
CA LEU D 269 16.96 25.67 -31.80
C LEU D 269 16.68 26.54 -33.03
N ARG D 270 16.63 25.90 -34.19
CA ARG D 270 16.28 26.54 -35.45
C ARG D 270 14.86 26.15 -35.86
N MET D 271 14.21 26.98 -36.67
CA MET D 271 12.84 26.72 -37.14
C MET D 271 12.71 25.33 -37.71
N THR D 272 13.68 24.90 -38.51
CA THR D 272 13.63 23.58 -39.11
C THR D 272 13.81 22.41 -38.12
N ASP D 273 14.11 22.70 -36.87
CA ASP D 273 14.17 21.65 -35.86
C ASP D 273 12.80 21.36 -35.33
N CYS D 274 11.83 22.21 -35.69
CA CYS D 274 10.48 22.18 -35.07
C CYS D 274 9.42 21.53 -35.91
N SER D 275 8.54 20.77 -35.24
CA SER D 275 7.40 20.16 -35.86
C SER D 275 6.40 21.24 -36.27
N GLN D 276 5.47 20.88 -37.14
CA GLN D 276 4.57 21.88 -37.73
C GLN D 276 3.29 22.12 -36.90
N VAL D 277 2.80 23.36 -36.97
CA VAL D 277 1.45 23.73 -36.50
C VAL D 277 0.51 23.29 -37.62
N SER D 278 -0.14 22.15 -37.42
CA SER D 278 -0.96 21.53 -38.50
C SER D 278 -2.39 21.22 -38.06
N ASP D 279 -3.25 21.07 -39.06
CA ASP D 279 -4.61 20.54 -38.86
C ASP D 279 -4.69 19.19 -39.50
N GLY D 280 -5.45 18.28 -38.91
CA GLY D 280 -5.66 17.00 -39.53
C GLY D 280 -6.29 15.96 -38.63
N GLY D 281 -6.45 14.77 -39.18
CA GLY D 281 -7.05 13.65 -38.46
C GLY D 281 -6.47 12.34 -38.90
N ALA D 282 -6.49 11.37 -37.99
CA ALA D 282 -6.14 10.00 -38.35
C ALA D 282 -7.10 9.08 -37.60
N GLY D 283 -7.43 7.95 -38.20
CA GLY D 283 -8.39 7.05 -37.59
C GLY D 283 -7.97 5.64 -37.85
N VAL D 284 -8.36 4.74 -36.95
CA VAL D 284 -8.11 3.36 -37.12
C VAL D 284 -9.32 2.59 -36.62
N VAL D 285 -9.55 1.40 -37.20
CA VAL D 285 -10.58 0.48 -36.70
C VAL D 285 -9.88 -0.79 -36.14
N LEU D 286 -10.15 -1.10 -34.86
CA LEU D 286 -9.55 -2.25 -34.22
C LEU D 286 -10.58 -3.29 -33.93
N ALA D 287 -10.19 -4.57 -33.99
CA ALA D 287 -11.11 -5.68 -33.76
C ALA D 287 -10.46 -6.81 -32.96
N ASN D 288 -11.25 -7.49 -32.14
CA ASN D 288 -10.82 -8.76 -31.56
C ASN D 288 -11.26 -9.90 -32.52
N GLU D 289 -10.96 -11.14 -32.17
CA GLU D 289 -11.34 -12.29 -33.02
C GLU D 289 -12.83 -12.28 -33.33
N GLU D 290 -13.64 -11.99 -32.33
CA GLU D 290 -15.08 -11.99 -32.50
C GLU D 290 -15.48 -10.89 -33.47
N GLY D 291 -14.73 -9.79 -33.47
CA GLY D 291 -14.97 -8.70 -34.38
C GLY D 291 -14.63 -9.05 -35.81
N LEU D 292 -13.55 -9.78 -36.02
CA LEU D 292 -13.19 -10.24 -37.38
C LEU D 292 -14.28 -11.17 -37.94
N ARG D 293 -14.79 -12.04 -37.08
CA ARG D 293 -15.85 -12.95 -37.43
C ARG D 293 -17.09 -12.17 -37.88
N LYS D 294 -17.49 -11.21 -37.06
CA LYS D 294 -18.63 -10.33 -37.35
C LYS D 294 -18.47 -9.64 -38.71
N MET D 295 -17.22 -9.38 -39.11
CA MET D 295 -16.96 -8.66 -40.33
C MET D 295 -16.76 -9.58 -41.50
N GLY D 296 -16.77 -10.87 -41.23
CA GLY D 296 -16.59 -11.88 -42.27
C GLY D 296 -15.14 -12.03 -42.68
N LEU D 297 -14.23 -11.89 -41.72
CA LEU D 297 -12.80 -11.94 -42.00
C LEU D 297 -12.14 -13.00 -41.13
N SER D 298 -11.11 -13.63 -41.65
CA SER D 298 -10.33 -14.55 -40.84
C SER D 298 -9.06 -13.86 -40.31
N PRO D 299 -8.56 -14.35 -39.16
CA PRO D 299 -7.35 -13.81 -38.53
C PRO D 299 -6.08 -13.83 -39.37
N ASN D 300 -6.06 -14.53 -40.51
CA ASN D 300 -4.91 -14.44 -41.42
C ASN D 300 -5.22 -13.66 -42.70
N ASP D 301 -6.34 -12.94 -42.72
CA ASP D 301 -6.61 -12.08 -43.86
C ASP D 301 -5.51 -11.05 -43.98
N SER D 302 -5.03 -10.84 -45.19
CA SER D 302 -3.82 -10.08 -45.39
C SER D 302 -4.03 -8.56 -45.36
N ARG D 303 -5.27 -8.10 -45.19
CA ARG D 303 -5.49 -6.70 -44.90
C ARG D 303 -5.23 -6.33 -43.42
N LEU D 304 -4.99 -7.35 -42.58
CA LEU D 304 -4.77 -7.14 -41.14
C LEU D 304 -3.32 -6.91 -40.72
N VAL D 305 -3.18 -6.32 -39.53
CA VAL D 305 -1.94 -6.22 -38.78
C VAL D 305 -2.32 -6.42 -37.32
N GLU D 306 -1.56 -7.23 -36.59
CA GLU D 306 -1.88 -7.52 -35.19
C GLU D 306 -1.18 -6.51 -34.33
N ILE D 307 -1.84 -5.99 -33.30
CA ILE D 307 -1.11 -5.24 -32.29
C ILE D 307 -0.68 -6.23 -31.21
N LYS D 308 0.58 -6.67 -31.26
CA LYS D 308 1.07 -7.65 -30.31
C LYS D 308 0.99 -7.09 -28.91
N SER D 309 1.33 -5.81 -28.75
CA SER D 309 1.31 -5.22 -27.43
C SER D 309 1.18 -3.72 -27.52
N ILE D 310 0.76 -3.11 -26.40
CA ILE D 310 0.72 -1.68 -26.26
C ILE D 310 0.95 -1.36 -24.79
N ALA D 311 1.62 -0.25 -24.50
CA ALA D 311 1.90 0.13 -23.12
C ALA D 311 2.02 1.62 -22.94
N CYS D 312 1.63 2.07 -21.75
CA CYS D 312 1.64 3.44 -21.36
C CYS D 312 2.48 3.64 -20.10
N ALA D 313 3.20 4.76 -20.03
CA ALA D 313 3.99 5.08 -18.84
C ALA D 313 3.96 6.55 -18.64
N VAL D 314 3.59 7.00 -17.45
CA VAL D 314 3.46 8.42 -17.22
C VAL D 314 4.30 8.82 -16.03
N SER D 315 5.06 9.90 -16.15
CA SER D 315 5.90 10.37 -15.03
C SER D 315 5.29 11.61 -14.38
N ASN D 316 6.09 12.39 -13.65
CA ASN D 316 5.59 13.48 -12.83
C ASN D 316 5.64 14.84 -13.55
N LEU D 317 4.45 15.41 -13.82
CA LEU D 317 4.35 16.70 -14.50
C LEU D 317 5.19 17.75 -13.80
N TYR D 318 5.27 17.67 -12.47
CA TYR D 318 5.88 18.72 -11.63
C TYR D 318 7.41 18.63 -11.40
N GLU D 319 8.05 17.53 -11.76
CA GLU D 319 9.50 17.37 -11.55
C GLU D 319 10.17 16.79 -12.74
N ASP D 320 11.29 17.37 -13.13
CA ASP D 320 12.07 16.89 -14.28
C ASP D 320 13.31 16.11 -13.81
N PRO D 321 13.66 15.01 -14.50
CA PRO D 321 14.91 14.36 -14.11
C PRO D 321 16.08 15.18 -14.57
N ASP D 322 17.22 14.96 -13.94
CA ASP D 322 18.43 15.68 -14.26
C ASP D 322 18.96 15.37 -15.65
N ASP D 323 18.91 14.11 -16.04
CA ASP D 323 19.55 13.70 -17.29
C ASP D 323 18.65 13.94 -18.52
N ALA D 324 18.82 15.12 -19.14
CA ALA D 324 18.10 15.51 -20.35
C ALA D 324 18.49 14.68 -21.57
N CYS D 325 19.54 13.85 -21.45
CA CYS D 325 19.95 12.95 -22.53
C CYS D 325 19.16 11.62 -22.56
N CYS D 326 18.22 11.46 -21.63
CA CYS D 326 17.43 10.25 -21.53
C CYS D 326 15.96 10.58 -21.34
N MET D 327 15.14 10.02 -22.21
CA MET D 327 13.70 10.13 -22.09
C MET D 327 13.21 8.94 -21.30
N PHE D 328 13.23 9.07 -19.98
CA PHE D 328 12.97 7.93 -19.13
C PHE D 328 11.57 7.36 -19.32
N THR D 329 10.60 8.24 -19.51
CA THR D 329 9.22 7.83 -19.56
C THR D 329 8.96 7.07 -20.83
N SER D 330 9.47 7.59 -21.92
CA SER D 330 9.35 6.92 -23.22
C SER D 330 10.05 5.59 -23.24
N ARG D 331 11.20 5.52 -22.60
CA ARG D 331 11.96 4.27 -22.58
C ARG D 331 11.25 3.20 -21.79
N GLN D 332 10.64 3.59 -20.68
CA GLN D 332 9.82 2.66 -19.91
C GLN D 332 8.73 2.06 -20.77
N ALA D 333 7.96 2.94 -21.44
CA ALA D 333 6.87 2.46 -22.30
C ALA D 333 7.41 1.56 -23.41
N ALA D 334 8.48 1.97 -24.08
CA ALA D 334 9.07 1.13 -25.15
C ALA D 334 9.44 -0.24 -24.60
N GLN D 335 10.04 -0.28 -23.43
CA GLN D 335 10.46 -1.55 -22.83
C GLN D 335 9.30 -2.44 -22.36
N LYS D 336 8.24 -1.85 -21.81
CA LYS D 336 7.08 -2.64 -21.50
C LYS D 336 6.55 -3.27 -22.78
N ALA D 337 6.45 -2.49 -23.85
CA ALA D 337 5.81 -2.98 -25.05
C ALA D 337 6.62 -4.07 -25.74
N LEU D 338 7.91 -3.83 -25.91
CA LEU D 338 8.75 -4.85 -26.54
C LEU D 338 8.76 -6.15 -25.71
N SER D 339 8.82 -6.00 -24.40
CA SER D 339 8.79 -7.13 -23.52
C SER D 339 7.46 -7.92 -23.61
N MET D 340 6.33 -7.25 -23.50
CA MET D 340 5.05 -7.92 -23.66
C MET D 340 4.95 -8.64 -25.01
N ALA D 341 5.53 -8.05 -26.04
CA ALA D 341 5.61 -8.68 -27.38
C ALA D 341 6.67 -9.78 -27.46
N ASN D 342 7.50 -9.89 -26.42
CA ASN D 342 8.65 -10.80 -26.37
C ASN D 342 9.58 -10.66 -27.56
N ILE D 343 9.85 -9.43 -27.96
CA ILE D 343 10.83 -9.16 -29.01
C ILE D 343 11.82 -8.13 -28.50
N LYS D 344 12.86 -7.87 -29.32
CA LYS D 344 13.91 -6.91 -28.98
C LYS D 344 13.93 -5.85 -30.03
N PRO D 345 14.59 -4.73 -29.75
CA PRO D 345 14.62 -3.64 -30.70
C PRO D 345 15.24 -4.04 -32.03
N SER D 346 16.24 -4.91 -31.98
CA SER D 346 16.93 -5.37 -33.20
C SER D 346 16.00 -6.14 -34.13
N ASP D 347 14.91 -6.71 -33.60
CA ASP D 347 13.93 -7.43 -34.42
C ASP D 347 13.05 -6.50 -35.26
N LEU D 348 13.09 -5.19 -35.01
CA LEU D 348 12.15 -4.27 -35.64
C LEU D 348 12.60 -3.96 -37.04
N ASN D 349 11.64 -3.85 -37.96
CA ASN D 349 11.92 -3.60 -39.38
C ASN D 349 11.54 -2.17 -39.78
N VAL D 350 10.67 -1.53 -38.99
CA VAL D 350 10.24 -0.14 -39.20
C VAL D 350 9.70 0.42 -37.89
N ALA D 351 9.74 1.74 -37.76
CA ALA D 351 9.31 2.40 -36.53
C ALA D 351 8.79 3.78 -36.81
N GLU D 352 7.87 4.22 -35.98
CA GLU D 352 7.39 5.60 -36.00
C GLU D 352 7.66 6.14 -34.60
N VAL D 353 8.27 7.33 -34.53
CA VAL D 353 8.57 7.95 -33.24
C VAL D 353 8.25 9.44 -33.24
N HIS D 354 8.18 9.96 -32.03
CA HIS D 354 7.57 11.22 -31.75
C HIS D 354 8.60 12.32 -31.92
N ASP D 355 8.88 12.65 -33.16
CA ASP D 355 9.85 13.70 -33.51
C ASP D 355 9.26 15.11 -33.41
N CYS D 356 8.76 15.52 -32.25
CA CYS D 356 8.18 16.83 -32.14
C CYS D 356 9.26 17.91 -32.38
N PHE D 357 10.51 17.51 -32.17
CA PHE D 357 11.66 18.30 -32.62
C PHE D 357 12.68 17.30 -33.11
N THR D 358 13.70 17.77 -33.83
CA THR D 358 14.76 16.90 -34.32
C THR D 358 15.47 16.31 -33.14
N ILE D 359 15.61 17.12 -32.10
CA ILE D 359 16.13 16.68 -30.79
C ILE D 359 15.37 15.47 -30.24
N ALA D 360 14.04 15.47 -30.36
CA ALA D 360 13.22 14.35 -29.86
C ALA D 360 13.50 13.06 -30.62
N GLU D 361 13.59 13.14 -31.95
CA GLU D 361 13.85 11.94 -32.75
C GLU D 361 15.16 11.25 -32.30
N MET D 362 16.23 12.01 -32.12
CA MET D 362 17.49 11.42 -31.63
C MET D 362 17.25 10.69 -30.33
N LEU D 363 16.65 11.39 -29.35
CA LEU D 363 16.35 10.80 -28.05
C LEU D 363 15.44 9.55 -28.14
N MET D 364 14.53 9.54 -29.11
CA MET D 364 13.58 8.45 -29.29
C MET D 364 14.25 7.17 -29.82
N TYR D 365 15.30 7.31 -30.63
CA TYR D 365 16.03 6.15 -31.08
C TYR D 365 16.55 5.38 -29.88
N GLU D 366 17.01 6.13 -28.89
CA GLU D 366 17.58 5.50 -27.69
C GLU D 366 16.48 5.04 -26.74
N ALA D 367 15.38 5.80 -26.66
CA ALA D 367 14.25 5.39 -25.82
C ALA D 367 13.65 4.07 -26.34
N LEU D 368 13.48 3.99 -27.64
CA LEU D 368 12.94 2.78 -28.27
C LEU D 368 13.90 1.61 -28.15
N GLY D 369 15.18 1.93 -28.17
CA GLY D 369 16.23 0.96 -27.91
C GLY D 369 16.94 0.55 -29.20
N ILE D 370 16.56 1.14 -30.33
CA ILE D 370 17.26 0.81 -31.61
C ILE D 370 18.68 1.39 -31.66
N ALA D 371 19.00 2.34 -30.75
CA ALA D 371 20.37 2.76 -30.49
C ALA D 371 20.61 2.66 -29.01
N GLU D 372 21.85 2.39 -28.65
CA GLU D 372 22.25 2.30 -27.25
C GLU D 372 22.45 3.75 -26.74
N TYR D 373 22.49 3.93 -25.43
CA TYR D 373 22.62 5.27 -24.86
C TYR D 373 23.83 5.90 -25.46
N GLY D 374 23.65 7.07 -26.07
CA GLY D 374 24.76 7.82 -26.66
C GLY D 374 25.11 7.48 -28.10
N HIS D 375 24.36 6.56 -28.71
CA HIS D 375 24.67 6.10 -30.06
C HIS D 375 23.62 6.43 -31.08
N ALA D 376 22.63 7.24 -30.72
CA ALA D 376 21.71 7.74 -31.72
C ALA D 376 22.45 8.46 -32.91
N LYS D 377 23.53 9.16 -32.59
CA LYS D 377 24.32 9.84 -33.60
C LYS D 377 24.90 8.86 -34.63
N ASP D 378 25.30 7.68 -34.19
CA ASP D 378 25.83 6.65 -35.10
C ASP D 378 24.79 6.34 -36.16
N LEU D 379 23.57 6.07 -35.72
CA LEU D 379 22.49 5.68 -36.62
C LEU D 379 22.19 6.74 -37.66
N ILE D 380 22.13 7.99 -37.23
CA ILE D 380 21.81 9.11 -38.13
C ILE D 380 22.98 9.39 -39.08
N ARG D 381 24.21 9.22 -38.59
CA ARG D 381 25.39 9.50 -39.39
C ARG D 381 25.58 8.49 -40.54
N ASN D 382 25.10 7.27 -40.37
CA ASN D 382 25.25 6.35 -41.50
C ASN D 382 23.92 5.93 -42.12
N GLY D 383 22.89 6.74 -41.87
CA GLY D 383 21.64 6.64 -42.60
C GLY D 383 20.82 5.40 -42.30
N ASP D 384 21.05 4.80 -41.13
CA ASP D 384 20.34 3.56 -40.75
C ASP D 384 18.82 3.72 -40.62
N THR D 385 18.35 4.96 -40.42
CA THR D 385 16.93 5.24 -40.25
C THR D 385 16.31 5.94 -41.48
N THR D 386 17.04 6.00 -42.59
CA THR D 386 16.48 6.48 -43.86
C THR D 386 15.67 5.38 -44.49
N LEU D 387 14.96 5.69 -45.58
CA LEU D 387 14.15 4.67 -46.28
C LEU D 387 14.95 3.45 -46.71
N GLU D 388 16.22 3.62 -47.04
CA GLU D 388 17.04 2.46 -47.44
C GLU D 388 17.90 1.91 -46.34
N GLY D 389 17.78 2.49 -45.15
CA GLY D 389 18.55 2.06 -44.00
C GLY D 389 17.97 0.76 -43.48
N ARG D 390 18.63 0.18 -42.51
CA ARG D 390 18.16 -1.09 -42.00
C ARG D 390 16.96 -0.95 -41.03
N ILE D 391 16.79 0.22 -40.41
CA ILE D 391 15.63 0.45 -39.55
C ILE D 391 15.02 1.81 -39.88
N PRO D 392 14.22 1.84 -40.97
CA PRO D 392 13.59 3.09 -41.33
C PRO D 392 12.66 3.62 -40.23
N VAL D 393 12.78 4.92 -39.96
CA VAL D 393 11.91 5.59 -39.03
C VAL D 393 11.23 6.81 -39.65
N ASN D 394 9.95 6.99 -39.33
CA ASN D 394 9.17 8.14 -39.80
C ASN D 394 9.27 8.29 -41.31
N THR D 395 8.92 7.21 -41.98
CA THR D 395 9.06 7.08 -43.44
C THR D 395 8.29 8.10 -44.27
N GLY D 396 7.18 8.60 -43.75
CA GLY D 396 6.34 9.57 -44.46
C GLY D 396 6.62 11.02 -44.12
N GLY D 397 7.64 11.25 -43.31
CA GLY D 397 8.09 12.60 -42.93
C GLY D 397 8.01 13.00 -41.46
N GLY D 398 7.40 12.14 -40.63
CA GLY D 398 7.23 12.43 -39.23
C GLY D 398 6.53 13.74 -38.93
N LEU D 399 6.54 14.10 -37.65
CA LEU D 399 5.95 15.33 -37.20
C LEU D 399 6.60 16.57 -37.87
N LEU D 400 7.89 16.45 -38.16
CA LEU D 400 8.64 17.58 -38.77
C LEU D 400 8.13 17.99 -40.15
N SER D 401 7.75 17.01 -40.97
CA SER D 401 7.33 17.28 -42.35
CA SER D 401 7.33 17.29 -42.36
C SER D 401 5.90 16.83 -42.62
N PHE D 402 5.60 15.58 -42.32
CA PHE D 402 4.21 15.13 -42.41
C PHE D 402 3.34 16.12 -41.67
N GLY D 403 3.76 16.49 -40.44
CA GLY D 403 3.08 17.52 -39.65
C GLY D 403 2.59 16.94 -38.36
N HIS D 404 1.99 17.80 -37.54
CA HIS D 404 1.71 17.46 -36.15
C HIS D 404 0.44 18.09 -35.61
N PRO D 405 -0.72 17.59 -36.09
CA PRO D 405 -1.97 17.96 -35.48
C PRO D 405 -2.11 17.07 -34.27
N VAL D 406 -1.93 17.65 -33.08
CA VAL D 406 -1.39 16.91 -31.91
C VAL D 406 -2.18 15.68 -31.59
N GLY D 407 -3.50 15.83 -31.47
CA GLY D 407 -4.40 14.70 -31.15
C GLY D 407 -4.30 13.56 -32.13
N ALA D 408 -3.98 13.87 -33.39
CA ALA D 408 -3.97 12.85 -34.45
C ALA D 408 -2.72 11.99 -34.47
N THR D 409 -1.61 12.58 -34.09
CA THR D 409 -0.30 11.98 -34.28
C THR D 409 -0.19 10.52 -33.84
N GLY D 410 -0.62 10.25 -32.63
CA GLY D 410 -0.53 8.88 -32.12
C GLY D 410 -1.21 7.85 -33.02
N ILE D 411 -2.35 8.21 -33.62
CA ILE D 411 -3.04 7.24 -34.46
C ILE D 411 -2.42 7.22 -35.85
N LYS D 412 -1.91 8.36 -36.29
CA LYS D 412 -1.20 8.42 -37.56
C LYS D 412 0.02 7.51 -37.52
N GLN D 413 0.75 7.55 -36.43
CA GLN D 413 1.89 6.67 -36.27
C GLN D 413 1.50 5.19 -36.51
N ILE D 414 0.45 4.73 -35.84
CA ILE D 414 -0.01 3.36 -36.00
C ILE D 414 -0.33 3.08 -37.46
N MET D 415 -0.97 4.03 -38.12
CA MET D 415 -1.47 3.79 -39.48
C MET D 415 -0.34 3.79 -40.49
N GLU D 416 0.70 4.56 -40.22
CA GLU D 416 1.84 4.58 -41.09
C GLU D 416 2.54 3.25 -41.04
N VAL D 417 2.72 2.67 -39.87
CA VAL D 417 3.29 1.32 -39.85
C VAL D 417 2.38 0.35 -40.61
N TYR D 418 1.07 0.45 -40.38
CA TYR D 418 0.11 -0.34 -41.14
C TYR D 418 0.36 -0.27 -42.65
N ARG D 419 0.40 0.96 -43.14
CA ARG D 419 0.42 1.18 -44.55
C ARG D 419 1.67 0.60 -45.18
N GLN D 420 2.80 0.76 -44.51
CA GLN D 420 4.03 0.18 -45.02
C GLN D 420 3.89 -1.32 -45.03
N MET D 421 3.37 -1.89 -43.96
CA MET D 421 3.12 -3.33 -43.89
C MET D 421 2.20 -3.86 -44.99
N LYS D 422 1.20 -3.08 -45.38
CA LYS D 422 0.26 -3.51 -46.41
C LYS D 422 0.67 -3.08 -47.82
N GLY D 423 1.85 -2.48 -47.96
CA GLY D 423 2.32 -2.04 -49.27
C GLY D 423 1.63 -0.79 -49.80
N GLN D 424 1.02 0.00 -48.93
CA GLN D 424 0.17 1.12 -49.38
C GLN D 424 0.83 2.51 -49.53
N CYS D 425 2.14 2.60 -49.35
CA CYS D 425 2.78 3.93 -49.22
C CYS D 425 3.32 4.57 -50.51
N GLU D 426 3.10 3.92 -51.66
CA GLU D 426 3.38 4.54 -52.96
C GLU D 426 4.84 5.06 -53.09
N ALA D 427 5.02 6.37 -53.20
CA ALA D 427 6.35 6.93 -53.45
C ALA D 427 7.34 6.68 -52.28
N TYR D 428 6.84 6.54 -51.05
CA TYR D 428 7.72 6.17 -49.93
C TYR D 428 7.53 4.74 -49.40
N GLN D 429 6.87 3.88 -50.17
CA GLN D 429 6.78 2.48 -49.78
C GLN D 429 8.18 1.87 -49.64
N MET D 430 8.36 1.10 -48.57
CA MET D 430 9.62 0.37 -48.35
C MET D 430 9.67 -0.83 -49.27
N LYS D 431 10.83 -1.04 -49.89
CA LYS D 431 10.98 -2.12 -50.86
C LYS D 431 10.99 -3.52 -50.23
N LYS D 432 11.37 -3.59 -48.96
CA LYS D 432 11.21 -4.81 -48.18
C LYS D 432 10.06 -4.65 -47.14
N ILE D 433 8.95 -5.35 -47.36
CA ILE D 433 7.78 -5.21 -46.53
C ILE D 433 8.20 -5.64 -45.13
N PRO D 434 7.91 -4.80 -44.13
CA PRO D 434 8.32 -5.06 -42.74
C PRO D 434 7.38 -6.02 -42.01
N ALA D 435 7.95 -6.88 -41.17
CA ALA D 435 7.20 -7.94 -40.47
C ALA D 435 6.82 -7.52 -39.06
N LEU D 436 7.71 -6.72 -38.48
CA LEU D 436 7.53 -6.15 -37.17
C LEU D 436 7.79 -4.63 -37.23
N GLY D 437 6.98 -3.90 -36.48
CA GLY D 437 7.11 -2.46 -36.41
C GLY D 437 6.76 -2.02 -35.01
N ALA D 438 7.22 -0.82 -34.64
CA ALA D 438 6.93 -0.22 -33.35
C ALA D 438 6.58 1.24 -33.44
N THR D 439 5.78 1.71 -32.50
CA THR D 439 5.46 3.12 -32.42
C THR D 439 5.83 3.61 -31.05
N LEU D 440 6.14 4.91 -30.97
CA LEU D 440 6.43 5.56 -29.72
C LEU D 440 5.87 6.99 -29.81
N ASN D 441 4.88 7.26 -28.97
CA ASN D 441 4.09 8.48 -29.01
C ASN D 441 4.28 9.13 -27.66
N MET D 442 4.44 10.45 -27.64
CA MET D 442 4.82 11.18 -26.43
C MET D 442 3.94 12.39 -26.14
N GLY D 443 3.56 12.52 -24.89
CA GLY D 443 2.84 13.69 -24.41
C GLY D 443 3.76 14.60 -23.60
N GLY D 444 3.73 15.89 -23.90
CA GLY D 444 4.54 16.84 -23.19
C GLY D 444 6.03 16.54 -23.24
N ASP D 445 6.75 16.91 -22.18
CA ASP D 445 8.22 16.77 -22.13
C ASP D 445 8.59 15.44 -21.55
N ASP D 446 8.30 14.40 -22.32
CA ASP D 446 8.44 13.02 -21.87
C ASP D 446 7.74 12.77 -20.57
N LYS D 447 6.54 13.32 -20.42
CA LYS D 447 5.72 13.06 -19.23
C LYS D 447 4.66 11.96 -19.42
N THR D 448 4.18 11.76 -20.65
CA THR D 448 3.36 10.59 -21.00
C THR D 448 4.01 9.92 -22.18
N ALA D 449 4.07 8.59 -22.20
CA ALA D 449 4.42 7.90 -23.45
C ALA D 449 3.57 6.64 -23.68
N VAL D 450 3.28 6.37 -24.95
CA VAL D 450 2.57 5.18 -25.35
C VAL D 450 3.39 4.52 -26.49
N SER D 451 3.55 3.21 -26.44
CA SER D 451 4.31 2.48 -27.43
C SER D 451 3.57 1.20 -27.75
N ALA D 452 3.64 0.82 -29.03
CA ALA D 452 2.94 -0.36 -29.51
C ALA D 452 3.89 -1.17 -30.35
N VAL D 453 3.67 -2.49 -30.36
CA VAL D 453 4.35 -3.34 -31.28
C VAL D 453 3.34 -3.98 -32.22
N LEU D 454 3.64 -3.90 -33.52
CA LEU D 454 2.75 -4.33 -34.58
C LEU D 454 3.38 -5.49 -35.37
N GLN D 455 2.57 -6.51 -35.67
CA GLN D 455 3.04 -7.67 -36.42
C GLN D 455 2.24 -7.80 -37.70
N ASN D 456 2.95 -7.78 -38.85
CA ASN D 456 2.32 -7.97 -40.14
C ASN D 456 1.70 -9.35 -40.23
N ILE D 457 0.57 -9.42 -40.93
CA ILE D 457 -0.15 -10.68 -41.10
C ILE D 457 -0.23 -10.97 -42.58
N1A COA E . -0.11 -19.87 54.75
C2A COA E . 0.24 -19.91 53.44
N3A COA E . 1.15 -20.80 53.00
C4A COA E . 1.74 -21.72 53.82
C5A COA E . 1.39 -21.72 55.26
C6A COA E . 0.40 -20.72 55.68
N6A COA E . 0.01 -20.66 56.98
N7A COA E . 2.12 -22.70 55.84
C8A COA E . 2.89 -23.28 54.87
N9A COA E . 2.66 -22.69 53.67
C1B COA E . 3.32 -23.07 52.38
C2B COA E . 2.43 -24.05 51.65
O2B COA E . 3.24 -25.14 51.19
C3B COA E . 1.79 -23.27 50.52
O3B COA E . 1.63 -24.06 49.35
P3B COA E . 0.73 -25.42 49.32
O7A COA E . 1.33 -26.19 48.18
O8A COA E . -0.68 -24.92 49.07
O9A COA E . 0.89 -26.10 50.66
C4B COA E . 2.73 -22.09 50.30
O4B COA E . 3.54 -21.98 51.46
C5B COA E . 2.02 -20.76 50.03
O5B COA E . 1.10 -20.89 48.95
P1A COA E . -0.48 -20.59 49.03
O1A COA E . -0.90 -20.38 50.47
O2A COA E . -1.11 -21.70 48.24
O3A COA E . -0.65 -19.24 48.18
P2A COA E . -0.39 -17.77 48.81
O4A COA E . -1.05 -16.77 47.88
O5A COA E . -0.82 -17.80 50.27
O6A COA E . 1.22 -17.53 48.83
CBP COA E . 2.81 -16.43 47.30
CCP COA E . 2.13 -17.74 47.73
CDP COA E . 1.82 -15.65 46.46
CEP COA E . 3.20 -15.59 48.51
CAP COA E . 4.08 -16.76 46.48
OAP COA E . 3.94 -18.02 45.78
C9P COA E . 4.45 -15.67 45.49
O9P COA E . 3.82 -14.62 45.52
N8P COA E . 5.46 -15.91 44.62
C7P COA E . 5.91 -14.97 43.59
C6P COA E . 7.38 -15.15 43.13
C5P COA E . 7.65 -14.45 41.81
O5P COA E . 6.70 -13.98 41.22
N4P COA E . 8.91 -14.41 41.31
C3P COA E . 9.28 -13.86 39.99
C2P COA E . 10.10 -12.55 40.03
S1P COA E . 10.72 -12.03 38.39
N1A COA F . 1.03 -46.25 11.68
C2A COA F . 1.57 -45.14 12.29
N3A COA F . 0.81 -44.14 12.71
C4A COA F . -0.49 -44.24 12.52
C5A COA F . -1.18 -45.40 11.89
C6A COA F . -0.30 -46.44 11.48
N6A COA F . -0.80 -47.50 10.89
N7A COA F . -2.51 -45.22 11.84
C8A COA F . -2.66 -44.01 12.42
N9A COA F . -1.46 -43.43 12.83
C1B COA F . -1.26 -42.11 13.54
C2B COA F . -1.35 -42.32 15.03
O2B COA F . -2.53 -41.64 15.43
C3B COA F . -0.10 -41.75 15.63
O3B COA F . -0.18 -41.18 16.94
P3B COA F . -0.40 -42.10 18.25
O7A COA F . -0.46 -41.17 19.42
O8A COA F . 0.68 -43.14 18.37
O9A COA F . -1.79 -42.67 18.06
C4B COA F . 0.21 -40.71 14.57
O4B COA F . -0.05 -41.39 13.33
C5B COA F . 1.62 -40.17 14.72
O5B COA F . 2.56 -41.24 14.65
P1A COA F . 4.11 -41.05 15.03
O1A COA F . 4.14 -40.27 16.31
O2A COA F . 4.88 -42.32 14.90
O3A COA F . 4.67 -40.25 13.75
P2A COA F . 6.14 -39.56 13.68
O4A COA F . 6.69 -39.46 15.07
O5A COA F . 6.88 -40.37 12.65
O6A COA F . 5.85 -38.13 12.95
CBP COA F . 4.22 -36.40 12.07
CCP COA F . 4.60 -37.87 12.28
CDP COA F . 3.90 -36.22 10.60
CEP COA F . 2.95 -36.15 12.85
CAP COA F . 5.30 -35.34 12.49
OAP COA F . 6.29 -35.34 11.45
C9P COA F . 4.67 -33.98 12.69
O9P COA F . 3.94 -33.83 13.64
N8P COA F . 4.85 -32.95 11.83
C7P COA F . 4.20 -31.64 11.94
C6P COA F . 5.03 -30.47 12.49
C5P COA F . 4.26 -29.15 12.43
O5P COA F . 3.10 -29.31 12.74
N4P COA F . 4.80 -27.93 12.07
C3P COA F . 4.04 -26.62 11.92
C2P COA F . 4.63 -25.34 12.60
S1P COA F . 4.80 -23.81 11.51
N1A COA G . 9.52 35.55 -41.02
C2A COA G . 8.83 34.87 -40.08
N3A COA G . 9.32 34.68 -38.83
C4A COA G . 10.54 35.15 -38.48
C5A COA G . 11.35 35.89 -39.46
C6A COA G . 10.76 36.07 -40.79
N6A COA G . 11.45 36.74 -41.74
N7A COA G . 12.51 36.24 -38.86
C8A COA G . 12.45 35.78 -37.59
N9A COA G . 11.29 35.12 -37.37
C1B COA G . 10.90 34.51 -36.06
C2B COA G . 10.38 35.68 -35.23
O2B COA G . 10.89 35.69 -33.88
C3B COA G . 8.90 35.40 -35.26
O3B COA G . 8.16 36.10 -34.27
P3B COA G . 6.94 37.01 -34.82
O7A COA G . 6.48 36.30 -36.07
O8A COA G . 7.58 38.38 -35.03
O9A COA G . 5.89 36.94 -33.73
C4B COA G . 8.87 33.89 -35.12
O4B COA G . 9.82 33.55 -36.14
C5B COA G . 7.46 33.28 -35.20
O5B COA G . 7.21 32.55 -36.40
P1A COA G . 5.95 32.84 -37.38
O1A COA G . 6.49 33.27 -38.73
O2A COA G . 4.98 33.75 -36.64
O3A COA G . 5.32 31.36 -37.61
P2A COA G . 5.85 30.28 -38.71
O4A COA G . 4.61 29.80 -39.42
O5A COA G . 6.95 30.89 -39.56
O6A COA G . 6.49 29.04 -37.86
CBP COA G . 7.07 27.61 -35.92
CCP COA G . 6.29 28.82 -36.45
CDP COA G . 6.86 26.43 -36.87
CEP COA G . 8.54 28.01 -35.94
CAP COA G . 6.69 27.28 -34.43
OAP COA G . 5.85 28.30 -33.86
C9P COA G . 6.07 25.90 -34.18
O9P COA G . 5.54 25.30 -35.12
N8P COA G . 6.15 25.35 -32.92
C7P COA G . 5.69 23.98 -32.59
C6P COA G . 5.52 23.59 -31.08
C5P COA G . 5.12 22.13 -30.92
O5P COA G . 4.72 21.61 -31.95
N4P COA G . 5.26 21.44 -29.73
C3P COA G . 5.18 19.97 -29.53
C2P COA G . 4.09 19.27 -28.66
S1P COA G . 4.47 17.47 -28.29
#